data_5HGV
#
_entry.id   5HGV
#
_cell.length_a   98.350
_cell.length_b   137.190
_cell.length_c   153.070
_cell.angle_alpha   90.000
_cell.angle_beta   103.050
_cell.angle_gamma   90.000
#
_symmetry.space_group_name_H-M   'I 1 2 1'
#
loop_
_entity.id
_entity.type
_entity.pdbx_description
1 polymer 'UDP-N-acetylglucosamine--peptide N-acetylglucosaminyltransferase 110 kDa subunit'
2 polymer TYR-PRO-GLY-GLY-SER-THR-PRO-VAL-SER-SER-ALA-ASN-MET-MET
3 non-polymer "URIDINE-5'-DIPHOSPHATE"
4 non-polymer 'SULFATE ION'
5 non-polymer 2-acetamido-2-deoxy-beta-D-glucopyranose
6 water water
#
loop_
_entity_poly.entity_id
_entity_poly.type
_entity_poly.pdbx_seq_one_letter_code
_entity_poly.pdbx_strand_id
1 'polypeptide(L)'
;CPTHADSLNNLANIKREQGNIEEAVRLYRKALEVFPEFAAAHSNLASVLQQQGKLQEALMHYKEAIRISPTFADAYSNMG
NTLKEMQDVQGALQCYTRAIQINPAFADAHSNLASIHKDSGNIPEAIASYRTALKLKPDFPDAYCNLAHCLQIVCDWTDY
DERMKKLVSIVADQLEKNRLPSVHPHHSMLYPLSHGFRKAIAERHGNLCLDKINVLHKPPYEHPKDLKLSDGRLRVGYVS
SNFGNHPTSHLMQSIPGMHNPDKFEVFCYALSPDDGTNFRVKVMAEANHFIDLSQIPCNGKAADRIHQDGIHILVNMNGY
TKGARNELFALRPAPIQAMWLGYPGTSGALFMDYIITDQETSPAEVAEQYSEKLAYMPHTFFIGDHANMFPHLKKKAVID
FKSNGHIYDNRIVLNGIDLKAFLDSLPDVKIVKMKCPDGGDNADSSNTALNMPVIPMNTIAEAVIEMINRGQIQITINGF
SISNGLATTQINNKAATGEEVPRTIIVTTRSQYGLPEDAIVYCNFNQLYKIDPSTLQMWANILKRVPNSVLWLLRFPAVG
EPNIQQYAQNMGLPQNRIIFSPVAPKEEHVRRGQLADVCLDTPLCNGHTTGMDVLWAGTPMVTMPGETLASRVAASQLTC
LGCLELIAKNRQEYEDIAVKLGTDLEYLKKVRGKVWKQRISSPLFNTKQYTMELERLYLQMWEHYAAGNKPDHMIKPVE
;
A,C
2 'polypeptide(L)' YPGGSTPVSSANMM B,D
#
loop_
_chem_comp.id
_chem_comp.type
_chem_comp.name
_chem_comp.formula
NAG D-saccharide, beta linking 2-acetamido-2-deoxy-beta-D-glucopyranose 'C8 H15 N O6'
SO4 non-polymer 'SULFATE ION' 'O4 S -2'
UDP RNA linking URIDINE-5'-DIPHOSPHATE 'C9 H14 N2 O12 P2'
#
# COMPACT_ATOMS: atom_id res chain seq x y z
N PRO A 2 -19.55 52.53 -36.30
CA PRO A 2 -20.80 52.37 -35.54
C PRO A 2 -21.87 51.63 -36.36
N THR A 3 -22.29 52.22 -37.48
CA THR A 3 -23.21 51.52 -38.37
C THR A 3 -22.50 50.35 -39.06
N HIS A 4 -21.26 50.54 -39.46
CA HIS A 4 -20.48 49.45 -40.05
C HIS A 4 -20.19 48.38 -39.00
N ALA A 5 -19.92 48.78 -37.76
CA ALA A 5 -19.72 47.79 -36.71
C ALA A 5 -21.01 47.03 -36.41
N ASP A 6 -22.16 47.70 -36.51
CA ASP A 6 -23.42 47.00 -36.37
C ASP A 6 -23.57 45.91 -37.43
N SER A 7 -23.21 46.22 -38.68
N SER A 7 -23.22 46.23 -38.68
CA SER A 7 -23.31 45.23 -39.75
CA SER A 7 -23.31 45.24 -39.75
C SER A 7 -22.33 44.09 -39.53
C SER A 7 -22.33 44.10 -39.53
N LEU A 8 -21.13 44.40 -39.05
CA LEU A 8 -20.14 43.35 -38.80
C LEU A 8 -20.60 42.42 -37.68
N ASN A 9 -21.17 42.98 -36.61
CA ASN A 9 -21.69 42.14 -35.53
C ASN A 9 -22.88 41.30 -36.00
N ASN A 10 -23.68 41.83 -36.93
CA ASN A 10 -24.76 41.05 -37.51
C ASN A 10 -24.22 39.86 -38.32
N LEU A 11 -23.19 40.10 -39.15
CA LEU A 11 -22.62 39.02 -39.96
C LEU A 11 -21.96 37.94 -39.09
N ALA A 12 -21.27 38.35 -38.02
CA ALA A 12 -20.69 37.37 -37.11
C ALA A 12 -21.79 36.54 -36.44
N ASN A 13 -22.90 37.17 -36.05
CA ASN A 13 -24.04 36.41 -35.54
C ASN A 13 -24.56 35.43 -36.59
N ILE A 14 -24.58 35.85 -37.86
CA ILE A 14 -25.02 34.97 -38.94
C ILE A 14 -24.07 33.78 -39.08
N LYS A 15 -22.77 34.05 -39.25
CA LYS A 15 -21.80 32.97 -39.36
C LYS A 15 -21.79 32.09 -38.12
N ARG A 16 -22.12 32.66 -36.96
CA ARG A 16 -22.20 31.87 -35.74
C ARG A 16 -23.33 30.84 -35.84
N GLU A 17 -24.49 31.27 -36.34
CA GLU A 17 -25.62 30.35 -36.45
C GLU A 17 -25.34 29.26 -37.48
N GLN A 18 -24.57 29.58 -38.52
CA GLN A 18 -24.19 28.58 -39.51
C GLN A 18 -23.18 27.58 -38.97
N GLY A 19 -22.63 27.81 -37.78
CA GLY A 19 -21.63 26.92 -37.22
C GLY A 19 -20.20 27.33 -37.48
N ASN A 20 -19.96 28.34 -38.31
CA ASN A 20 -18.60 28.81 -38.59
C ASN A 20 -18.17 29.69 -37.42
N ILE A 21 -17.64 29.04 -36.39
CA ILE A 21 -17.31 29.73 -35.15
C ILE A 21 -16.10 30.64 -35.36
N GLU A 22 -15.09 30.17 -36.08
CA GLU A 22 -13.89 30.97 -36.26
C GLU A 22 -14.13 32.17 -37.17
N GLU A 23 -15.04 32.04 -38.15
CA GLU A 23 -15.43 33.21 -38.94
C GLU A 23 -16.24 34.19 -38.10
N ALA A 24 -17.06 33.69 -37.18
CA ALA A 24 -17.76 34.57 -36.25
C ALA A 24 -16.78 35.31 -35.36
N VAL A 25 -15.78 34.62 -34.83
CA VAL A 25 -14.76 35.28 -34.02
C VAL A 25 -14.04 36.35 -34.82
N ARG A 26 -13.62 36.02 -36.05
CA ARG A 26 -12.92 36.97 -36.90
C ARG A 26 -13.78 38.21 -37.17
N LEU A 27 -15.08 38.01 -37.39
CA LEU A 27 -15.97 39.15 -37.65
C LEU A 27 -16.31 39.93 -36.38
N TYR A 28 -16.45 39.25 -35.23
CA TYR A 28 -16.60 39.97 -33.98
C TYR A 28 -15.40 40.88 -33.72
N ARG A 29 -14.19 40.36 -33.97
CA ARG A 29 -12.99 41.16 -33.78
C ARG A 29 -12.96 42.32 -34.75
N LYS A 30 -13.50 42.11 -35.96
CA LYS A 30 -13.51 43.18 -36.94
C LYS A 30 -14.48 44.28 -36.53
N ALA A 31 -15.60 43.91 -35.91
CA ALA A 31 -16.53 44.90 -35.38
C ALA A 31 -15.89 45.71 -34.26
N LEU A 32 -15.11 45.04 -33.40
CA LEU A 32 -14.41 45.74 -32.33
C LEU A 32 -13.31 46.62 -32.89
N GLU A 33 -12.73 46.24 -34.02
CA GLU A 33 -11.71 47.08 -34.64
C GLU A 33 -12.31 48.38 -35.17
N VAL A 34 -13.53 48.32 -35.68
CA VAL A 34 -14.19 49.51 -36.21
C VAL A 34 -14.75 50.38 -35.09
N PHE A 35 -15.40 49.77 -34.11
CA PHE A 35 -16.02 50.47 -32.99
C PHE A 35 -15.62 49.75 -31.70
N PRO A 36 -14.54 50.21 -31.05
CA PRO A 36 -14.05 49.47 -29.87
C PRO A 36 -15.02 49.41 -28.71
N GLU A 37 -15.82 50.46 -28.48
CA GLU A 37 -16.72 50.51 -27.32
C GLU A 37 -18.09 49.89 -27.67
N PHE A 38 -18.04 48.62 -28.07
CA PHE A 38 -19.21 47.91 -28.56
C PHE A 38 -19.54 46.79 -27.57
N ALA A 39 -20.47 47.05 -26.66
CA ALA A 39 -20.74 46.12 -25.57
C ALA A 39 -21.35 44.82 -26.09
N ALA A 40 -22.30 44.91 -27.02
CA ALA A 40 -22.94 43.70 -27.53
C ALA A 40 -21.92 42.82 -28.27
N ALA A 41 -20.96 43.43 -28.95
CA ALA A 41 -19.95 42.64 -29.66
C ALA A 41 -19.02 41.93 -28.69
N HIS A 42 -18.56 42.63 -27.65
CA HIS A 42 -17.74 41.99 -26.62
C HIS A 42 -18.51 40.84 -25.97
N SER A 43 -19.79 41.05 -25.68
CA SER A 43 -20.57 40.01 -25.01
C SER A 43 -20.82 38.82 -25.94
N ASN A 44 -21.05 39.08 -27.22
CA ASN A 44 -21.22 38.00 -28.19
C ASN A 44 -19.92 37.21 -28.35
N LEU A 45 -18.80 37.90 -28.49
CA LEU A 45 -17.52 37.22 -28.65
C LEU A 45 -17.18 36.40 -27.41
N ALA A 46 -17.45 36.94 -26.22
CA ALA A 46 -17.15 36.21 -24.99
C ALA A 46 -18.00 34.95 -24.89
N SER A 47 -19.26 35.03 -25.29
CA SER A 47 -20.11 33.85 -25.29
C SER A 47 -19.57 32.78 -26.23
N VAL A 48 -19.07 33.19 -27.40
CA VAL A 48 -18.49 32.25 -28.35
C VAL A 48 -17.21 31.64 -27.80
N LEU A 49 -16.34 32.46 -27.22
CA LEU A 49 -15.10 31.93 -26.66
C LEU A 49 -15.40 30.99 -25.51
N GLN A 50 -16.41 31.30 -24.70
CA GLN A 50 -16.78 30.44 -23.58
C GLN A 50 -17.26 29.08 -24.06
N GLN A 51 -17.96 29.04 -25.19
CA GLN A 51 -18.41 27.77 -25.74
C GLN A 51 -17.24 26.95 -26.28
N GLN A 52 -16.22 27.61 -26.82
CA GLN A 52 -15.02 26.91 -27.29
C GLN A 52 -14.18 26.38 -26.15
N GLY A 53 -14.49 26.73 -24.90
CA GLY A 53 -13.64 26.38 -23.79
C GLY A 53 -12.52 27.35 -23.50
N LYS A 54 -12.47 28.48 -24.20
CA LYS A 54 -11.46 29.52 -23.94
C LYS A 54 -11.98 30.46 -22.85
N LEU A 55 -11.98 29.95 -21.63
CA LEU A 55 -12.64 30.64 -20.53
C LEU A 55 -11.90 31.93 -20.13
N GLN A 56 -10.56 31.89 -20.09
CA GLN A 56 -9.80 33.09 -19.74
C GLN A 56 -10.00 34.19 -20.78
N GLU A 57 -10.01 33.83 -22.06
CA GLU A 57 -10.21 34.84 -23.10
C GLU A 57 -11.65 35.37 -23.08
N ALA A 58 -12.63 34.49 -22.82
CA ALA A 58 -14.00 34.94 -22.66
C ALA A 58 -14.13 35.93 -21.50
N LEU A 59 -13.34 35.75 -20.45
CA LEU A 59 -13.39 36.65 -19.30
C LEU A 59 -12.99 38.07 -19.70
N MET A 60 -11.98 38.20 -20.56
CA MET A 60 -11.55 39.52 -21.03
C MET A 60 -12.71 40.32 -21.60
N HIS A 61 -13.48 39.70 -22.49
CA HIS A 61 -14.52 40.44 -23.19
C HIS A 61 -15.75 40.66 -22.32
N TYR A 62 -16.03 39.76 -21.38
CA TYR A 62 -17.07 40.03 -20.40
C TYR A 62 -16.72 41.26 -19.58
N LYS A 63 -15.45 41.42 -19.21
CA LYS A 63 -15.07 42.57 -18.40
C LYS A 63 -15.22 43.87 -19.18
N GLU A 64 -14.97 43.82 -20.49
CA GLU A 64 -15.19 44.99 -21.33
C GLU A 64 -16.68 45.31 -21.40
N ALA A 65 -17.50 44.29 -21.61
CA ALA A 65 -18.92 44.53 -21.80
C ALA A 65 -19.54 45.19 -20.57
N ILE A 66 -19.18 44.72 -19.37
CA ILE A 66 -19.78 45.29 -18.17
C ILE A 66 -19.27 46.69 -17.87
N ARG A 67 -18.09 47.06 -18.37
CA ARG A 67 -17.63 48.43 -18.18
C ARG A 67 -18.37 49.39 -19.11
N ILE A 68 -18.48 49.02 -20.38
CA ILE A 68 -19.10 49.89 -21.38
C ILE A 68 -20.57 50.13 -21.05
N SER A 69 -21.27 49.07 -20.63
CA SER A 69 -22.69 49.14 -20.28
CA SER A 69 -22.69 49.14 -20.28
C SER A 69 -22.84 48.73 -18.82
N PRO A 70 -22.83 49.68 -17.89
CA PRO A 70 -22.93 49.31 -16.46
C PRO A 70 -24.25 48.66 -16.07
N THR A 71 -25.29 48.77 -16.91
CA THR A 71 -26.57 48.12 -16.65
C THR A 71 -26.69 46.79 -17.39
N PHE A 72 -25.58 46.27 -17.92
CA PHE A 72 -25.59 45.03 -18.71
C PHE A 72 -25.68 43.82 -17.76
N ALA A 73 -26.87 43.64 -17.18
CA ALA A 73 -27.06 42.55 -16.22
C ALA A 73 -26.79 41.20 -16.85
N ASP A 74 -27.26 40.99 -18.09
CA ASP A 74 -27.04 39.74 -18.81
C ASP A 74 -25.55 39.39 -18.90
N ALA A 75 -24.69 40.40 -19.07
CA ALA A 75 -23.25 40.13 -19.14
C ALA A 75 -22.69 39.67 -17.79
N TYR A 76 -23.10 40.33 -16.70
CA TYR A 76 -22.69 39.86 -15.38
C TYR A 76 -23.10 38.41 -15.15
N SER A 77 -24.32 38.05 -15.55
CA SER A 77 -24.80 36.70 -15.35
C SER A 77 -23.96 35.70 -16.14
N ASN A 78 -23.75 35.97 -17.42
CA ASN A 78 -22.94 35.07 -18.25
C ASN A 78 -21.48 35.08 -17.81
N MET A 79 -20.99 36.21 -17.29
CA MET A 79 -19.64 36.21 -16.74
C MET A 79 -19.55 35.27 -15.54
N GLY A 80 -20.58 35.30 -14.69
CA GLY A 80 -20.61 34.40 -13.55
C GLY A 80 -20.62 32.93 -13.98
N ASN A 81 -21.39 32.62 -15.03
CA ASN A 81 -21.35 31.28 -15.62
C ASN A 81 -19.94 30.87 -16.00
N THR A 82 -19.17 31.79 -16.59
CA THR A 82 -17.79 31.49 -16.95
C THR A 82 -16.93 31.26 -15.72
N LEU A 83 -17.06 32.12 -14.70
CA LEU A 83 -16.28 31.96 -13.48
C LEU A 83 -16.63 30.67 -12.77
N LYS A 84 -17.91 30.28 -12.78
CA LYS A 84 -18.31 29.00 -12.21
C LYS A 84 -17.58 27.85 -12.88
N GLU A 85 -17.51 27.88 -14.22
CA GLU A 85 -16.81 26.82 -14.94
C GLU A 85 -15.31 26.83 -14.68
N MET A 86 -14.74 28.01 -14.42
CA MET A 86 -13.33 28.12 -14.03
C MET A 86 -13.10 27.76 -12.58
N GLN A 87 -14.13 27.39 -11.84
CA GLN A 87 -14.09 26.99 -10.43
C GLN A 87 -13.80 28.17 -9.50
N ASP A 88 -14.12 29.39 -9.92
CA ASP A 88 -14.07 30.55 -9.04
C ASP A 88 -15.48 30.81 -8.53
N VAL A 89 -15.87 30.05 -7.49
CA VAL A 89 -17.24 30.10 -7.01
C VAL A 89 -17.55 31.46 -6.38
N GLN A 90 -16.62 32.00 -5.60
CA GLN A 90 -16.87 33.30 -4.98
C GLN A 90 -17.01 34.39 -6.04
N GLY A 91 -16.16 34.36 -7.06
CA GLY A 91 -16.29 35.34 -8.13
C GLY A 91 -17.60 35.21 -8.88
N ALA A 92 -18.06 33.98 -9.10
CA ALA A 92 -19.33 33.77 -9.79
C ALA A 92 -20.50 34.29 -8.95
N LEU A 93 -20.42 34.10 -7.63
CA LEU A 93 -21.47 34.61 -6.75
C LEU A 93 -21.54 36.13 -6.82
N GLN A 94 -20.38 36.80 -6.90
CA GLN A 94 -20.38 38.25 -7.03
C GLN A 94 -21.06 38.69 -8.32
N CYS A 95 -20.79 38.00 -9.42
CA CYS A 95 -21.40 38.38 -10.70
C CYS A 95 -22.90 38.14 -10.71
N TYR A 96 -23.36 37.03 -10.15
CA TYR A 96 -24.80 36.79 -10.05
C TYR A 96 -25.45 37.80 -9.14
N THR A 97 -24.81 38.12 -8.01
CA THR A 97 -25.34 39.10 -7.08
C THR A 97 -25.45 40.47 -7.72
N ARG A 98 -24.43 40.87 -8.49
CA ARG A 98 -24.52 42.16 -9.18
C ARG A 98 -25.61 42.13 -10.23
N ALA A 99 -25.78 41.00 -10.92
CA ALA A 99 -26.83 40.91 -11.94
C ALA A 99 -28.21 41.11 -11.32
N ILE A 100 -28.46 40.51 -10.16
CA ILE A 100 -29.74 40.66 -9.48
C ILE A 100 -29.90 42.08 -8.93
N GLN A 101 -28.79 42.71 -8.51
CA GLN A 101 -28.90 44.08 -8.01
C GLN A 101 -29.24 45.05 -9.13
N ILE A 102 -28.64 44.85 -10.32
CA ILE A 102 -28.91 45.73 -11.45
C ILE A 102 -30.33 45.56 -11.96
N ASN A 103 -30.81 44.32 -12.01
CA ASN A 103 -32.16 44.01 -12.48
C ASN A 103 -32.77 42.98 -11.56
N PRO A 104 -33.57 43.40 -10.57
CA PRO A 104 -34.15 42.43 -9.63
C PRO A 104 -35.14 41.47 -10.27
N ALA A 105 -35.62 41.77 -11.48
CA ALA A 105 -36.57 40.90 -12.17
C ALA A 105 -35.89 39.91 -13.10
N PHE A 106 -34.56 39.83 -13.07
CA PHE A 106 -33.78 38.98 -13.96
C PHE A 106 -33.88 37.55 -13.47
N ALA A 107 -34.73 36.74 -14.12
CA ALA A 107 -35.01 35.39 -13.64
C ALA A 107 -33.80 34.46 -13.78
N ASP A 108 -33.08 34.56 -14.90
CA ASP A 108 -31.91 33.69 -15.11
C ASP A 108 -30.87 33.88 -14.03
N ALA A 109 -30.68 35.11 -13.56
CA ALA A 109 -29.64 35.36 -12.56
C ALA A 109 -29.99 34.73 -11.22
N HIS A 110 -31.26 34.81 -10.81
CA HIS A 110 -31.69 34.13 -9.58
C HIS A 110 -31.49 32.62 -9.69
N SER A 111 -31.82 32.05 -10.85
CA SER A 111 -31.63 30.61 -11.04
C SER A 111 -30.15 30.24 -10.99
N ASN A 112 -29.30 31.05 -11.64
CA ASN A 112 -27.87 30.78 -11.55
C ASN A 112 -27.37 30.91 -10.12
N LEU A 113 -27.83 31.93 -9.38
CA LEU A 113 -27.46 32.03 -7.97
C LEU A 113 -27.96 30.82 -7.19
N ALA A 114 -29.15 30.31 -7.52
CA ALA A 114 -29.65 29.12 -6.85
C ALA A 114 -28.72 27.93 -7.05
N SER A 115 -28.19 27.77 -8.28
CA SER A 115 -27.31 26.64 -8.56
C SER A 115 -26.01 26.72 -7.78
N ILE A 116 -25.53 27.93 -7.46
CA ILE A 116 -24.35 28.08 -6.62
C ILE A 116 -24.64 27.58 -5.20
N HIS A 117 -25.78 28.02 -4.65
CA HIS A 117 -26.20 27.51 -3.35
C HIS A 117 -26.37 26.00 -3.37
N LYS A 118 -26.96 25.47 -4.45
CA LYS A 118 -27.14 24.03 -4.57
C LYS A 118 -25.81 23.28 -4.58
N ASP A 119 -24.88 23.74 -5.41
CA ASP A 119 -23.58 23.07 -5.49
C ASP A 119 -22.80 23.24 -4.20
N SER A 120 -23.09 24.31 -3.46
CA SER A 120 -22.40 24.57 -2.21
C SER A 120 -23.01 23.82 -1.03
N GLY A 121 -24.09 23.07 -1.24
CA GLY A 121 -24.74 22.33 -0.18
C GLY A 121 -25.93 23.02 0.46
N ASN A 122 -26.17 24.29 0.13
CA ASN A 122 -27.17 25.12 0.82
C ASN A 122 -28.52 24.99 0.09
N ILE A 123 -29.13 23.81 0.25
CA ILE A 123 -30.37 23.51 -0.46
C ILE A 123 -31.50 24.46 -0.12
N PRO A 124 -31.74 24.82 1.15
CA PRO A 124 -32.83 25.77 1.43
C PRO A 124 -32.65 27.11 0.76
N GLU A 125 -31.40 27.55 0.59
CA GLU A 125 -31.17 28.80 -0.11
C GLU A 125 -31.33 28.63 -1.62
N ALA A 126 -30.91 27.48 -2.14
CA ALA A 126 -31.13 27.16 -3.54
C ALA A 126 -32.62 27.10 -3.87
N ILE A 127 -33.41 26.42 -3.02
CA ILE A 127 -34.85 26.36 -3.22
C ILE A 127 -35.48 27.75 -3.22
N ALA A 128 -35.06 28.60 -2.29
CA ALA A 128 -35.62 29.96 -2.22
C ALA A 128 -35.32 30.75 -3.49
N SER A 129 -34.09 30.65 -4.00
CA SER A 129 -33.73 31.38 -5.21
C SER A 129 -34.38 30.78 -6.46
N TYR A 130 -34.53 29.45 -6.53
CA TYR A 130 -35.27 28.86 -7.66
C TYR A 130 -36.73 29.31 -7.68
N ARG A 131 -37.37 29.39 -6.50
CA ARG A 131 -38.75 29.84 -6.48
C ARG A 131 -38.88 31.30 -6.88
N THR A 132 -37.91 32.15 -6.51
CA THR A 132 -37.95 33.53 -7.01
C THR A 132 -37.85 33.56 -8.53
N ALA A 133 -36.92 32.78 -9.11
CA ALA A 133 -36.81 32.71 -10.57
C ALA A 133 -38.12 32.31 -11.23
N LEU A 134 -38.79 31.28 -10.70
CA LEU A 134 -40.06 30.81 -11.22
C LEU A 134 -41.21 31.77 -10.93
N LYS A 135 -41.10 32.59 -9.87
CA LYS A 135 -42.09 33.64 -9.65
C LYS A 135 -41.95 34.74 -10.69
N LEU A 136 -40.71 35.04 -11.11
CA LEU A 136 -40.46 36.04 -12.13
C LEU A 136 -40.77 35.51 -13.53
N LYS A 137 -40.42 34.25 -13.80
CA LYS A 137 -40.65 33.63 -15.10
C LYS A 137 -41.27 32.26 -14.86
N PRO A 138 -42.61 32.17 -14.87
CA PRO A 138 -43.28 30.89 -14.60
C PRO A 138 -42.89 29.78 -15.56
N ASP A 139 -42.68 30.10 -16.84
CA ASP A 139 -42.27 29.09 -17.83
C ASP A 139 -40.75 29.12 -17.91
N PHE A 140 -40.12 28.30 -17.05
CA PHE A 140 -38.66 28.31 -16.89
C PHE A 140 -38.23 26.87 -16.60
N PRO A 141 -38.11 26.04 -17.65
CA PRO A 141 -37.81 24.62 -17.42
C PRO A 141 -36.54 24.37 -16.60
N ASP A 142 -35.43 25.04 -16.93
CA ASP A 142 -34.19 24.78 -16.21
C ASP A 142 -34.35 24.99 -14.71
N ALA A 143 -35.02 26.07 -14.32
CA ALA A 143 -35.19 26.34 -12.90
C ALA A 143 -36.18 25.38 -12.26
N TYR A 144 -37.22 25.00 -12.99
CA TYR A 144 -38.21 24.10 -12.43
C TYR A 144 -37.62 22.72 -12.20
N CYS A 145 -36.85 22.21 -13.17
CA CYS A 145 -36.26 20.89 -13.02
C CYS A 145 -35.17 20.88 -11.96
N ASN A 146 -34.41 21.98 -11.85
CA ASN A 146 -33.38 22.06 -10.82
C ASN A 146 -34.00 22.20 -9.44
N LEU A 147 -35.14 22.91 -9.35
CA LEU A 147 -35.86 22.95 -8.08
C LEU A 147 -36.38 21.57 -7.71
N ALA A 148 -36.90 20.84 -8.70
CA ALA A 148 -37.39 19.49 -8.45
C ALA A 148 -36.31 18.61 -7.84
N HIS A 149 -35.08 18.68 -8.38
CA HIS A 149 -34.01 17.86 -7.81
C HIS A 149 -33.62 18.31 -6.41
N CYS A 150 -33.66 19.62 -6.15
CA CYS A 150 -33.43 20.11 -4.79
C CYS A 150 -34.42 19.48 -3.82
N LEU A 151 -35.71 19.50 -4.19
CA LEU A 151 -36.75 18.94 -3.35
C LEU A 151 -36.57 17.44 -3.19
N GLN A 152 -36.04 16.76 -4.22
CA GLN A 152 -35.74 15.34 -4.09
C GLN A 152 -34.67 15.08 -3.05
N ILE A 153 -33.61 15.90 -3.06
CA ILE A 153 -32.47 15.71 -2.17
C ILE A 153 -32.90 15.74 -0.71
N VAL A 154 -33.85 16.61 -0.37
CA VAL A 154 -34.25 16.82 1.01
C VAL A 154 -35.58 16.13 1.34
N CYS A 155 -36.12 15.34 0.40
CA CYS A 155 -37.36 14.58 0.62
C CYS A 155 -38.54 15.51 0.89
N ASP A 156 -38.58 16.63 0.18
CA ASP A 156 -39.75 17.50 0.15
C ASP A 156 -40.66 16.99 -0.95
N TRP A 157 -41.76 16.33 -0.56
CA TRP A 157 -42.68 15.72 -1.50
C TRP A 157 -44.01 16.48 -1.56
N THR A 158 -43.98 17.80 -1.40
CA THR A 158 -45.19 18.61 -1.58
C THR A 158 -45.61 18.59 -3.04
N ASP A 159 -46.87 18.23 -3.29
CA ASP A 159 -47.40 18.19 -4.65
C ASP A 159 -46.57 17.29 -5.55
N TYR A 160 -46.15 16.14 -5.00
CA TYR A 160 -45.18 15.28 -5.67
C TYR A 160 -45.73 14.75 -7.00
N ASP A 161 -46.94 14.19 -6.98
CA ASP A 161 -47.51 13.61 -8.20
C ASP A 161 -47.66 14.67 -9.29
N GLU A 162 -48.10 15.88 -8.92
CA GLU A 162 -48.22 16.94 -9.91
C GLU A 162 -46.83 17.38 -10.39
N ARG A 163 -45.86 17.40 -9.49
CA ARG A 163 -44.49 17.74 -9.87
C ARG A 163 -43.94 16.75 -10.89
N MET A 164 -44.12 15.45 -10.61
CA MET A 164 -43.65 14.44 -11.54
C MET A 164 -44.33 14.58 -12.91
N LYS A 165 -45.64 14.84 -12.91
CA LYS A 165 -46.35 15.01 -14.18
C LYS A 165 -45.79 16.20 -14.96
N LYS A 166 -45.42 17.28 -14.25
CA LYS A 166 -44.91 18.45 -14.95
C LYS A 166 -43.51 18.23 -15.49
N LEU A 167 -42.70 17.46 -14.76
CA LEU A 167 -41.36 17.13 -15.25
C LEU A 167 -41.43 16.34 -16.54
N VAL A 168 -42.32 15.35 -16.60
CA VAL A 168 -42.52 14.58 -17.83
C VAL A 168 -42.99 15.50 -18.95
N SER A 169 -43.92 16.41 -18.66
CA SER A 169 -44.45 17.30 -19.69
CA SER A 169 -44.45 17.30 -19.69
C SER A 169 -43.35 18.21 -20.23
N ILE A 170 -42.46 18.69 -19.36
CA ILE A 170 -41.38 19.56 -19.81
C ILE A 170 -40.44 18.81 -20.75
N VAL A 171 -40.06 17.59 -20.37
CA VAL A 171 -39.15 16.79 -21.20
C VAL A 171 -39.82 16.46 -22.54
N ALA A 172 -41.10 16.09 -22.51
CA ALA A 172 -41.79 15.77 -23.74
C ALA A 172 -41.82 16.96 -24.69
N ASP A 173 -41.97 18.17 -24.15
CA ASP A 173 -42.01 19.36 -24.97
C ASP A 173 -40.62 19.70 -25.51
N GLN A 174 -39.59 19.55 -24.68
CA GLN A 174 -38.24 19.87 -25.13
C GLN A 174 -37.73 18.85 -26.15
N LEU A 175 -38.04 17.57 -25.96
CA LEU A 175 -37.70 16.58 -26.98
C LEU A 175 -38.47 16.82 -28.27
N GLU A 176 -39.74 17.24 -28.15
CA GLU A 176 -40.55 17.50 -29.34
C GLU A 176 -40.04 18.71 -30.10
N LYS A 177 -39.66 19.77 -29.38
CA LYS A 177 -39.13 20.97 -29.99
C LYS A 177 -37.62 20.89 -30.23
N ASN A 178 -37.03 19.70 -30.08
CA ASN A 178 -35.62 19.45 -30.36
C ASN A 178 -34.71 20.44 -29.61
N ARG A 179 -34.82 20.41 -28.30
CA ARG A 179 -33.95 21.18 -27.41
C ARG A 179 -33.38 20.26 -26.34
N LEU A 180 -32.28 20.69 -25.74
CA LEU A 180 -31.62 19.89 -24.70
C LEU A 180 -32.51 19.82 -23.47
N PRO A 181 -32.89 18.62 -23.02
CA PRO A 181 -33.81 18.52 -21.88
C PRO A 181 -33.22 19.14 -20.62
N SER A 182 -34.09 19.82 -19.85
CA SER A 182 -33.69 20.42 -18.59
C SER A 182 -33.46 19.40 -17.48
N VAL A 183 -33.84 18.15 -17.69
CA VAL A 183 -33.58 17.08 -16.72
C VAL A 183 -32.23 16.45 -17.06
N HIS A 184 -31.35 16.37 -16.07
CA HIS A 184 -30.05 15.77 -16.29
C HIS A 184 -30.20 14.26 -16.46
N PRO A 185 -29.45 13.65 -17.39
CA PRO A 185 -29.61 12.19 -17.61
C PRO A 185 -29.37 11.35 -16.36
N HIS A 186 -28.49 11.79 -15.47
CA HIS A 186 -28.28 11.03 -14.23
C HIS A 186 -29.49 11.12 -13.31
N HIS A 187 -30.22 12.24 -13.35
CA HIS A 187 -31.40 12.39 -12.52
C HIS A 187 -32.63 11.70 -13.12
N SER A 188 -32.63 11.43 -14.43
CA SER A 188 -33.82 10.90 -15.09
C SER A 188 -34.29 9.59 -14.49
N MET A 189 -33.39 8.83 -13.86
CA MET A 189 -33.78 7.59 -13.19
C MET A 189 -34.77 7.83 -12.05
N LEU A 190 -34.83 9.04 -11.49
CA LEU A 190 -35.67 9.29 -10.33
C LEU A 190 -37.11 9.66 -10.69
N TYR A 191 -37.40 9.90 -11.96
CA TYR A 191 -38.68 10.45 -12.39
C TYR A 191 -39.40 9.44 -13.27
N PRO A 192 -40.74 9.41 -13.25
CA PRO A 192 -41.47 8.38 -14.01
C PRO A 192 -41.48 8.65 -15.51
N LEU A 193 -40.32 8.93 -16.09
CA LEU A 193 -40.18 9.09 -17.52
C LEU A 193 -40.18 7.72 -18.19
N SER A 194 -40.64 7.69 -19.44
CA SER A 194 -40.58 6.44 -20.20
C SER A 194 -39.13 6.09 -20.50
N HIS A 195 -38.89 4.81 -20.79
CA HIS A 195 -37.56 4.38 -21.19
C HIS A 195 -37.10 5.13 -22.44
N GLY A 196 -38.03 5.41 -23.36
CA GLY A 196 -37.68 6.16 -24.55
C GLY A 196 -37.22 7.57 -24.24
N PHE A 197 -37.90 8.23 -23.29
CA PHE A 197 -37.52 9.61 -22.93
C PHE A 197 -36.16 9.64 -22.24
N ARG A 198 -35.90 8.67 -21.34
CA ARG A 198 -34.62 8.64 -20.65
C ARG A 198 -33.47 8.39 -21.63
N LYS A 199 -33.67 7.48 -22.58
CA LYS A 199 -32.65 7.26 -23.61
C LYS A 199 -32.47 8.51 -24.46
N ALA A 200 -33.57 9.19 -24.78
CA ALA A 200 -33.49 10.39 -25.62
C ALA A 200 -32.77 11.53 -24.90
N ILE A 201 -33.00 11.66 -23.59
CA ILE A 201 -32.28 12.67 -22.81
C ILE A 201 -30.78 12.42 -22.89
N ALA A 202 -30.37 11.17 -22.66
CA ALA A 202 -28.96 10.82 -22.75
C ALA A 202 -28.44 11.01 -24.17
N GLU A 203 -29.23 10.65 -25.18
CA GLU A 203 -28.82 10.83 -26.56
CA GLU A 203 -28.81 10.83 -26.56
C GLU A 203 -28.54 12.30 -26.87
N ARG A 204 -29.35 13.20 -26.31
CA ARG A 204 -29.12 14.62 -26.53
C ARG A 204 -27.83 15.11 -25.90
N HIS A 205 -27.43 14.52 -24.77
CA HIS A 205 -26.17 14.89 -24.14
C HIS A 205 -24.97 14.34 -24.91
N GLY A 206 -25.07 13.09 -25.38
CA GLY A 206 -24.03 12.55 -26.23
C GLY A 206 -23.82 13.33 -27.50
N ASN A 207 -24.89 13.95 -28.03
CA ASN A 207 -24.75 14.79 -29.21
C ASN A 207 -24.04 16.11 -28.90
N LEU A 208 -24.16 16.60 -27.66
CA LEU A 208 -23.37 17.76 -27.25
C LEU A 208 -21.88 17.47 -27.39
N CYS A 209 -21.43 16.30 -26.91
CA CYS A 209 -20.02 15.95 -27.03
C CYS A 209 -19.59 15.85 -28.47
N LEU A 210 -20.45 15.27 -29.33
CA LEU A 210 -20.12 15.21 -30.76
C LEU A 210 -20.00 16.60 -31.36
N ASP A 211 -20.86 17.53 -30.93
CA ASP A 211 -20.79 18.89 -31.45
C ASP A 211 -19.51 19.59 -30.99
N LYS A 212 -19.05 19.31 -29.77
CA LYS A 212 -17.84 19.94 -29.29
C LYS A 212 -16.59 19.39 -30.00
N ILE A 213 -16.59 18.11 -30.37
CA ILE A 213 -15.42 17.55 -31.02
C ILE A 213 -15.43 17.79 -32.52
N ASN A 214 -16.60 18.01 -33.13
CA ASN A 214 -16.63 18.23 -34.57
C ASN A 214 -15.93 19.52 -34.95
N VAL A 215 -15.85 20.48 -34.02
CA VAL A 215 -15.17 21.74 -34.33
C VAL A 215 -13.67 21.53 -34.39
N LEU A 216 -13.17 20.39 -33.90
CA LEU A 216 -11.75 20.09 -34.03
C LEU A 216 -11.40 19.62 -35.43
N HIS A 217 -12.41 19.19 -36.19
CA HIS A 217 -12.24 18.75 -37.58
C HIS A 217 -11.16 17.67 -37.70
N LYS A 218 -11.10 16.78 -36.73
CA LYS A 218 -10.18 15.66 -36.75
C LYS A 218 -10.75 14.49 -37.55
N PRO A 219 -9.92 13.80 -38.32
CA PRO A 219 -10.41 12.66 -39.10
C PRO A 219 -10.63 11.46 -38.19
N PRO A 220 -11.31 10.43 -38.68
CA PRO A 220 -11.44 9.19 -37.89
C PRO A 220 -10.08 8.51 -37.72
N TYR A 221 -9.87 7.97 -36.51
CA TYR A 221 -8.61 7.33 -36.21
C TYR A 221 -8.48 5.99 -36.92
N GLU A 222 -7.24 5.64 -37.26
CA GLU A 222 -6.93 4.30 -37.74
C GLU A 222 -6.78 3.38 -36.53
N HIS A 223 -7.58 2.33 -36.49
CA HIS A 223 -7.57 1.47 -35.32
C HIS A 223 -6.76 0.21 -35.60
N PRO A 224 -6.14 -0.37 -34.57
CA PRO A 224 -5.42 -1.63 -34.77
C PRO A 224 -6.38 -2.73 -35.20
N LYS A 225 -5.88 -3.62 -36.06
CA LYS A 225 -6.68 -4.71 -36.62
C LYS A 225 -6.38 -6.05 -35.98
N ASP A 226 -5.29 -6.16 -35.23
CA ASP A 226 -4.93 -7.41 -34.56
C ASP A 226 -4.13 -7.07 -33.29
N LEU A 227 -3.52 -8.08 -32.69
CA LEU A 227 -2.76 -7.89 -31.47
C LEU A 227 -1.25 -8.05 -31.70
N LYS A 228 -0.80 -7.97 -32.96
CA LYS A 228 0.60 -8.22 -33.28
C LYS A 228 1.52 -7.17 -32.67
N LEU A 229 1.20 -5.89 -32.87
CA LEU A 229 2.03 -4.81 -32.37
C LEU A 229 2.04 -4.74 -30.84
N SER A 230 1.15 -5.46 -30.17
CA SER A 230 1.10 -5.48 -28.71
C SER A 230 1.57 -6.81 -28.13
N ASP A 231 2.25 -7.62 -28.95
CA ASP A 231 2.77 -8.92 -28.52
C ASP A 231 1.64 -9.83 -28.03
N GLY A 232 0.54 -9.85 -28.77
CA GLY A 232 -0.57 -10.72 -28.42
C GLY A 232 -1.42 -10.26 -27.27
N ARG A 233 -1.14 -9.08 -26.70
CA ARG A 233 -1.86 -8.60 -25.54
C ARG A 233 -2.96 -7.63 -25.96
N LEU A 234 -4.11 -7.73 -25.31
CA LEU A 234 -5.20 -6.78 -25.54
C LEU A 234 -4.99 -5.54 -24.69
N ARG A 235 -5.00 -4.38 -25.33
CA ARG A 235 -4.74 -3.11 -24.64
C ARG A 235 -6.06 -2.50 -24.20
N VAL A 236 -6.29 -2.47 -22.88
CA VAL A 236 -7.53 -1.98 -22.28
C VAL A 236 -7.24 -0.66 -21.57
N GLY A 237 -8.00 0.37 -21.92
CA GLY A 237 -7.85 1.67 -21.30
C GLY A 237 -9.02 2.02 -20.41
N TYR A 238 -8.76 2.20 -19.11
CA TYR A 238 -9.79 2.60 -18.15
C TYR A 238 -9.73 4.10 -17.96
N VAL A 239 -10.81 4.79 -18.32
CA VAL A 239 -10.88 6.25 -18.27
C VAL A 239 -11.82 6.64 -17.13
N SER A 240 -11.29 7.33 -16.13
CA SER A 240 -12.11 7.70 -14.98
C SER A 240 -11.60 8.98 -14.35
N SER A 241 -12.54 9.80 -13.87
CA SER A 241 -12.20 10.96 -13.06
C SER A 241 -12.12 10.62 -11.58
N ASN A 242 -12.25 9.35 -11.23
CA ASN A 242 -12.43 8.93 -9.84
C ASN A 242 -11.36 7.92 -9.41
N PHE A 243 -10.15 8.04 -9.95
CA PHE A 243 -9.01 7.28 -9.46
C PHE A 243 -8.47 8.03 -8.24
N GLY A 244 -9.01 7.67 -7.08
CA GLY A 244 -8.77 8.40 -5.85
C GLY A 244 -9.88 8.05 -4.87
N ASN A 245 -10.08 8.92 -3.89
CA ASN A 245 -11.08 8.66 -2.84
C ASN A 245 -12.47 8.93 -3.40
N HIS A 246 -13.13 7.87 -3.87
CA HIS A 246 -14.43 7.95 -4.53
C HIS A 246 -14.97 6.54 -4.63
N PRO A 247 -16.30 6.37 -4.60
CA PRO A 247 -16.89 5.03 -4.75
C PRO A 247 -16.28 4.17 -5.84
N THR A 248 -15.92 4.78 -6.98
CA THR A 248 -15.37 4.02 -8.09
C THR A 248 -14.13 3.23 -7.66
N SER A 249 -13.18 3.89 -7.01
CA SER A 249 -11.99 3.18 -6.57
C SER A 249 -12.29 2.25 -5.40
N HIS A 250 -13.29 2.59 -4.58
CA HIS A 250 -13.69 1.69 -3.50
C HIS A 250 -14.27 0.39 -4.03
N LEU A 251 -14.67 0.36 -5.30
CA LEU A 251 -15.17 -0.86 -5.91
C LEU A 251 -14.12 -1.62 -6.69
N MET A 252 -13.27 -0.93 -7.49
CA MET A 252 -12.47 -1.61 -8.50
C MET A 252 -10.97 -1.33 -8.39
N GLN A 253 -10.47 -0.80 -7.28
CA GLN A 253 -9.05 -0.44 -7.23
C GLN A 253 -8.14 -1.65 -7.36
N SER A 254 -8.63 -2.87 -7.09
CA SER A 254 -7.77 -4.04 -7.22
C SER A 254 -7.76 -4.65 -8.62
N ILE A 255 -8.70 -4.26 -9.47
CA ILE A 255 -8.90 -4.93 -10.76
C ILE A 255 -7.71 -4.70 -11.71
N PRO A 256 -7.17 -3.48 -11.86
CA PRO A 256 -6.03 -3.34 -12.78
C PRO A 256 -4.85 -4.24 -12.46
N GLY A 257 -4.47 -4.35 -11.19
CA GLY A 257 -3.35 -5.20 -10.82
C GLY A 257 -3.62 -6.69 -10.89
N MET A 258 -4.89 -7.08 -11.06
CA MET A 258 -5.24 -8.48 -11.18
C MET A 258 -5.38 -8.95 -12.63
N HIS A 259 -5.27 -8.03 -13.59
CA HIS A 259 -5.31 -8.44 -14.98
C HIS A 259 -4.11 -9.31 -15.33
N ASN A 260 -4.34 -10.28 -16.21
CA ASN A 260 -3.30 -11.20 -16.63
C ASN A 260 -2.33 -10.49 -17.58
N PRO A 261 -1.08 -10.26 -17.18
CA PRO A 261 -0.14 -9.52 -18.06
C PRO A 261 0.25 -10.27 -19.32
N ASP A 262 0.10 -11.60 -19.34
CA ASP A 262 0.43 -12.34 -20.56
C ASP A 262 -0.54 -12.04 -21.69
N LYS A 263 -1.77 -11.65 -21.36
CA LYS A 263 -2.81 -11.44 -22.36
C LYS A 263 -3.38 -10.03 -22.36
N PHE A 264 -3.08 -9.22 -21.35
CA PHE A 264 -3.68 -7.90 -21.25
C PHE A 264 -2.64 -6.88 -20.83
N GLU A 265 -2.73 -5.69 -21.41
CA GLU A 265 -1.90 -4.55 -21.03
C GLU A 265 -2.84 -3.43 -20.62
N VAL A 266 -2.76 -3.04 -19.35
CA VAL A 266 -3.75 -2.15 -18.75
C VAL A 266 -3.23 -0.73 -18.76
N PHE A 267 -4.04 0.18 -19.31
CA PHE A 267 -3.77 1.61 -19.32
C PHE A 267 -4.87 2.28 -18.51
N CYS A 268 -4.48 3.04 -17.50
CA CYS A 268 -5.44 3.81 -16.71
C CYS A 268 -5.29 5.28 -17.07
N TYR A 269 -6.37 5.88 -17.54
CA TYR A 269 -6.39 7.29 -17.97
C TYR A 269 -7.17 8.09 -16.94
N ALA A 270 -6.45 8.86 -16.13
CA ALA A 270 -7.05 9.60 -15.02
C ALA A 270 -7.48 10.98 -15.49
N LEU A 271 -8.75 11.30 -15.25
CA LEU A 271 -9.30 12.62 -15.60
C LEU A 271 -9.20 13.60 -14.45
N SER A 272 -8.70 13.19 -13.29
CA SER A 272 -8.55 14.07 -12.15
C SER A 272 -7.09 14.10 -11.71
N PRO A 273 -6.66 15.19 -11.07
CA PRO A 273 -5.32 15.22 -10.49
C PRO A 273 -5.22 14.30 -9.29
N ASP A 274 -3.98 13.97 -8.94
CA ASP A 274 -3.67 13.10 -7.80
C ASP A 274 -4.18 13.74 -6.51
N ASP A 275 -5.10 13.05 -5.81
CA ASP A 275 -5.64 13.59 -4.57
C ASP A 275 -4.83 13.18 -3.34
N GLY A 276 -3.72 12.48 -3.53
CA GLY A 276 -2.83 12.11 -2.44
C GLY A 276 -3.23 10.88 -1.65
N THR A 277 -4.32 10.20 -2.01
CA THR A 277 -4.79 9.07 -1.22
C THR A 277 -4.17 7.76 -1.72
N ASN A 278 -4.30 6.72 -0.87
CA ASN A 278 -3.78 5.40 -1.22
C ASN A 278 -4.54 4.77 -2.38
N PHE A 279 -5.79 5.18 -2.62
CA PHE A 279 -6.54 4.67 -3.77
C PHE A 279 -5.83 5.04 -5.06
N ARG A 280 -5.39 6.28 -5.17
CA ARG A 280 -4.64 6.71 -6.35
C ARG A 280 -3.28 6.04 -6.39
N VAL A 281 -2.60 5.92 -5.24
CA VAL A 281 -1.30 5.25 -5.17
C VAL A 281 -1.41 3.84 -5.75
N LYS A 282 -2.43 3.09 -5.35
CA LYS A 282 -2.51 1.68 -5.74
C LYS A 282 -2.73 1.52 -7.24
N VAL A 283 -3.65 2.29 -7.81
CA VAL A 283 -3.92 2.16 -9.25
C VAL A 283 -2.71 2.59 -10.06
N MET A 284 -2.03 3.66 -9.62
CA MET A 284 -0.82 4.09 -10.32
C MET A 284 0.27 3.04 -10.24
N ALA A 285 0.32 2.27 -9.16
CA ALA A 285 1.41 1.31 -8.99
C ALA A 285 1.11 -0.02 -9.68
N GLU A 286 -0.16 -0.38 -9.85
CA GLU A 286 -0.50 -1.71 -10.32
C GLU A 286 -0.95 -1.75 -11.77
N ALA A 287 -1.40 -0.65 -12.34
CA ALA A 287 -1.63 -0.62 -13.77
C ALA A 287 -0.30 -0.69 -14.51
N ASN A 288 -0.34 -1.28 -15.71
CA ASN A 288 0.86 -1.32 -16.53
C ASN A 288 1.28 0.10 -16.94
N HIS A 289 0.29 0.96 -17.18
CA HIS A 289 0.55 2.35 -17.56
C HIS A 289 -0.51 3.24 -16.92
N PHE A 290 -0.07 4.38 -16.40
CA PHE A 290 -0.96 5.36 -15.79
C PHE A 290 -0.68 6.71 -16.42
N ILE A 291 -1.71 7.31 -17.00
CA ILE A 291 -1.60 8.56 -17.74
C ILE A 291 -2.52 9.59 -17.09
N ASP A 292 -1.95 10.72 -16.69
CA ASP A 292 -2.73 11.77 -16.03
C ASP A 292 -3.23 12.72 -17.11
N LEU A 293 -4.45 12.49 -17.56
CA LEU A 293 -5.04 13.36 -18.59
C LEU A 293 -5.54 14.67 -18.03
N SER A 294 -5.54 14.84 -16.70
CA SER A 294 -5.91 16.13 -16.13
C SER A 294 -4.91 17.19 -16.50
N GLN A 295 -3.68 16.80 -16.86
CA GLN A 295 -2.67 17.71 -17.38
C GLN A 295 -2.84 18.00 -18.86
N ILE A 296 -3.82 17.39 -19.52
CA ILE A 296 -4.02 17.58 -20.95
C ILE A 296 -5.46 18.04 -21.17
N PRO A 297 -5.75 19.34 -21.01
CA PRO A 297 -7.14 19.79 -21.10
C PRO A 297 -7.76 19.60 -22.49
N CYS A 298 -6.96 19.70 -23.55
CA CYS A 298 -7.50 19.57 -24.89
C CYS A 298 -7.95 18.13 -25.14
N ASN A 299 -9.23 17.97 -25.45
CA ASN A 299 -9.75 16.63 -25.75
C ASN A 299 -9.14 16.07 -27.03
N GLY A 300 -8.74 16.94 -27.96
CA GLY A 300 -8.06 16.46 -29.16
C GLY A 300 -6.70 15.87 -28.85
N LYS A 301 -5.92 16.57 -28.04
CA LYS A 301 -4.58 16.09 -27.69
C LYS A 301 -4.66 14.88 -26.75
N ALA A 302 -5.66 14.83 -25.87
CA ALA A 302 -5.81 13.68 -25.00
C ALA A 302 -6.25 12.45 -25.79
N ALA A 303 -7.14 12.63 -26.77
CA ALA A 303 -7.56 11.51 -27.61
C ALA A 303 -6.41 11.01 -28.46
N ASP A 304 -5.56 11.92 -28.96
CA ASP A 304 -4.37 11.50 -29.68
C ASP A 304 -3.48 10.62 -28.80
N ARG A 305 -3.35 10.97 -27.53
CA ARG A 305 -2.54 10.16 -26.61
C ARG A 305 -3.12 8.76 -26.44
N ILE A 306 -4.44 8.66 -26.30
CA ILE A 306 -5.07 7.34 -26.16
C ILE A 306 -4.84 6.51 -27.41
N HIS A 307 -5.03 7.12 -28.59
CA HIS A 307 -4.82 6.39 -29.84
C HIS A 307 -3.36 5.99 -30.01
N GLN A 308 -2.43 6.86 -29.60
CA GLN A 308 -1.01 6.53 -29.70
C GLN A 308 -0.67 5.28 -28.90
N ASP A 309 -1.32 5.10 -27.74
CA ASP A 309 -1.09 3.91 -26.92
C ASP A 309 -1.63 2.64 -27.56
N GLY A 310 -2.40 2.74 -28.64
CA GLY A 310 -2.92 1.56 -29.31
C GLY A 310 -4.02 0.85 -28.57
N ILE A 311 -4.87 1.59 -27.84
CA ILE A 311 -5.92 0.96 -27.06
C ILE A 311 -6.89 0.22 -27.96
N HIS A 312 -7.20 -1.02 -27.60
CA HIS A 312 -8.21 -1.79 -28.31
C HIS A 312 -9.61 -1.57 -27.73
N ILE A 313 -9.75 -1.57 -26.41
CA ILE A 313 -11.04 -1.40 -25.74
C ILE A 313 -10.90 -0.26 -24.74
N LEU A 314 -11.58 0.85 -25.00
CA LEU A 314 -11.59 2.00 -24.10
C LEU A 314 -12.84 1.94 -23.23
N VAL A 315 -12.67 2.10 -21.92
CA VAL A 315 -13.73 1.86 -20.95
C VAL A 315 -14.16 3.18 -20.33
N ASN A 316 -15.43 3.52 -20.51
CA ASN A 316 -16.00 4.75 -19.98
C ASN A 316 -16.57 4.48 -18.60
N MET A 317 -15.90 4.99 -17.57
CA MET A 317 -16.30 4.78 -16.20
C MET A 317 -17.05 5.97 -15.59
N ASN A 318 -17.37 6.98 -16.39
CA ASN A 318 -18.03 8.18 -15.89
C ASN A 318 -19.46 8.33 -16.36
N GLY A 319 -19.71 8.14 -17.65
CA GLY A 319 -21.03 8.47 -18.18
C GLY A 319 -21.30 9.94 -17.97
N TYR A 320 -22.49 10.27 -17.48
CA TYR A 320 -22.83 11.67 -17.24
C TYR A 320 -22.70 12.02 -15.76
N THR A 321 -21.48 11.84 -15.25
CA THR A 321 -21.15 12.12 -13.86
C THR A 321 -20.00 13.11 -13.80
N LYS A 322 -19.83 13.69 -12.60
CA LYS A 322 -18.85 14.75 -12.36
C LYS A 322 -17.45 14.35 -12.82
N GLY A 323 -16.81 15.24 -13.57
CA GLY A 323 -15.46 15.00 -14.06
C GLY A 323 -15.38 14.28 -15.38
N ALA A 324 -16.51 13.93 -15.99
CA ALA A 324 -16.49 13.20 -17.23
C ALA A 324 -15.89 14.04 -18.37
N ARG A 325 -15.24 13.36 -19.31
CA ARG A 325 -14.79 13.96 -20.56
C ARG A 325 -15.21 13.04 -21.70
N ASN A 326 -16.52 12.92 -21.89
CA ASN A 326 -17.04 12.01 -22.91
C ASN A 326 -16.69 12.46 -24.32
N GLU A 327 -16.19 13.69 -24.48
CA GLU A 327 -15.62 14.09 -25.77
C GLU A 327 -14.49 13.17 -26.20
N LEU A 328 -13.74 12.62 -25.25
CA LEU A 328 -12.69 11.65 -25.58
C LEU A 328 -13.27 10.46 -26.33
N PHE A 329 -14.42 9.94 -25.87
CA PHE A 329 -15.06 8.82 -26.53
C PHE A 329 -15.77 9.22 -27.80
N ALA A 330 -16.27 10.46 -27.88
CA ALA A 330 -16.89 10.92 -29.12
C ALA A 330 -15.89 10.98 -30.26
N LEU A 331 -14.60 11.13 -29.96
CA LEU A 331 -13.57 11.15 -30.98
C LEU A 331 -13.19 9.74 -31.45
N ARG A 332 -13.64 8.71 -30.75
CA ARG A 332 -13.39 7.32 -31.10
C ARG A 332 -11.91 7.00 -31.35
N PRO A 333 -11.05 7.16 -30.33
CA PRO A 333 -9.65 6.75 -30.50
C PRO A 333 -9.44 5.24 -30.46
N ALA A 334 -10.45 4.47 -30.05
CA ALA A 334 -10.36 3.03 -29.94
C ALA A 334 -11.48 2.36 -30.73
N PRO A 335 -11.24 1.16 -31.25
CA PRO A 335 -12.28 0.49 -32.07
C PRO A 335 -13.44 -0.05 -31.26
N ILE A 336 -13.25 -0.35 -29.98
CA ILE A 336 -14.32 -0.83 -29.09
C ILE A 336 -14.35 0.09 -27.88
N GLN A 337 -15.54 0.60 -27.55
CA GLN A 337 -15.69 1.53 -26.43
C GLN A 337 -16.92 1.12 -25.62
N ALA A 338 -16.72 0.85 -24.32
CA ALA A 338 -17.76 0.25 -23.49
C ALA A 338 -17.97 1.06 -22.21
N MET A 339 -19.23 1.12 -21.76
CA MET A 339 -19.59 1.68 -20.46
C MET A 339 -19.42 0.62 -19.37
N TRP A 340 -18.85 1.01 -18.24
CA TRP A 340 -18.62 0.04 -17.17
C TRP A 340 -18.64 0.70 -15.81
N LEU A 341 -19.57 0.22 -14.97
CA LEU A 341 -19.52 0.34 -13.51
C LEU A 341 -19.85 1.72 -12.97
N GLY A 342 -19.29 2.79 -13.54
CA GLY A 342 -19.39 4.09 -12.90
C GLY A 342 -20.73 4.77 -13.11
N TYR A 343 -21.39 4.51 -14.23
CA TYR A 343 -22.64 5.22 -14.55
C TYR A 343 -23.80 4.24 -14.69
N PRO A 344 -24.84 4.31 -13.79
CA PRO A 344 -25.96 3.36 -13.85
C PRO A 344 -27.06 3.83 -14.80
N GLY A 345 -26.74 3.90 -16.09
CA GLY A 345 -27.70 4.25 -17.11
C GLY A 345 -27.04 4.20 -18.46
N THR A 346 -27.83 4.45 -19.50
CA THR A 346 -27.32 4.41 -20.85
C THR A 346 -26.71 5.75 -21.24
N SER A 347 -25.70 5.70 -22.11
CA SER A 347 -25.12 6.93 -22.61
C SER A 347 -26.01 7.53 -23.69
N GLY A 348 -26.85 6.70 -24.30
CA GLY A 348 -27.62 7.16 -25.43
C GLY A 348 -26.81 7.59 -26.65
N ALA A 349 -25.50 7.32 -26.68
CA ALA A 349 -24.60 7.86 -27.69
C ALA A 349 -24.09 6.74 -28.61
N LEU A 350 -23.99 7.05 -29.91
CA LEU A 350 -23.57 6.05 -30.88
C LEU A 350 -22.08 5.73 -30.79
N PHE A 351 -21.27 6.55 -30.11
CA PHE A 351 -19.86 6.26 -29.99
C PHE A 351 -19.53 5.30 -28.84
N MET A 352 -20.51 4.90 -28.03
CA MET A 352 -20.34 3.84 -27.06
C MET A 352 -20.91 2.55 -27.63
N ASP A 353 -20.09 1.51 -27.70
CA ASP A 353 -20.50 0.29 -28.39
C ASP A 353 -21.24 -0.65 -27.45
N TYR A 354 -20.75 -0.78 -26.23
CA TYR A 354 -21.27 -1.76 -25.29
C TYR A 354 -21.54 -1.09 -23.94
N ILE A 355 -22.42 -1.71 -23.18
CA ILE A 355 -22.55 -1.45 -21.75
C ILE A 355 -22.36 -2.78 -21.02
N ILE A 356 -21.43 -2.80 -20.07
CA ILE A 356 -21.12 -4.02 -19.34
C ILE A 356 -22.10 -4.15 -18.19
N THR A 357 -22.94 -5.17 -18.25
CA THR A 357 -23.98 -5.36 -17.25
C THR A 357 -24.18 -6.85 -17.06
N ASP A 358 -25.39 -7.28 -16.71
CA ASP A 358 -25.64 -8.71 -16.56
C ASP A 358 -27.13 -8.95 -16.76
N GLN A 359 -27.49 -10.24 -16.78
CA GLN A 359 -28.87 -10.64 -17.11
C GLN A 359 -29.87 -10.16 -16.07
N GLU A 360 -29.49 -10.15 -14.79
CA GLU A 360 -30.39 -9.69 -13.74
C GLU A 360 -30.58 -8.17 -13.80
N THR A 361 -29.50 -7.43 -14.06
CA THR A 361 -29.60 -5.97 -14.12
C THR A 361 -30.30 -5.50 -15.39
N SER A 362 -30.03 -6.14 -16.52
CA SER A 362 -30.51 -5.68 -17.82
C SER A 362 -30.94 -6.88 -18.66
N PRO A 363 -32.09 -7.47 -18.33
CA PRO A 363 -32.59 -8.60 -19.12
C PRO A 363 -32.86 -8.17 -20.55
N ALA A 364 -32.73 -9.13 -21.48
CA ALA A 364 -32.85 -8.83 -22.90
C ALA A 364 -34.18 -8.17 -23.26
N GLU A 365 -35.17 -8.23 -22.35
CA GLU A 365 -36.49 -7.69 -22.63
C GLU A 365 -36.47 -6.17 -22.59
N VAL A 366 -35.73 -5.59 -21.66
CA VAL A 366 -35.61 -4.14 -21.53
C VAL A 366 -34.40 -3.60 -22.28
N ALA A 367 -33.86 -4.35 -23.25
CA ALA A 367 -32.72 -3.85 -24.04
C ALA A 367 -33.02 -2.56 -24.84
N GLU A 368 -34.29 -2.32 -25.21
CA GLU A 368 -34.68 -1.07 -25.88
C GLU A 368 -34.40 0.18 -25.05
N GLN A 369 -34.15 0.03 -23.74
CA GLN A 369 -33.80 1.15 -22.88
C GLN A 369 -32.37 1.65 -23.09
N TYR A 370 -31.49 0.82 -23.65
CA TYR A 370 -30.08 1.15 -23.85
C TYR A 370 -29.80 1.38 -25.33
N SER A 371 -28.93 2.34 -25.62
CA SER A 371 -28.45 2.51 -26.99
C SER A 371 -27.29 1.57 -27.29
N GLU A 372 -26.55 1.15 -26.27
CA GLU A 372 -25.43 0.24 -26.45
C GLU A 372 -25.92 -1.19 -26.60
N LYS A 373 -25.03 -2.05 -27.11
CA LYS A 373 -25.28 -3.48 -27.06
C LYS A 373 -24.98 -3.99 -25.67
N LEU A 374 -25.78 -4.94 -25.20
CA LEU A 374 -25.58 -5.51 -23.88
C LEU A 374 -24.39 -6.46 -23.88
N ALA A 375 -23.55 -6.35 -22.85
CA ALA A 375 -22.42 -7.25 -22.68
C ALA A 375 -22.48 -7.82 -21.27
N TYR A 376 -22.83 -9.10 -21.15
CA TYR A 376 -23.14 -9.71 -19.87
C TYR A 376 -21.90 -10.24 -19.17
N MET A 377 -21.72 -9.82 -17.92
CA MET A 377 -20.91 -10.59 -16.98
C MET A 377 -21.72 -11.80 -16.51
N PRO A 378 -21.05 -12.91 -16.13
CA PRO A 378 -21.81 -14.13 -15.83
C PRO A 378 -22.69 -14.03 -14.60
N HIS A 379 -22.30 -13.24 -13.60
CA HIS A 379 -23.10 -13.17 -12.38
C HIS A 379 -23.68 -11.77 -12.19
N THR A 380 -22.90 -10.84 -11.63
CA THR A 380 -23.30 -9.44 -11.64
C THR A 380 -22.15 -8.62 -12.22
N PHE A 381 -22.49 -7.49 -12.83
CA PHE A 381 -21.44 -6.56 -13.23
C PHE A 381 -20.89 -5.81 -12.05
N PHE A 382 -21.59 -5.83 -10.92
CA PHE A 382 -21.13 -5.09 -9.76
C PHE A 382 -20.02 -5.83 -9.04
N ILE A 383 -19.14 -5.05 -8.42
CA ILE A 383 -17.98 -5.58 -7.72
C ILE A 383 -17.66 -4.58 -6.60
N GLY A 384 -16.84 -5.02 -5.65
CA GLY A 384 -16.40 -4.14 -4.59
C GLY A 384 -15.11 -4.64 -4.01
N ASP A 385 -14.31 -3.70 -3.49
CA ASP A 385 -13.00 -4.04 -2.95
C ASP A 385 -13.04 -4.36 -1.46
N HIS A 386 -14.21 -4.73 -0.92
CA HIS A 386 -14.37 -4.87 0.52
C HIS A 386 -13.46 -5.93 1.13
N ALA A 387 -13.21 -7.03 0.41
CA ALA A 387 -12.34 -8.07 0.99
C ALA A 387 -10.92 -7.58 1.19
N ASN A 388 -10.48 -6.64 0.35
CA ASN A 388 -9.16 -6.04 0.50
C ASN A 388 -9.18 -4.86 1.46
N MET A 389 -10.24 -4.04 1.40
CA MET A 389 -10.25 -2.83 2.20
C MET A 389 -10.62 -3.11 3.66
N PHE A 390 -11.57 -4.02 3.90
CA PHE A 390 -12.13 -4.27 5.24
C PHE A 390 -12.00 -5.75 5.63
N PRO A 391 -10.80 -6.32 5.56
CA PRO A 391 -10.65 -7.72 5.97
C PRO A 391 -10.93 -7.94 7.45
N HIS A 392 -10.86 -6.88 8.27
CA HIS A 392 -11.15 -7.03 9.68
C HIS A 392 -12.62 -7.33 9.96
N LEU A 393 -13.50 -7.19 8.95
CA LEU A 393 -14.91 -7.50 9.10
C LEU A 393 -15.26 -8.89 8.58
N LYS A 394 -14.27 -9.67 8.12
CA LYS A 394 -14.53 -11.04 7.69
C LYS A 394 -15.05 -11.89 8.84
N LYS A 395 -14.54 -11.67 10.04
CA LYS A 395 -14.99 -12.38 11.22
C LYS A 395 -15.42 -11.37 12.27
N LYS A 396 -16.16 -11.85 13.27
CA LYS A 396 -16.60 -11.00 14.37
C LYS A 396 -16.75 -11.82 15.64
N ALA A 397 -16.78 -11.12 16.76
CA ALA A 397 -17.14 -11.69 18.05
C ALA A 397 -18.13 -10.76 18.75
N VAL A 398 -18.92 -11.31 19.65
CA VAL A 398 -19.90 -10.52 20.35
C VAL A 398 -19.71 -10.68 21.86
N ILE A 399 -20.25 -9.71 22.60
CA ILE A 399 -20.22 -9.73 24.06
C ILE A 399 -21.65 -9.91 24.54
N ASP A 400 -21.88 -10.97 25.30
CA ASP A 400 -23.20 -11.25 25.87
C ASP A 400 -23.38 -10.39 27.10
N PHE A 401 -24.19 -9.32 26.98
CA PHE A 401 -24.41 -8.37 28.07
C PHE A 401 -25.62 -8.74 28.93
N LYS A 402 -25.91 -10.03 29.08
CA LYS A 402 -27.03 -10.47 29.93
C LYS A 402 -26.69 -11.76 30.68
N HIS A 406 -31.07 -13.69 25.60
CA HIS A 406 -30.29 -14.79 25.03
C HIS A 406 -28.97 -14.26 24.46
N ILE A 407 -28.58 -14.76 23.28
CA ILE A 407 -27.34 -14.36 22.62
C ILE A 407 -27.69 -13.61 21.35
N TYR A 408 -27.13 -12.41 21.21
CA TYR A 408 -27.36 -11.54 20.06
C TYR A 408 -26.08 -11.42 19.24
N ASP A 409 -26.22 -11.40 17.91
CA ASP A 409 -25.07 -11.23 17.04
C ASP A 409 -24.84 -9.78 16.61
N ASN A 410 -25.69 -8.84 17.03
CA ASN A 410 -25.61 -7.49 16.48
C ASN A 410 -25.84 -6.41 17.52
N ARG A 411 -25.60 -6.70 18.81
CA ARG A 411 -25.74 -5.72 19.88
C ARG A 411 -24.41 -5.11 20.30
N ILE A 412 -23.42 -5.94 20.66
CA ILE A 412 -22.07 -5.49 20.96
C ILE A 412 -21.11 -6.36 20.15
N VAL A 413 -20.36 -5.75 19.24
CA VAL A 413 -19.61 -6.48 18.21
C VAL A 413 -18.14 -6.08 18.29
N LEU A 414 -17.25 -7.06 18.20
CA LEU A 414 -15.82 -6.85 18.07
C LEU A 414 -15.35 -7.32 16.69
N ASN A 415 -14.44 -6.55 16.10
CA ASN A 415 -13.77 -6.92 14.86
C ASN A 415 -12.29 -6.55 14.97
N GLY A 416 -11.44 -7.33 14.33
CA GLY A 416 -10.04 -6.99 14.29
C GLY A 416 -9.15 -8.05 13.69
N ILE A 417 -8.09 -7.62 13.02
CA ILE A 417 -7.11 -8.55 12.45
C ILE A 417 -6.58 -9.50 13.52
N ASP A 418 -6.43 -9.00 14.74
CA ASP A 418 -5.88 -9.79 15.84
C ASP A 418 -6.95 -10.25 16.83
N LEU A 419 -8.21 -10.29 16.42
CA LEU A 419 -9.29 -10.66 17.32
C LEU A 419 -9.08 -12.06 17.91
N LYS A 420 -8.65 -13.01 17.09
CA LYS A 420 -8.52 -14.38 17.57
C LYS A 420 -7.54 -14.46 18.72
N ALA A 421 -6.37 -13.84 18.57
CA ALA A 421 -5.38 -13.83 19.63
C ALA A 421 -5.93 -13.19 20.90
N PHE A 422 -6.66 -12.09 20.75
CA PHE A 422 -7.29 -11.47 21.91
C PHE A 422 -8.28 -12.41 22.58
N LEU A 423 -9.10 -13.09 21.77
CA LEU A 423 -10.03 -14.08 22.32
C LEU A 423 -9.28 -15.19 23.04
N ASP A 424 -8.17 -15.67 22.47
CA ASP A 424 -7.44 -16.76 23.09
C ASP A 424 -6.85 -16.36 24.44
N SER A 425 -6.68 -15.06 24.70
CA SER A 425 -6.16 -14.62 25.99
C SER A 425 -7.23 -14.55 27.06
N LEU A 426 -8.54 -14.73 26.70
CA LEU A 426 -9.66 -14.63 27.61
C LEU A 426 -10.14 -16.02 28.02
N PRO A 427 -10.51 -16.20 29.29
CA PRO A 427 -11.17 -17.44 29.69
C PRO A 427 -12.68 -17.36 29.45
N ASP A 428 -13.30 -18.54 29.43
CA ASP A 428 -14.75 -18.70 29.35
C ASP A 428 -15.35 -18.22 28.04
N VAL A 429 -14.55 -18.12 26.97
CA VAL A 429 -15.09 -17.76 25.67
C VAL A 429 -15.87 -18.94 25.11
N LYS A 430 -17.11 -18.68 24.69
CA LYS A 430 -17.98 -19.70 24.12
C LYS A 430 -18.03 -19.55 22.61
N ILE A 431 -18.18 -20.69 21.93
CA ILE A 431 -18.32 -20.73 20.48
C ILE A 431 -19.72 -21.22 20.14
N VAL A 432 -20.49 -20.39 19.44
CA VAL A 432 -21.85 -20.72 19.06
C VAL A 432 -21.85 -21.21 17.63
N LYS A 433 -22.55 -22.32 17.37
CA LYS A 433 -22.61 -22.90 16.04
C LYS A 433 -24.02 -22.78 15.48
N ASN A 451 -19.75 -20.26 12.97
CA ASN A 451 -19.16 -20.20 14.30
C ASN A 451 -18.92 -18.76 14.72
N MET A 452 -19.50 -18.37 15.86
CA MET A 452 -19.37 -17.00 16.34
C MET A 452 -18.89 -17.01 17.80
N PRO A 453 -17.73 -16.43 18.08
CA PRO A 453 -17.24 -16.39 19.47
C PRO A 453 -18.02 -15.40 20.31
N VAL A 454 -18.31 -15.80 21.55
CA VAL A 454 -19.06 -14.99 22.49
C VAL A 454 -18.25 -14.81 23.76
N ILE A 455 -18.08 -13.57 24.17
CA ILE A 455 -17.42 -13.23 25.44
C ILE A 455 -18.50 -13.07 26.51
N PRO A 456 -18.41 -13.79 27.63
CA PRO A 456 -19.43 -13.66 28.67
C PRO A 456 -19.33 -12.33 29.40
N MET A 457 -20.40 -12.01 30.13
CA MET A 457 -20.44 -10.77 30.91
C MET A 457 -19.55 -10.90 32.14
N ASN A 458 -18.39 -10.25 32.10
CA ASN A 458 -17.43 -10.36 33.19
C ASN A 458 -16.69 -9.04 33.31
N THR A 459 -15.54 -9.05 33.99
CA THR A 459 -14.76 -7.84 34.18
C THR A 459 -14.32 -7.25 32.85
N ILE A 460 -13.94 -8.12 31.89
CA ILE A 460 -13.53 -7.64 30.58
C ILE A 460 -14.69 -6.94 29.88
N ALA A 461 -15.88 -7.52 29.94
CA ALA A 461 -17.02 -6.95 29.23
C ALA A 461 -17.48 -5.63 29.84
N GLU A 462 -17.38 -5.49 31.16
CA GLU A 462 -17.79 -4.24 31.78
C GLU A 462 -16.86 -3.09 31.41
N ALA A 463 -15.56 -3.39 31.21
CA ALA A 463 -14.61 -2.37 30.84
C ALA A 463 -14.87 -1.82 29.44
N VAL A 464 -15.41 -2.65 28.54
CA VAL A 464 -15.75 -2.18 27.20
C VAL A 464 -16.93 -1.22 27.26
N ILE A 465 -18.00 -1.62 27.97
CA ILE A 465 -19.20 -0.78 28.04
C ILE A 465 -18.86 0.55 28.71
N GLU A 466 -18.00 0.52 29.72
CA GLU A 466 -17.62 1.75 30.40
C GLU A 466 -16.91 2.70 29.45
N MET A 467 -16.04 2.17 28.58
CA MET A 467 -15.38 3.01 27.59
C MET A 467 -16.40 3.69 26.69
N ILE A 468 -17.42 2.95 26.25
CA ILE A 468 -18.41 3.52 25.33
C ILE A 468 -19.20 4.62 26.01
N ASN A 469 -19.68 4.36 27.23
CA ASN A 469 -20.52 5.33 27.93
C ASN A 469 -19.75 6.61 28.24
N ARG A 470 -18.48 6.48 28.61
CA ARG A 470 -17.67 7.65 28.94
C ARG A 470 -17.13 8.36 27.72
N GLY A 471 -17.43 7.87 26.52
CA GLY A 471 -16.84 8.46 25.33
C GLY A 471 -15.34 8.31 25.23
N GLN A 472 -14.75 7.34 25.92
CA GLN A 472 -13.32 7.12 25.85
C GLN A 472 -12.92 6.59 24.47
N ILE A 473 -11.71 6.96 24.06
CA ILE A 473 -11.23 6.65 22.71
C ILE A 473 -10.80 5.20 22.60
N GLN A 474 -10.11 4.69 23.62
CA GLN A 474 -9.53 3.35 23.53
C GLN A 474 -9.15 2.88 24.93
N ILE A 475 -9.05 1.57 25.10
CA ILE A 475 -8.53 0.97 26.31
C ILE A 475 -7.52 -0.11 25.92
N THR A 476 -6.93 -0.73 26.93
CA THR A 476 -6.01 -1.86 26.74
C THR A 476 -6.48 -3.02 27.60
N ILE A 477 -6.61 -4.20 27.02
CA ILE A 477 -6.97 -5.41 27.75
C ILE A 477 -6.00 -6.52 27.35
N ASN A 478 -5.29 -7.05 28.34
CA ASN A 478 -4.29 -8.11 28.10
C ASN A 478 -3.26 -7.71 27.06
N GLY A 479 -2.92 -6.42 26.99
CA GLY A 479 -1.97 -5.91 26.02
C GLY A 479 -2.55 -5.57 24.66
N PHE A 480 -3.80 -5.92 24.41
CA PHE A 480 -4.43 -5.66 23.11
C PHE A 480 -5.10 -4.30 23.13
N SER A 481 -5.02 -3.61 21.99
CA SER A 481 -5.65 -2.29 21.82
C SER A 481 -7.13 -2.47 21.48
N ILE A 482 -8.00 -1.92 22.31
CA ILE A 482 -9.44 -1.98 22.12
C ILE A 482 -9.94 -0.56 21.83
N SER A 483 -10.42 -0.33 20.61
CA SER A 483 -10.76 1.02 20.16
C SER A 483 -12.28 1.24 20.13
N ASN A 484 -12.69 2.44 20.52
CA ASN A 484 -14.08 2.88 20.35
C ASN A 484 -14.37 3.13 18.88
N GLY A 485 -15.36 2.42 18.33
CA GLY A 485 -15.66 2.55 16.92
C GLY A 485 -16.13 3.94 16.50
N LEU A 486 -16.50 4.78 17.45
CA LEU A 486 -16.89 6.16 17.15
C LEU A 486 -15.69 7.09 17.02
N ALA A 487 -14.47 6.60 17.25
CA ALA A 487 -13.32 7.47 17.38
C ALA A 487 -12.21 7.15 16.40
N THR A 488 -12.52 6.46 15.30
CA THR A 488 -11.46 5.99 14.40
C THR A 488 -10.64 7.14 13.80
N THR A 489 -11.25 8.31 13.56
CA THR A 489 -10.47 9.37 12.95
C THR A 489 -9.43 9.94 13.91
N GLN A 490 -9.62 9.74 15.22
CA GLN A 490 -8.62 10.14 16.19
C GLN A 490 -7.52 9.10 16.39
N ILE A 491 -7.77 7.86 15.97
CA ILE A 491 -6.80 6.80 16.14
C ILE A 491 -5.94 6.62 14.90
N ASN A 492 -6.59 6.50 13.74
CA ASN A 492 -5.87 6.35 12.47
C ASN A 492 -6.82 6.83 11.38
N ASN A 493 -6.59 8.06 10.89
CA ASN A 493 -7.50 8.64 9.92
CA ASN A 493 -7.48 8.65 9.90
C ASN A 493 -7.50 7.86 8.61
N LYS A 494 -6.36 7.30 8.20
CA LYS A 494 -6.32 6.50 6.99
C LYS A 494 -7.11 5.20 7.14
N ALA A 495 -7.15 4.64 8.35
CA ALA A 495 -8.02 3.49 8.59
C ALA A 495 -9.49 3.88 8.50
N ALA A 496 -9.84 5.07 8.98
CA ALA A 496 -11.23 5.50 8.98
C ALA A 496 -11.78 5.70 7.56
N THR A 497 -10.94 6.14 6.63
CA THR A 497 -11.34 6.38 5.25
C THR A 497 -11.27 5.14 4.37
N GLY A 498 -10.71 4.04 4.88
CA GLY A 498 -10.50 2.83 4.09
C GLY A 498 -9.19 2.76 3.34
N GLU A 499 -8.30 3.75 3.53
CA GLU A 499 -7.00 3.74 2.87
C GLU A 499 -6.02 2.79 3.53
N GLU A 500 -6.25 2.41 4.78
CA GLU A 500 -5.44 1.43 5.50
C GLU A 500 -6.38 0.48 6.23
N VAL A 501 -5.92 -0.74 6.43
CA VAL A 501 -6.68 -1.68 7.26
C VAL A 501 -6.44 -1.33 8.72
N PRO A 502 -7.48 -1.22 9.55
CA PRO A 502 -7.27 -0.90 10.96
C PRO A 502 -6.35 -1.92 11.62
N ARG A 503 -5.52 -1.46 12.55
CA ARG A 503 -4.57 -2.33 13.23
C ARG A 503 -4.90 -2.56 14.70
N THR A 504 -6.03 -2.03 15.18
CA THR A 504 -6.54 -2.34 16.51
C THR A 504 -7.83 -3.14 16.41
N ILE A 505 -8.29 -3.61 17.57
CA ILE A 505 -9.59 -4.26 17.70
C ILE A 505 -10.62 -3.18 17.98
N ILE A 506 -11.72 -3.19 17.23
CA ILE A 506 -12.71 -2.12 17.27
C ILE A 506 -14.00 -2.66 17.87
N VAL A 507 -14.62 -1.85 18.75
CA VAL A 507 -15.91 -2.17 19.36
C VAL A 507 -16.99 -1.37 18.67
N THR A 508 -18.08 -2.05 18.31
CA THR A 508 -19.25 -1.44 17.66
C THR A 508 -20.49 -1.89 18.42
N THR A 509 -21.30 -0.92 18.88
CA THR A 509 -22.43 -1.23 19.74
C THR A 509 -23.65 -0.44 19.35
N ARG A 510 -24.83 -1.01 19.60
CA ARG A 510 -26.08 -0.31 19.32
C ARG A 510 -26.21 0.96 20.17
N SER A 511 -25.66 0.94 21.38
CA SER A 511 -25.70 2.13 22.23
C SER A 511 -24.90 3.30 21.65
N GLN A 512 -23.93 3.03 20.76
CA GLN A 512 -23.18 4.12 20.13
C GLN A 512 -24.07 4.98 19.25
N TYR A 513 -25.17 4.43 18.74
CA TYR A 513 -26.03 5.14 17.81
C TYR A 513 -27.44 5.30 18.36
N GLY A 514 -27.68 4.97 19.62
CA GLY A 514 -29.02 5.07 20.18
C GLY A 514 -30.00 4.06 19.64
N LEU A 515 -29.54 2.90 19.24
CA LEU A 515 -30.42 1.87 18.72
C LEU A 515 -30.97 1.00 19.86
N PRO A 516 -32.22 0.54 19.75
CA PRO A 516 -32.78 -0.27 20.84
C PRO A 516 -32.07 -1.62 20.95
N GLU A 517 -31.80 -2.04 22.19
CA GLU A 517 -31.19 -3.32 22.49
C GLU A 517 -32.16 -4.48 22.35
N ASP A 518 -33.46 -4.21 22.27
CA ASP A 518 -34.46 -5.26 22.32
C ASP A 518 -35.46 -5.18 21.18
N ALA A 519 -35.01 -4.77 19.99
CA ALA A 519 -35.93 -4.58 18.88
C ALA A 519 -35.20 -4.87 17.58
N ILE A 520 -36.00 -5.05 16.52
CA ILE A 520 -35.49 -5.26 15.17
C ILE A 520 -35.05 -3.92 14.58
N VAL A 521 -33.88 -3.90 13.95
CA VAL A 521 -33.35 -2.68 13.35
C VAL A 521 -33.37 -2.87 11.84
N TYR A 522 -34.27 -2.15 11.16
CA TYR A 522 -34.22 -2.03 9.70
C TYR A 522 -33.39 -0.80 9.36
N CYS A 523 -32.49 -0.93 8.40
CA CYS A 523 -31.62 0.18 8.05
C CYS A 523 -31.75 0.54 6.58
N ASN A 524 -31.33 1.75 6.26
CA ASN A 524 -31.01 2.13 4.89
C ASN A 524 -29.99 3.26 4.98
N PHE A 525 -28.81 3.04 4.39
CA PHE A 525 -27.73 4.02 4.50
C PHE A 525 -27.53 4.83 3.23
N ASN A 526 -28.54 4.91 2.38
CA ASN A 526 -28.42 5.62 1.13
C ASN A 526 -28.61 7.12 1.36
N GLN A 527 -28.14 7.91 0.39
CA GLN A 527 -28.52 9.31 0.35
C GLN A 527 -30.04 9.41 0.27
N LEU A 528 -30.61 10.38 1.00
CA LEU A 528 -32.06 10.46 1.12
C LEU A 528 -32.76 10.68 -0.22
N TYR A 529 -32.04 11.15 -1.25
CA TYR A 529 -32.70 11.45 -2.51
C TYR A 529 -33.27 10.20 -3.18
N LYS A 530 -32.78 9.01 -2.81
CA LYS A 530 -33.26 7.76 -3.37
C LYS A 530 -34.61 7.32 -2.82
N ILE A 531 -35.16 8.01 -1.81
CA ILE A 531 -36.46 7.68 -1.25
C ILE A 531 -37.54 8.50 -1.94
N ASP A 532 -38.72 7.92 -2.12
CA ASP A 532 -39.89 8.62 -2.62
C ASP A 532 -41.07 8.33 -1.69
N PRO A 533 -42.21 9.02 -1.87
CA PRO A 533 -43.35 8.75 -0.99
C PRO A 533 -43.76 7.29 -0.91
N SER A 534 -43.87 6.59 -2.04
CA SER A 534 -44.29 5.19 -2.01
CA SER A 534 -44.28 5.19 -2.02
CA SER A 534 -44.28 5.20 -2.03
C SER A 534 -43.32 4.34 -1.19
N THR A 535 -42.02 4.64 -1.27
CA THR A 535 -41.04 3.86 -0.51
C THR A 535 -41.22 4.05 1.00
N LEU A 536 -41.38 5.31 1.43
CA LEU A 536 -41.53 5.55 2.86
C LEU A 536 -42.83 4.97 3.39
N GLN A 537 -43.89 5.02 2.59
CA GLN A 537 -45.15 4.37 2.99
C GLN A 537 -44.95 2.87 3.15
N MET A 538 -44.21 2.25 2.24
CA MET A 538 -43.89 0.83 2.37
CA MET A 538 -43.88 0.83 2.36
C MET A 538 -43.16 0.55 3.66
N TRP A 539 -42.17 1.37 3.99
CA TRP A 539 -41.41 1.20 5.23
C TRP A 539 -42.31 1.43 6.43
N ALA A 540 -43.23 2.38 6.34
CA ALA A 540 -44.15 2.62 7.44
C ALA A 540 -45.06 1.43 7.66
N ASN A 541 -45.47 0.77 6.57
CA ASN A 541 -46.33 -0.41 6.71
C ASN A 541 -45.59 -1.54 7.42
N ILE A 542 -44.28 -1.65 7.17
CA ILE A 542 -43.49 -2.71 7.80
C ILE A 542 -43.33 -2.43 9.29
N LEU A 543 -43.07 -1.16 9.63
CA LEU A 543 -42.86 -0.81 11.04
C LEU A 543 -44.15 -1.00 11.84
N LYS A 544 -45.30 -0.76 11.23
CA LYS A 544 -46.56 -0.94 11.94
C LYS A 544 -46.84 -2.42 12.20
N ARG A 545 -46.43 -3.29 11.28
CA ARG A 545 -46.65 -4.73 11.43
C ARG A 545 -45.65 -5.38 12.38
N VAL A 546 -44.52 -4.74 12.64
CA VAL A 546 -43.49 -5.28 13.51
C VAL A 546 -43.31 -4.29 14.66
N PRO A 547 -44.15 -4.37 15.69
CA PRO A 547 -44.15 -3.30 16.72
C PRO A 547 -42.81 -3.13 17.42
N ASN A 548 -42.01 -4.18 17.47
CA ASN A 548 -40.71 -4.12 18.13
C ASN A 548 -39.62 -3.88 17.09
N SER A 549 -39.65 -2.68 16.49
CA SER A 549 -38.70 -2.39 15.41
C SER A 549 -38.53 -0.88 15.21
N VAL A 550 -37.36 -0.51 14.70
CA VAL A 550 -37.08 0.87 14.35
C VAL A 550 -36.46 0.92 12.95
N LEU A 551 -36.59 2.08 12.31
CA LEU A 551 -35.95 2.33 11.02
C LEU A 551 -34.73 3.22 11.24
N TRP A 552 -33.60 2.82 10.67
CA TRP A 552 -32.31 3.47 10.90
C TRP A 552 -31.88 4.16 9.61
N LEU A 553 -31.85 5.50 9.60
CA LEU A 553 -31.49 6.29 8.41
C LEU A 553 -30.37 7.28 8.74
N LEU A 554 -29.80 7.87 7.70
CA LEU A 554 -28.70 8.81 7.84
C LEU A 554 -29.14 10.22 7.49
N ARG A 555 -28.51 11.19 8.14
CA ARG A 555 -28.64 12.62 7.81
C ARG A 555 -27.83 12.87 6.55
N PHE A 556 -28.46 12.63 5.40
CA PHE A 556 -27.75 12.54 4.13
C PHE A 556 -28.54 13.25 3.03
N PRO A 557 -28.76 14.56 3.18
CA PRO A 557 -28.25 15.51 4.18
C PRO A 557 -29.18 15.68 5.37
N ALA A 558 -28.66 16.34 6.41
CA ALA A 558 -29.44 16.53 7.63
C ALA A 558 -30.76 17.24 7.36
N VAL A 559 -30.76 18.21 6.45
CA VAL A 559 -31.97 18.97 6.18
C VAL A 559 -33.09 18.10 5.62
N GLY A 560 -32.80 16.86 5.21
CA GLY A 560 -33.87 15.94 4.85
C GLY A 560 -34.51 15.25 6.03
N GLU A 561 -33.88 15.31 7.21
CA GLU A 561 -34.43 14.61 8.37
C GLU A 561 -35.79 15.15 8.81
N PRO A 562 -36.00 16.46 8.96
CA PRO A 562 -37.34 16.91 9.39
C PRO A 562 -38.43 16.58 8.39
N ASN A 563 -38.13 16.51 7.09
CA ASN A 563 -39.15 16.16 6.12
C ASN A 563 -39.57 14.69 6.26
N ILE A 564 -38.60 13.78 6.40
CA ILE A 564 -38.91 12.37 6.61
C ILE A 564 -39.74 12.18 7.88
N GLN A 565 -39.31 12.84 8.97
CA GLN A 565 -40.03 12.69 10.23
C GLN A 565 -41.46 13.21 10.13
N GLN A 566 -41.67 14.31 9.42
CA GLN A 566 -43.03 14.83 9.25
C GLN A 566 -43.90 13.85 8.47
N TYR A 567 -43.36 13.30 7.38
CA TYR A 567 -44.14 12.36 6.58
C TYR A 567 -44.39 11.08 7.37
N ALA A 568 -43.42 10.68 8.19
CA ALA A 568 -43.60 9.51 9.03
C ALA A 568 -44.69 9.76 10.06
N GLN A 569 -44.73 10.96 10.64
CA GLN A 569 -45.76 11.30 11.62
C GLN A 569 -47.14 11.35 10.97
N ASN A 570 -47.22 11.84 9.74
CA ASN A 570 -48.50 11.82 9.02
C ASN A 570 -48.95 10.41 8.70
N MET A 571 -48.00 9.48 8.54
CA MET A 571 -48.34 8.08 8.29
C MET A 571 -48.69 7.32 9.55
N GLY A 572 -48.57 7.93 10.72
CA GLY A 572 -48.93 7.29 11.97
C GLY A 572 -47.79 6.69 12.76
N LEU A 573 -46.54 7.07 12.47
CA LEU A 573 -45.40 6.54 13.19
C LEU A 573 -44.90 7.58 14.19
N PRO A 574 -44.84 7.26 15.48
CA PRO A 574 -44.20 8.18 16.43
C PRO A 574 -42.72 8.37 16.13
N GLN A 575 -42.18 9.45 16.70
CA GLN A 575 -40.82 9.86 16.38
C GLN A 575 -39.79 8.80 16.76
N ASN A 576 -40.08 8.01 17.79
CA ASN A 576 -39.13 7.02 18.27
C ASN A 576 -39.02 5.78 17.38
N ARG A 577 -39.81 5.69 16.31
CA ARG A 577 -39.69 4.55 15.41
C ARG A 577 -38.62 4.75 14.35
N ILE A 578 -38.09 5.97 14.20
CA ILE A 578 -37.07 6.27 13.20
C ILE A 578 -35.88 6.91 13.90
N ILE A 579 -34.69 6.37 13.64
CA ILE A 579 -33.47 6.83 14.29
C ILE A 579 -32.50 7.29 13.21
N PHE A 580 -31.95 8.50 13.38
CA PHE A 580 -31.01 9.07 12.44
C PHE A 580 -29.61 9.06 13.02
N SER A 581 -28.63 8.78 12.16
CA SER A 581 -27.22 8.88 12.48
C SER A 581 -26.53 9.83 11.50
N PRO A 582 -25.45 10.46 11.90
CA PRO A 582 -24.67 11.24 10.94
C PRO A 582 -24.02 10.32 9.92
N VAL A 583 -23.71 10.90 8.76
CA VAL A 583 -22.81 10.25 7.82
C VAL A 583 -21.49 9.98 8.54
N ALA A 584 -20.92 8.81 8.30
CA ALA A 584 -19.73 8.34 8.97
C ALA A 584 -18.57 8.17 8.01
N PRO A 585 -17.33 8.23 8.49
CA PRO A 585 -16.19 7.76 7.68
C PRO A 585 -16.47 6.38 7.12
N LYS A 586 -15.82 6.08 5.98
CA LYS A 586 -16.13 4.89 5.20
C LYS A 586 -16.08 3.61 6.03
N GLU A 587 -14.98 3.39 6.76
CA GLU A 587 -14.84 2.16 7.51
C GLU A 587 -15.91 2.03 8.61
N GLU A 588 -16.21 3.13 9.31
CA GLU A 588 -17.26 3.08 10.33
C GLU A 588 -18.62 2.83 9.69
N HIS A 589 -18.89 3.43 8.54
CA HIS A 589 -20.12 3.19 7.79
C HIS A 589 -20.32 1.71 7.51
N VAL A 590 -19.29 1.04 7.01
CA VAL A 590 -19.43 -0.38 6.68
C VAL A 590 -19.52 -1.20 7.96
N ARG A 591 -18.69 -0.88 8.94
CA ARG A 591 -18.64 -1.67 10.17
C ARG A 591 -19.94 -1.58 10.96
N ARG A 592 -20.57 -0.40 11.03
CA ARG A 592 -21.79 -0.27 11.81
C ARG A 592 -23.00 -0.95 11.17
N GLY A 593 -22.92 -1.30 9.88
CA GLY A 593 -23.99 -2.10 9.30
C GLY A 593 -24.21 -3.43 10.00
N GLN A 594 -23.20 -3.91 10.74
CA GLN A 594 -23.36 -5.15 11.49
C GLN A 594 -24.40 -5.03 12.60
N LEU A 595 -24.77 -3.80 12.99
CA LEU A 595 -25.72 -3.61 14.08
C LEU A 595 -27.16 -3.77 13.64
N ALA A 596 -27.44 -3.65 12.34
CA ALA A 596 -28.81 -3.81 11.87
C ALA A 596 -29.16 -5.28 11.74
N ASP A 597 -30.47 -5.57 11.74
CA ASP A 597 -30.94 -6.91 11.41
C ASP A 597 -31.16 -7.08 9.92
N VAL A 598 -31.73 -6.08 9.27
CA VAL A 598 -32.18 -6.14 7.87
C VAL A 598 -31.97 -4.77 7.24
N CYS A 599 -31.53 -4.75 5.99
CA CYS A 599 -31.49 -3.53 5.19
C CYS A 599 -32.71 -3.49 4.27
N LEU A 600 -33.42 -2.36 4.28
CA LEU A 600 -34.55 -2.15 3.38
C LEU A 600 -34.08 -1.26 2.24
N ASP A 601 -33.89 -1.85 1.07
CA ASP A 601 -33.33 -1.15 -0.09
C ASP A 601 -34.37 -0.23 -0.72
N THR A 602 -33.89 0.87 -1.31
CA THR A 602 -34.76 1.83 -1.99
C THR A 602 -35.10 1.34 -3.40
N PRO A 603 -36.39 1.17 -3.74
CA PRO A 603 -36.72 0.68 -5.09
C PRO A 603 -36.53 1.71 -6.19
N LEU A 604 -36.69 2.99 -5.89
CA LEU A 604 -36.54 4.02 -6.93
C LEU A 604 -35.15 3.98 -7.55
N CYS A 605 -34.13 4.06 -6.71
CA CYS A 605 -32.75 3.82 -7.13
C CYS A 605 -32.09 3.07 -5.99
N ASN A 606 -31.61 1.87 -6.28
CA ASN A 606 -31.11 0.99 -5.22
C ASN A 606 -29.84 1.56 -4.59
N GLY A 607 -29.44 0.93 -3.49
CA GLY A 607 -28.06 1.02 -3.05
C GLY A 607 -27.19 0.34 -4.08
N HIS A 608 -26.11 1.00 -4.51
CA HIS A 608 -25.17 0.40 -5.44
C HIS A 608 -23.92 0.11 -4.67
N THR A 609 -22.97 1.05 -4.55
CA THR A 609 -21.89 0.93 -3.58
C THR A 609 -22.46 0.62 -2.20
N THR A 610 -23.58 1.25 -1.88
CA THR A 610 -24.17 1.14 -0.55
C THR A 610 -24.70 -0.27 -0.30
N GLY A 611 -25.19 -0.94 -1.35
CA GLY A 611 -25.64 -2.30 -1.19
C GLY A 611 -24.51 -3.27 -0.93
N MET A 612 -23.37 -3.07 -1.60
CA MET A 612 -22.18 -3.87 -1.32
C MET A 612 -21.72 -3.65 0.13
N ASP A 613 -21.79 -2.39 0.60
CA ASP A 613 -21.38 -2.09 1.97
C ASP A 613 -22.19 -2.88 2.98
N VAL A 614 -23.51 -2.88 2.82
CA VAL A 614 -24.36 -3.53 3.81
C VAL A 614 -24.18 -5.03 3.77
N LEU A 615 -23.97 -5.59 2.58
CA LEU A 615 -23.83 -7.04 2.45
C LEU A 615 -22.50 -7.51 3.01
N TRP A 616 -21.46 -6.70 2.90
CA TRP A 616 -20.17 -7.07 3.47
C TRP A 616 -20.25 -7.18 4.98
N ALA A 617 -21.11 -6.37 5.60
CA ALA A 617 -21.36 -6.46 7.04
C ALA A 617 -22.20 -7.68 7.41
N GLY A 618 -22.70 -8.45 6.44
CA GLY A 618 -23.52 -9.60 6.73
C GLY A 618 -25.01 -9.33 6.89
N THR A 619 -25.49 -8.17 6.44
CA THR A 619 -26.88 -7.77 6.65
C THR A 619 -27.72 -8.20 5.46
N PRO A 620 -28.78 -8.97 5.67
CA PRO A 620 -29.72 -9.24 4.57
C PRO A 620 -30.34 -7.93 4.08
N MET A 621 -30.58 -7.86 2.77
CA MET A 621 -31.14 -6.68 2.14
C MET A 621 -32.38 -7.09 1.35
N VAL A 622 -33.51 -6.44 1.63
CA VAL A 622 -34.75 -6.68 0.89
C VAL A 622 -34.83 -5.66 -0.25
N THR A 623 -35.07 -6.15 -1.46
CA THR A 623 -35.12 -5.27 -2.62
C THR A 623 -36.35 -5.59 -3.48
N MET A 624 -36.80 -4.58 -4.22
CA MET A 624 -37.86 -4.72 -5.21
C MET A 624 -37.34 -4.18 -6.53
N PRO A 625 -36.78 -5.01 -7.40
CA PRO A 625 -36.21 -4.51 -8.65
C PRO A 625 -37.27 -3.91 -9.55
N GLY A 626 -36.89 -2.85 -10.25
CA GLY A 626 -37.76 -2.13 -11.18
C GLY A 626 -37.42 -2.47 -12.61
N GLU A 627 -37.41 -1.44 -13.46
CA GLU A 627 -37.07 -1.62 -14.86
C GLU A 627 -35.77 -0.93 -15.26
N THR A 628 -35.45 0.22 -14.68
CA THR A 628 -34.21 0.89 -15.02
C THR A 628 -33.02 0.17 -14.38
N LEU A 629 -31.85 0.35 -14.98
CA LEU A 629 -30.63 -0.28 -14.46
C LEU A 629 -30.48 0.03 -12.98
N ALA A 630 -30.68 1.29 -12.60
CA ALA A 630 -30.37 1.72 -11.25
C ALA A 630 -31.32 1.10 -10.23
N SER A 631 -32.50 0.69 -10.67
CA SER A 631 -33.46 0.07 -9.77
C SER A 631 -33.30 -1.43 -9.67
N ARG A 632 -32.32 -2.01 -10.37
CA ARG A 632 -32.15 -3.45 -10.40
C ARG A 632 -30.80 -3.93 -9.89
N VAL A 633 -29.91 -3.00 -9.48
CA VAL A 633 -28.55 -3.40 -9.08
C VAL A 633 -28.60 -4.27 -7.82
N ALA A 634 -29.45 -3.93 -6.86
CA ALA A 634 -29.49 -4.68 -5.60
C ALA A 634 -29.93 -6.12 -5.83
N ALA A 635 -30.99 -6.31 -6.63
CA ALA A 635 -31.43 -7.68 -6.91
C ALA A 635 -30.35 -8.48 -7.62
N SER A 636 -29.54 -7.83 -8.46
CA SER A 636 -28.45 -8.53 -9.12
C SER A 636 -27.36 -8.92 -8.12
N GLN A 637 -27.03 -8.01 -7.19
CA GLN A 637 -26.08 -8.36 -6.13
C GLN A 637 -26.59 -9.54 -5.31
N LEU A 638 -27.88 -9.54 -4.99
CA LEU A 638 -28.44 -10.60 -4.17
C LEU A 638 -28.51 -11.91 -4.94
N THR A 639 -28.77 -11.83 -6.24
CA THR A 639 -28.79 -13.04 -7.06
C THR A 639 -27.40 -13.66 -7.12
N CYS A 640 -26.37 -12.83 -7.21
CA CYS A 640 -25.00 -13.34 -7.21
C CYS A 640 -24.64 -13.89 -5.83
N LEU A 641 -25.08 -13.21 -4.78
CA LEU A 641 -24.87 -13.68 -3.43
C LEU A 641 -25.58 -15.01 -3.18
N GLY A 642 -26.68 -15.25 -3.88
CA GLY A 642 -27.46 -16.46 -3.72
C GLY A 642 -28.64 -16.38 -2.79
N CYS A 643 -29.26 -15.20 -2.64
CA CYS A 643 -30.39 -15.00 -1.73
C CYS A 643 -31.60 -14.55 -2.55
N LEU A 644 -32.17 -15.48 -3.32
CA LEU A 644 -33.30 -15.14 -4.16
C LEU A 644 -34.52 -14.79 -3.33
N GLU A 645 -34.57 -15.31 -2.10
CA GLU A 645 -35.72 -15.11 -1.25
C GLU A 645 -35.85 -13.67 -0.76
N LEU A 646 -34.82 -12.85 -0.95
CA LEU A 646 -34.86 -11.45 -0.53
C LEU A 646 -35.30 -10.51 -1.64
N ILE A 647 -35.60 -11.02 -2.83
CA ILE A 647 -36.00 -10.22 -3.97
C ILE A 647 -37.52 -10.24 -4.11
N ALA A 648 -38.15 -9.07 -4.07
CA ALA A 648 -39.60 -8.97 -4.09
C ALA A 648 -40.12 -8.60 -5.48
N LYS A 649 -41.24 -9.22 -5.87
CA LYS A 649 -41.84 -8.95 -7.17
C LYS A 649 -42.78 -7.76 -7.17
N ASN A 650 -43.22 -7.31 -6.00
CA ASN A 650 -44.14 -6.18 -5.90
C ASN A 650 -44.04 -5.63 -4.48
N ARG A 651 -44.73 -4.51 -4.23
CA ARG A 651 -44.62 -3.82 -2.96
C ARG A 651 -45.13 -4.67 -1.80
N GLN A 652 -46.20 -5.44 -2.03
CA GLN A 652 -46.76 -6.28 -0.99
C GLN A 652 -45.77 -7.38 -0.59
N GLU A 653 -45.12 -8.00 -1.58
CA GLU A 653 -44.13 -9.03 -1.25
C GLU A 653 -42.94 -8.44 -0.51
N TYR A 654 -42.53 -7.23 -0.89
CA TYR A 654 -41.47 -6.52 -0.18
C TYR A 654 -41.82 -6.35 1.29
N GLU A 655 -43.04 -5.88 1.58
CA GLU A 655 -43.47 -5.76 2.97
C GLU A 655 -43.49 -7.12 3.65
N ASP A 656 -44.07 -8.13 3.01
CA ASP A 656 -44.17 -9.47 3.60
C ASP A 656 -42.80 -10.04 3.92
N ILE A 657 -41.85 -9.88 3.01
CA ILE A 657 -40.50 -10.39 3.24
C ILE A 657 -39.88 -9.67 4.44
N ALA A 658 -39.95 -8.35 4.44
CA ALA A 658 -39.39 -7.56 5.54
C ALA A 658 -40.04 -7.93 6.88
N VAL A 659 -41.35 -8.10 6.90
CA VAL A 659 -42.02 -8.41 8.16
C VAL A 659 -41.64 -9.81 8.62
N LYS A 660 -41.53 -10.75 7.68
CA LYS A 660 -41.13 -12.11 8.06
C LYS A 660 -39.73 -12.11 8.67
N LEU A 661 -38.79 -11.36 8.08
CA LEU A 661 -37.45 -11.28 8.66
C LEU A 661 -37.49 -10.66 10.06
N GLY A 662 -38.38 -9.69 10.28
CA GLY A 662 -38.46 -9.05 11.58
C GLY A 662 -39.25 -9.80 12.64
N THR A 663 -39.98 -10.85 12.27
CA THR A 663 -40.82 -11.55 13.24
C THR A 663 -40.53 -13.03 13.35
N ASP A 664 -40.06 -13.67 12.27
CA ASP A 664 -39.68 -15.08 12.30
C ASP A 664 -38.20 -15.11 12.66
N LEU A 665 -37.91 -15.13 13.97
CA LEU A 665 -36.53 -14.93 14.41
C LEU A 665 -35.63 -16.09 14.03
N GLU A 666 -36.18 -17.31 13.88
CA GLU A 666 -35.38 -18.41 13.38
C GLU A 666 -35.07 -18.23 11.90
N TYR A 667 -36.03 -17.70 11.13
CA TYR A 667 -35.77 -17.41 9.73
C TYR A 667 -34.70 -16.34 9.60
N LEU A 668 -34.81 -15.28 10.41
CA LEU A 668 -33.81 -14.22 10.40
C LEU A 668 -32.41 -14.78 10.65
N LYS A 669 -32.27 -15.68 11.61
CA LYS A 669 -30.95 -16.23 11.89
C LYS A 669 -30.41 -17.02 10.70
N LYS A 670 -31.28 -17.81 10.05
CA LYS A 670 -30.88 -18.56 8.86
C LYS A 670 -30.38 -17.62 7.76
N VAL A 671 -31.17 -16.59 7.43
CA VAL A 671 -30.81 -15.69 6.33
C VAL A 671 -29.55 -14.91 6.67
N ARG A 672 -29.41 -14.45 7.91
CA ARG A 672 -28.20 -13.74 8.30
C ARG A 672 -26.98 -14.66 8.26
N GLY A 673 -27.15 -15.93 8.62
CA GLY A 673 -26.06 -16.88 8.44
C GLY A 673 -25.73 -17.09 6.97
N LYS A 674 -26.76 -17.14 6.11
CA LYS A 674 -26.54 -17.33 4.69
C LYS A 674 -25.74 -16.18 4.10
N VAL A 675 -26.18 -14.94 4.36
CA VAL A 675 -25.46 -13.75 3.86
C VAL A 675 -24.03 -13.73 4.40
N TRP A 676 -23.88 -13.96 5.71
CA TRP A 676 -22.56 -13.94 6.34
C TRP A 676 -21.59 -14.90 5.65
N LYS A 677 -22.04 -16.11 5.31
CA LYS A 677 -21.17 -17.09 4.66
C LYS A 677 -20.96 -16.78 3.19
N GLN A 678 -22.05 -16.46 2.46
CA GLN A 678 -22.00 -16.32 1.01
CA GLN A 678 -21.94 -16.37 1.02
C GLN A 678 -21.24 -15.09 0.55
N ARG A 679 -21.07 -14.08 1.41
CA ARG A 679 -20.26 -12.96 0.96
C ARG A 679 -18.81 -13.38 0.75
N ILE A 680 -18.40 -14.52 1.30
CA ILE A 680 -17.09 -15.10 1.06
C ILE A 680 -17.11 -16.14 -0.05
N SER A 681 -18.08 -17.06 0.00
CA SER A 681 -18.07 -18.22 -0.91
C SER A 681 -18.72 -17.95 -2.26
N SER A 682 -19.52 -16.89 -2.40
CA SER A 682 -20.11 -16.53 -3.68
C SER A 682 -19.11 -15.71 -4.48
N PRO A 683 -19.41 -15.40 -5.76
CA PRO A 683 -18.51 -14.53 -6.52
C PRO A 683 -18.58 -13.05 -6.16
N LEU A 684 -19.51 -12.63 -5.29
CA LEU A 684 -19.87 -11.21 -5.20
C LEU A 684 -18.66 -10.32 -4.89
N PHE A 685 -17.81 -10.75 -3.95
CA PHE A 685 -16.68 -9.94 -3.51
C PHE A 685 -15.35 -10.50 -3.98
N ASN A 686 -15.36 -11.42 -4.95
CA ASN A 686 -14.17 -12.10 -5.42
C ASN A 686 -13.61 -11.32 -6.61
N THR A 687 -12.71 -10.39 -6.33
CA THR A 687 -12.21 -9.49 -7.37
C THR A 687 -11.35 -10.24 -8.41
N LYS A 688 -10.63 -11.27 -7.98
CA LYS A 688 -9.86 -12.05 -8.94
C LYS A 688 -10.77 -12.76 -9.93
N GLN A 689 -11.84 -13.39 -9.43
CA GLN A 689 -12.78 -14.04 -10.34
C GLN A 689 -13.43 -13.01 -11.26
N TYR A 690 -13.80 -11.86 -10.71
CA TYR A 690 -14.43 -10.82 -11.52
C TYR A 690 -13.52 -10.38 -12.67
N THR A 691 -12.25 -10.11 -12.35
CA THR A 691 -11.32 -9.69 -13.40
C THR A 691 -11.22 -10.73 -14.50
N MET A 692 -11.15 -12.01 -14.13
CA MET A 692 -11.00 -13.05 -15.13
C MET A 692 -12.24 -13.16 -16.01
N GLU A 693 -13.42 -12.99 -15.43
CA GLU A 693 -14.63 -12.97 -16.24
C GLU A 693 -14.70 -11.70 -17.08
N LEU A 694 -14.26 -10.57 -16.53
CA LEU A 694 -14.16 -9.34 -17.31
C LEU A 694 -13.20 -9.53 -18.48
N GLU A 695 -12.11 -10.27 -18.27
CA GLU A 695 -11.16 -10.53 -19.33
C GLU A 695 -11.76 -11.44 -20.40
N ARG A 696 -12.53 -12.45 -19.98
CA ARG A 696 -13.23 -13.31 -20.93
C ARG A 696 -14.18 -12.49 -21.81
N LEU A 697 -14.85 -11.51 -21.22
CA LEU A 697 -15.79 -10.68 -21.97
C LEU A 697 -15.06 -9.76 -22.94
N TYR A 698 -13.91 -9.23 -22.53
CA TYR A 698 -13.10 -8.39 -23.41
C TYR A 698 -12.72 -9.15 -24.68
N LEU A 699 -12.21 -10.37 -24.53
CA LEU A 699 -11.78 -11.13 -25.70
C LEU A 699 -12.94 -11.48 -26.61
N GLN A 700 -14.14 -11.67 -26.05
CA GLN A 700 -15.31 -11.87 -26.89
C GLN A 700 -15.59 -10.63 -27.73
N MET A 701 -15.49 -9.44 -27.11
CA MET A 701 -15.63 -8.21 -27.86
C MET A 701 -14.59 -8.11 -28.96
N TRP A 702 -13.33 -8.40 -28.63
CA TRP A 702 -12.25 -8.21 -29.59
C TRP A 702 -12.36 -9.20 -30.75
N GLU A 703 -12.51 -10.50 -30.44
CA GLU A 703 -12.58 -11.50 -31.50
C GLU A 703 -13.79 -11.28 -32.40
N HIS A 704 -14.87 -10.71 -31.84
CA HIS A 704 -16.02 -10.32 -32.65
C HIS A 704 -15.65 -9.18 -33.60
N TYR A 705 -14.93 -8.18 -33.09
CA TYR A 705 -14.50 -7.07 -33.93
C TYR A 705 -13.41 -7.51 -34.91
N ALA A 706 -12.45 -8.31 -34.44
CA ALA A 706 -11.34 -8.73 -35.30
C ALA A 706 -11.83 -9.53 -36.50
N ALA A 707 -12.90 -10.30 -36.33
CA ALA A 707 -13.52 -11.03 -37.44
C ALA A 707 -14.27 -10.11 -38.39
N GLY A 708 -14.31 -8.80 -38.12
CA GLY A 708 -14.95 -7.85 -39.01
C GLY A 708 -16.41 -7.59 -38.77
N ASN A 709 -16.92 -7.86 -37.58
CA ASN A 709 -18.32 -7.66 -37.27
C ASN A 709 -18.51 -6.37 -36.46
N LYS A 710 -19.67 -5.76 -36.62
CA LYS A 710 -20.08 -4.65 -35.79
C LYS A 710 -20.61 -5.16 -34.46
N PRO A 711 -20.60 -4.32 -33.41
CA PRO A 711 -20.96 -4.82 -32.08
C PRO A 711 -22.35 -5.45 -32.03
N ASP A 712 -22.44 -6.55 -31.28
CA ASP A 712 -23.69 -7.27 -31.08
C ASP A 712 -23.76 -7.69 -29.63
N HIS A 713 -24.97 -8.07 -29.20
CA HIS A 713 -25.18 -8.46 -27.80
C HIS A 713 -24.35 -9.70 -27.45
N MET A 714 -23.66 -9.62 -26.31
CA MET A 714 -22.86 -10.72 -25.76
C MET A 714 -23.58 -11.19 -24.50
N ILE A 715 -24.53 -12.13 -24.67
CA ILE A 715 -25.44 -12.49 -23.59
C ILE A 715 -25.38 -13.98 -23.26
N LYS A 716 -24.26 -14.62 -23.52
CA LYS A 716 -24.08 -16.03 -23.17
C LYS A 716 -22.70 -16.29 -22.58
N TYR B 1 -18.71 13.10 5.55
CA TYR B 1 -19.12 13.03 6.96
C TYR B 1 -18.76 14.32 7.66
N PRO B 2 -19.49 14.66 8.73
CA PRO B 2 -19.24 15.94 9.40
C PRO B 2 -17.82 15.99 9.96
N GLY B 3 -17.06 16.97 9.49
CA GLY B 3 -15.64 17.04 9.81
C GLY B 3 -14.72 16.51 8.74
N GLY B 4 -15.26 15.96 7.66
CA GLY B 4 -14.45 15.44 6.57
C GLY B 4 -15.23 15.53 5.29
N SER B 5 -15.08 14.52 4.43
CA SER B 5 -15.83 14.49 3.18
C SER B 5 -16.22 13.06 2.87
N THR B 6 -17.42 12.91 2.31
CA THR B 6 -17.90 11.62 1.81
C THR B 6 -18.21 11.80 0.33
N PRO B 7 -17.31 11.39 -0.55
CA PRO B 7 -17.58 11.50 -1.99
C PRO B 7 -18.66 10.52 -2.40
N VAL B 8 -19.45 10.94 -3.38
CA VAL B 8 -20.59 10.19 -3.88
C VAL B 8 -20.59 10.30 -5.40
N SER B 9 -21.47 9.52 -6.02
CA SER B 9 -21.75 9.62 -7.46
C SER B 9 -22.67 10.83 -7.70
N SER B 10 -22.23 11.76 -8.54
CA SER B 10 -22.98 12.98 -8.80
C SER B 10 -22.85 13.36 -10.26
N ALA B 11 -23.86 14.11 -10.70
CA ALA B 11 -23.99 14.47 -12.10
C ALA B 11 -22.90 15.47 -12.47
N ASN B 12 -22.59 15.52 -13.76
CA ASN B 12 -21.70 16.54 -14.26
C ASN B 12 -22.49 17.80 -14.60
N MET B 13 -21.77 18.90 -14.80
CA MET B 13 -22.42 20.17 -15.09
C MET B 13 -22.94 20.18 -16.53
N MET B 14 -23.96 21.00 -16.76
CA MET B 14 -24.50 21.18 -18.11
C MET B 14 -25.04 22.60 -18.30
N ALA C 24 45.00 24.82 19.37
CA ALA C 24 45.64 24.12 18.26
C ALA C 24 45.29 24.77 16.93
N VAL C 25 43.99 24.92 16.67
CA VAL C 25 43.56 25.54 15.42
C VAL C 25 43.89 27.02 15.40
N ARG C 26 43.61 27.72 16.51
CA ARG C 26 43.92 29.15 16.58
C ARG C 26 45.42 29.40 16.52
N LEU C 27 46.23 28.47 17.06
CA LEU C 27 47.67 28.61 16.97
C LEU C 27 48.18 28.32 15.56
N TYR C 28 47.54 27.36 14.88
CA TYR C 28 47.92 27.05 13.51
C TYR C 28 47.62 28.21 12.57
N ARG C 29 46.42 28.80 12.69
CA ARG C 29 46.06 29.92 11.81
C ARG C 29 46.98 31.11 12.01
N LYS C 30 47.45 31.32 13.25
CA LYS C 30 48.42 32.39 13.48
C LYS C 30 49.75 32.08 12.81
N ALA C 31 50.14 30.81 12.79
CA ALA C 31 51.36 30.41 12.08
C ALA C 31 51.23 30.62 10.58
N LEU C 32 50.01 30.50 10.04
CA LEU C 32 49.79 30.80 8.63
C LEU C 32 49.70 32.29 8.38
N GLU C 33 49.18 33.05 9.35
CA GLU C 33 49.19 34.50 9.26
C GLU C 33 50.63 35.04 9.27
N VAL C 34 51.54 34.31 9.90
CA VAL C 34 52.95 34.70 9.95
C VAL C 34 53.71 34.15 8.75
N PHE C 35 53.57 32.86 8.47
CA PHE C 35 54.29 32.19 7.39
C PHE C 35 53.25 31.42 6.57
N PRO C 36 52.74 32.01 5.50
CA PRO C 36 51.70 31.32 4.71
C PRO C 36 52.22 30.15 3.88
N GLU C 37 53.54 30.05 3.67
CA GLU C 37 54.12 28.98 2.84
C GLU C 37 54.64 27.83 3.69
N PHE C 38 53.95 27.50 4.78
CA PHE C 38 54.34 26.39 5.66
C PHE C 38 53.52 25.18 5.24
N ALA C 39 54.10 24.35 4.37
CA ALA C 39 53.39 23.18 3.85
C ALA C 39 53.10 22.18 4.95
N ALA C 40 54.08 21.93 5.83
CA ALA C 40 53.86 20.98 6.92
C ALA C 40 52.78 21.47 7.88
N ALA C 41 52.70 22.79 8.10
CA ALA C 41 51.68 23.31 9.01
C ALA C 41 50.27 23.23 8.41
N HIS C 42 50.15 23.48 7.10
CA HIS C 42 48.86 23.31 6.44
C HIS C 42 48.37 21.87 6.57
N SER C 43 49.24 20.91 6.29
CA SER C 43 48.84 19.51 6.33
C SER C 43 48.51 19.05 7.75
N ASN C 44 49.20 19.61 8.75
CA ASN C 44 48.88 19.27 10.13
C ASN C 44 47.57 19.92 10.57
N LEU C 45 47.33 21.16 10.11
CA LEU C 45 46.09 21.84 10.45
C LEU C 45 44.89 21.17 9.77
N ALA C 46 45.07 20.70 8.53
CA ALA C 46 43.97 20.02 7.84
C ALA C 46 43.63 18.69 8.52
N SER C 47 44.65 17.95 8.95
CA SER C 47 44.41 16.68 9.64
C SER C 47 43.61 16.90 10.92
N VAL C 48 43.90 17.97 11.64
CA VAL C 48 43.15 18.29 12.85
C VAL C 48 41.71 18.69 12.51
N LEU C 49 41.54 19.52 11.47
CA LEU C 49 40.20 19.89 11.05
C LEU C 49 39.41 18.67 10.59
N GLN C 50 40.09 17.71 9.95
CA GLN C 50 39.42 16.48 9.56
C GLN C 50 38.90 15.71 10.76
N GLN C 51 39.71 15.63 11.82
CA GLN C 51 39.28 14.90 13.02
C GLN C 51 38.07 15.56 13.66
N GLN C 52 37.97 16.88 13.58
CA GLN C 52 36.82 17.60 14.14
C GLN C 52 35.56 17.42 13.32
N GLY C 53 35.66 16.84 12.12
CA GLY C 53 34.53 16.74 11.23
C GLY C 53 34.39 17.88 10.24
N LYS C 54 35.26 18.89 10.31
CA LYS C 54 35.21 20.01 9.37
C LYS C 54 35.95 19.60 8.10
N LEU C 55 35.27 18.77 7.30
CA LEU C 55 35.92 18.15 6.15
C LEU C 55 36.15 19.13 5.00
N GLN C 56 35.26 20.10 4.81
CA GLN C 56 35.46 21.10 3.76
C GLN C 56 36.60 22.05 4.12
N GLU C 57 36.68 22.48 5.38
CA GLU C 57 37.83 23.28 5.81
C GLU C 57 39.12 22.49 5.69
N ALA C 58 39.11 21.22 6.08
CA ALA C 58 40.30 20.38 5.97
C ALA C 58 40.76 20.28 4.52
N LEU C 59 39.83 20.27 3.57
CA LEU C 59 40.17 20.16 2.17
C LEU C 59 40.94 21.40 1.68
N MET C 60 40.64 22.58 2.24
CA MET C 60 41.32 23.80 1.83
C MET C 60 42.81 23.73 2.11
N HIS C 61 43.18 23.23 3.30
CA HIS C 61 44.59 23.25 3.69
C HIS C 61 45.37 22.12 3.05
N TYR C 62 44.71 20.98 2.81
CA TYR C 62 45.35 19.91 2.05
C TYR C 62 45.76 20.39 0.67
N LYS C 63 44.90 21.21 0.04
CA LYS C 63 45.21 21.74 -1.28
C LYS C 63 46.36 22.74 -1.25
N GLU C 64 46.47 23.53 -0.17
CA GLU C 64 47.63 24.40 -0.03
C GLU C 64 48.91 23.60 0.14
N ALA C 65 48.87 22.58 1.00
CA ALA C 65 50.09 21.81 1.27
C ALA C 65 50.64 21.19 0.00
N ILE C 66 49.78 20.58 -0.82
CA ILE C 66 50.27 19.92 -2.02
C ILE C 66 50.70 20.91 -3.08
N ARG C 67 50.21 22.16 -3.03
CA ARG C 67 50.67 23.16 -3.98
C ARG C 67 52.08 23.64 -3.62
N ILE C 68 52.31 23.89 -2.34
CA ILE C 68 53.62 24.35 -1.88
C ILE C 68 54.69 23.30 -2.17
N SER C 69 54.35 22.04 -1.97
CA SER C 69 55.29 20.92 -2.21
C SER C 69 54.60 19.92 -3.12
N PRO C 70 54.84 19.99 -4.44
CA PRO C 70 54.18 19.02 -5.35
C PRO C 70 54.55 17.57 -5.10
N THR C 71 55.57 17.30 -4.29
CA THR C 71 56.02 15.96 -3.99
C THR C 71 55.62 15.51 -2.58
N PHE C 72 54.55 16.10 -2.04
CA PHE C 72 54.11 15.84 -0.67
C PHE C 72 53.11 14.68 -0.66
N ALA C 73 53.66 13.46 -0.71
CA ALA C 73 52.80 12.28 -0.85
C ALA C 73 51.88 12.11 0.35
N ASP C 74 52.38 12.39 1.56
CA ASP C 74 51.60 12.19 2.77
C ASP C 74 50.35 13.06 2.78
N ALA C 75 50.44 14.25 2.19
CA ALA C 75 49.28 15.13 2.16
C ALA C 75 48.24 14.63 1.16
N TYR C 76 48.67 14.09 0.03
CA TYR C 76 47.74 13.51 -0.92
C TYR C 76 46.98 12.33 -0.30
N SER C 77 47.70 11.49 0.45
CA SER C 77 47.05 10.35 1.09
C SER C 77 46.02 10.80 2.12
N ASN C 78 46.41 11.72 2.98
CA ASN C 78 45.47 12.22 3.99
C ASN C 78 44.32 12.97 3.35
N MET C 79 44.58 13.67 2.25
CA MET C 79 43.49 14.32 1.53
C MET C 79 42.54 13.28 0.97
N GLY C 80 43.07 12.16 0.49
CA GLY C 80 42.22 11.08 0.01
C GLY C 80 41.33 10.52 1.10
N ASN C 81 41.87 10.39 2.32
CA ASN C 81 41.05 9.97 3.46
C ASN C 81 39.86 10.90 3.66
N THR C 82 40.07 12.19 3.49
CA THR C 82 39.00 13.15 3.68
C THR C 82 37.95 13.05 2.57
N LEU C 83 38.41 12.96 1.31
CA LEU C 83 37.47 12.78 0.21
C LEU C 83 36.67 11.47 0.35
N LYS C 84 37.31 10.42 0.85
CA LYS C 84 36.59 9.19 1.13
C LYS C 84 35.44 9.45 2.10
N GLU C 85 35.75 10.12 3.22
CA GLU C 85 34.74 10.40 4.23
C GLU C 85 33.64 11.32 3.70
N MET C 86 33.98 12.17 2.72
CA MET C 86 32.99 13.02 2.07
C MET C 86 32.20 12.30 0.99
N GLN C 87 32.44 11.00 0.80
CA GLN C 87 31.78 10.16 -0.20
C GLN C 87 32.22 10.48 -1.62
N ASP C 88 33.36 11.13 -1.81
CA ASP C 88 33.92 11.34 -3.14
C ASP C 88 34.96 10.25 -3.38
N VAL C 89 34.46 9.09 -3.82
CA VAL C 89 35.32 7.92 -3.95
C VAL C 89 36.33 8.12 -5.08
N GLN C 90 35.88 8.66 -6.21
CA GLN C 90 36.80 8.87 -7.34
C GLN C 90 37.87 9.89 -6.99
N GLY C 91 37.49 10.96 -6.29
CA GLY C 91 38.48 11.92 -5.83
C GLY C 91 39.49 11.29 -4.89
N ALA C 92 39.03 10.47 -3.95
CA ALA C 92 39.94 9.79 -3.04
C ALA C 92 40.91 8.90 -3.80
N LEU C 93 40.42 8.21 -4.84
CA LEU C 93 41.29 7.32 -5.59
C LEU C 93 42.36 8.10 -6.36
N GLN C 94 42.01 9.29 -6.86
CA GLN C 94 43.01 10.13 -7.52
C GLN C 94 44.09 10.55 -6.54
N CYS C 95 43.70 10.92 -5.32
CA CYS C 95 44.67 11.34 -4.31
C CYS C 95 45.58 10.20 -3.90
N TYR C 96 45.02 9.01 -3.65
CA TYR C 96 45.85 7.86 -3.31
C TYR C 96 46.79 7.51 -4.46
N THR C 97 46.27 7.54 -5.68
CA THR C 97 47.09 7.25 -6.86
C THR C 97 48.24 8.24 -6.99
N ARG C 98 47.97 9.52 -6.77
CA ARG C 98 49.05 10.50 -6.83
C ARG C 98 50.08 10.25 -5.73
N ALA C 99 49.63 9.85 -4.54
CA ALA C 99 50.58 9.57 -3.46
C ALA C 99 51.51 8.44 -3.83
N ILE C 100 50.96 7.35 -4.39
CA ILE C 100 51.79 6.22 -4.81
C ILE C 100 52.72 6.61 -5.96
N GLN C 101 52.29 7.50 -6.86
CA GLN C 101 53.16 7.91 -7.95
C GLN C 101 54.33 8.75 -7.43
N ILE C 102 54.06 9.61 -6.46
CA ILE C 102 55.12 10.42 -5.86
C ILE C 102 56.09 9.54 -5.07
N ASN C 103 55.57 8.54 -4.36
CA ASN C 103 56.40 7.68 -3.51
C ASN C 103 55.90 6.25 -3.66
N PRO C 104 56.51 5.46 -4.56
CA PRO C 104 56.06 4.07 -4.74
C PRO C 104 56.25 3.20 -3.51
N ALA C 105 57.06 3.64 -2.55
CA ALA C 105 57.29 2.88 -1.33
C ALA C 105 56.38 3.32 -0.19
N PHE C 106 55.35 4.12 -0.49
CA PHE C 106 54.46 4.66 0.53
C PHE C 106 53.44 3.59 0.88
N ALA C 107 53.69 2.86 1.98
CA ALA C 107 52.85 1.71 2.32
C ALA C 107 51.42 2.13 2.65
N ASP C 108 51.26 3.20 3.45
CA ASP C 108 49.94 3.65 3.86
C ASP C 108 49.06 3.98 2.65
N ALA C 109 49.63 4.62 1.63
CA ALA C 109 48.83 4.98 0.47
C ALA C 109 48.34 3.75 -0.27
N HIS C 110 49.19 2.73 -0.40
CA HIS C 110 48.75 1.47 -0.98
C HIS C 110 47.63 0.84 -0.17
N SER C 111 47.76 0.87 1.15
CA SER C 111 46.69 0.33 1.99
C SER C 111 45.39 1.10 1.79
N ASN C 112 45.48 2.43 1.69
CA ASN C 112 44.27 3.22 1.48
C ASN C 112 43.66 2.93 0.12
N LEU C 113 44.49 2.78 -0.92
CA LEU C 113 43.97 2.40 -2.23
C LEU C 113 43.31 1.02 -2.18
N ALA C 114 43.90 0.08 -1.43
CA ALA C 114 43.27 -1.24 -1.28
C ALA C 114 41.87 -1.11 -0.69
N SER C 115 41.70 -0.23 0.29
CA SER C 115 40.39 -0.08 0.94
C SER C 115 39.34 0.49 -0.01
N ILE C 116 39.77 1.30 -0.99
CA ILE C 116 38.83 1.77 -2.01
C ILE C 116 38.38 0.60 -2.88
N HIS C 117 39.32 -0.23 -3.31
CA HIS C 117 38.95 -1.43 -4.06
C HIS C 117 38.05 -2.34 -3.25
N LYS C 118 38.37 -2.50 -1.96
CA LYS C 118 37.56 -3.35 -1.08
C LYS C 118 36.15 -2.81 -0.95
N ASP C 119 36.02 -1.54 -0.55
CA ASP C 119 34.70 -0.95 -0.38
C ASP C 119 33.92 -0.92 -1.68
N SER C 120 34.61 -0.98 -2.82
CA SER C 120 33.97 -0.97 -4.12
C SER C 120 33.66 -2.37 -4.64
N GLY C 121 33.99 -3.41 -3.89
CA GLY C 121 33.67 -4.77 -4.29
C GLY C 121 34.77 -5.49 -5.05
N ASN C 122 35.91 -4.85 -5.30
CA ASN C 122 36.98 -5.43 -6.11
C ASN C 122 38.01 -6.07 -5.19
N ILE C 123 37.63 -7.23 -4.63
CA ILE C 123 38.49 -7.89 -3.64
C ILE C 123 39.83 -8.31 -4.22
N PRO C 124 39.93 -8.91 -5.41
CA PRO C 124 41.26 -9.29 -5.94
C PRO C 124 42.20 -8.12 -6.08
N GLU C 125 41.69 -6.93 -6.41
CA GLU C 125 42.54 -5.75 -6.49
C GLU C 125 42.88 -5.23 -5.10
N ALA C 126 41.92 -5.29 -4.17
CA ALA C 126 42.19 -4.89 -2.79
C ALA C 126 43.26 -5.79 -2.17
N ILE C 127 43.16 -7.11 -2.38
CA ILE C 127 44.16 -8.04 -1.85
C ILE C 127 45.55 -7.70 -2.39
N ALA C 128 45.65 -7.37 -3.68
CA ALA C 128 46.95 -7.09 -4.28
C ALA C 128 47.58 -5.83 -3.67
N SER C 129 46.78 -4.77 -3.49
CA SER C 129 47.31 -3.54 -2.92
C SER C 129 47.63 -3.69 -1.44
N TYR C 130 46.88 -4.50 -0.70
CA TYR C 130 47.25 -4.79 0.68
C TYR C 130 48.55 -5.57 0.76
N ARG C 131 48.76 -6.51 -0.17
CA ARG C 131 50.01 -7.28 -0.15
C ARG C 131 51.20 -6.40 -0.51
N THR C 132 51.02 -5.44 -1.43
CA THR C 132 52.09 -4.48 -1.68
C THR C 132 52.40 -3.65 -0.44
N ALA C 133 51.36 -3.17 0.25
CA ALA C 133 51.56 -2.41 1.49
C ALA C 133 52.35 -3.22 2.51
N LEU C 134 51.98 -4.49 2.72
CA LEU C 134 52.67 -5.33 3.68
C LEU C 134 54.08 -5.70 3.21
N LYS C 135 54.29 -5.76 1.89
CA LYS C 135 55.65 -5.98 1.40
C LYS C 135 56.53 -4.78 1.71
N LEU C 136 55.98 -3.57 1.61
CA LEU C 136 56.73 -2.37 1.93
C LEU C 136 56.89 -2.21 3.44
N LYS C 137 55.87 -2.60 4.21
CA LYS C 137 55.89 -2.44 5.66
C LYS C 137 55.30 -3.69 6.31
N PRO C 138 56.15 -4.67 6.66
CA PRO C 138 55.63 -5.94 7.19
C PRO C 138 54.86 -5.80 8.49
N ASP C 139 55.20 -4.84 9.34
CA ASP C 139 54.49 -4.56 10.59
C ASP C 139 53.49 -3.46 10.28
N PHE C 140 52.26 -3.86 9.94
CA PHE C 140 51.24 -2.93 9.48
C PHE C 140 49.87 -3.52 9.83
N PRO C 141 49.42 -3.31 11.08
CA PRO C 141 48.18 -3.98 11.53
C PRO C 141 46.97 -3.65 10.69
N ASP C 142 46.79 -2.39 10.29
CA ASP C 142 45.60 -2.04 9.51
C ASP C 142 45.55 -2.80 8.19
N ALA C 143 46.69 -2.88 7.49
CA ALA C 143 46.71 -3.59 6.22
C ALA C 143 46.55 -5.09 6.41
N TYR C 144 47.22 -5.67 7.43
CA TYR C 144 47.12 -7.10 7.64
C TYR C 144 45.69 -7.51 8.00
N CYS C 145 45.05 -6.75 8.89
CA CYS C 145 43.70 -7.11 9.32
C CYS C 145 42.69 -6.90 8.21
N ASN C 146 42.83 -5.83 7.43
CA ASN C 146 41.92 -5.63 6.30
C ASN C 146 42.17 -6.66 5.21
N LEU C 147 43.41 -7.08 5.03
CA LEU C 147 43.67 -8.19 4.11
C LEU C 147 43.04 -9.48 4.62
N ALA C 148 43.14 -9.72 5.93
CA ALA C 148 42.48 -10.89 6.51
C ALA C 148 40.99 -10.91 6.21
N HIS C 149 40.33 -9.76 6.30
CA HIS C 149 38.90 -9.75 6.02
C HIS C 149 38.62 -9.97 4.54
N CYS C 150 39.46 -9.43 3.67
CA CYS C 150 39.33 -9.70 2.23
C CYS C 150 39.38 -11.20 1.97
N LEU C 151 40.37 -11.87 2.56
CA LEU C 151 40.53 -13.30 2.35
C LEU C 151 39.34 -14.08 2.93
N GLN C 152 38.76 -13.58 4.02
CA GLN C 152 37.58 -14.20 4.58
C GLN C 152 36.41 -14.13 3.62
N ILE C 153 36.25 -12.98 2.96
CA ILE C 153 35.12 -12.74 2.06
C ILE C 153 35.10 -13.74 0.91
N VAL C 154 36.29 -14.09 0.40
CA VAL C 154 36.39 -14.96 -0.79
C VAL C 154 36.80 -16.38 -0.42
N CYS C 155 36.87 -16.69 0.88
CA CYS C 155 37.19 -18.04 1.35
C CYS C 155 38.57 -18.50 0.90
N ASP C 156 39.52 -17.57 0.95
CA ASP C 156 40.93 -17.90 0.80
C ASP C 156 41.45 -18.25 2.19
N TRP C 157 41.67 -19.54 2.43
CA TRP C 157 42.12 -20.03 3.72
C TRP C 157 43.58 -20.45 3.70
N THR C 158 44.41 -19.77 2.90
CA THR C 158 45.84 -20.07 2.91
C THR C 158 46.44 -19.67 4.26
N ASP C 159 47.12 -20.62 4.90
CA ASP C 159 47.74 -20.41 6.21
C ASP C 159 46.74 -19.84 7.21
N TYR C 160 45.55 -20.45 7.23
CA TYR C 160 44.43 -19.89 7.99
C TYR C 160 44.72 -19.88 9.48
N ASP C 161 45.18 -21.02 10.02
CA ASP C 161 45.45 -21.12 11.45
C ASP C 161 46.48 -20.10 11.90
N GLU C 162 47.57 -19.97 11.14
CA GLU C 162 48.58 -18.96 11.45
C GLU C 162 48.00 -17.55 11.31
N ARG C 163 47.13 -17.34 10.33
CA ARG C 163 46.50 -16.04 10.16
C ARG C 163 45.68 -15.65 11.38
N MET C 164 44.85 -16.58 11.88
CA MET C 164 44.04 -16.29 13.05
C MET C 164 44.91 -16.00 14.27
N LYS C 165 46.00 -16.75 14.44
CA LYS C 165 46.90 -16.52 15.57
C LYS C 165 47.51 -15.12 15.51
N LYS C 166 47.86 -14.66 14.30
CA LYS C 166 48.45 -13.34 14.18
C LYS C 166 47.42 -12.24 14.42
N LEU C 167 46.17 -12.45 14.00
CA LEU C 167 45.11 -11.47 14.26
C LEU C 167 44.89 -11.30 15.75
N VAL C 168 44.85 -12.42 16.49
CA VAL C 168 44.73 -12.37 17.95
C VAL C 168 45.93 -11.64 18.55
N SER C 169 47.12 -11.96 18.06
CA SER C 169 48.33 -11.31 18.57
CA SER C 169 48.33 -11.31 18.57
C SER C 169 48.30 -9.81 18.32
N ILE C 170 47.86 -9.40 17.12
CA ILE C 170 47.79 -7.98 16.79
C ILE C 170 46.82 -7.25 17.72
N VAL C 171 45.62 -7.81 17.91
CA VAL C 171 44.63 -7.18 18.78
C VAL C 171 45.16 -7.05 20.19
N ALA C 172 45.79 -8.12 20.71
CA ALA C 172 46.33 -8.08 22.06
C ALA C 172 47.37 -6.98 22.21
N ASP C 173 48.21 -6.78 21.19
CA ASP C 173 49.21 -5.73 21.24
C ASP C 173 48.57 -4.35 21.16
N GLN C 174 47.60 -4.17 20.27
CA GLN C 174 46.97 -2.87 20.13
C GLN C 174 46.16 -2.50 21.37
N LEU C 175 45.43 -3.47 21.93
CA LEU C 175 44.73 -3.21 23.18
C LEU C 175 45.70 -2.84 24.29
N GLU C 176 46.83 -3.54 24.37
CA GLU C 176 47.80 -3.30 25.43
C GLU C 176 48.43 -1.92 25.29
N LYS C 177 48.68 -1.49 24.06
CA LYS C 177 49.31 -0.20 23.80
C LYS C 177 48.30 0.92 23.62
N ASN C 178 47.05 0.70 24.02
CA ASN C 178 46.00 1.73 24.02
C ASN C 178 45.83 2.34 22.63
N ARG C 179 45.70 1.48 21.63
CA ARG C 179 45.43 1.91 20.27
C ARG C 179 44.14 1.26 19.79
N LEU C 180 43.44 1.96 18.89
CA LEU C 180 42.22 1.43 18.34
C LEU C 180 42.53 0.15 17.57
N PRO C 181 41.93 -0.98 17.94
CA PRO C 181 42.26 -2.24 17.25
C PRO C 181 41.97 -2.15 15.75
N SER C 182 42.83 -2.79 14.97
CA SER C 182 42.66 -2.85 13.52
C SER C 182 41.58 -3.83 13.09
N VAL C 183 41.10 -4.69 13.99
CA VAL C 183 39.97 -5.57 13.71
C VAL C 183 38.70 -4.81 14.02
N HIS C 184 37.81 -4.72 13.04
CA HIS C 184 36.55 -4.03 13.24
C HIS C 184 35.65 -4.85 14.17
N PRO C 185 34.89 -4.21 15.07
CA PRO C 185 34.06 -4.98 16.00
C PRO C 185 33.03 -5.88 15.33
N HIS C 186 32.52 -5.49 14.16
CA HIS C 186 31.58 -6.37 13.48
C HIS C 186 32.27 -7.62 12.96
N HIS C 187 33.55 -7.52 12.62
CA HIS C 187 34.30 -8.66 12.11
C HIS C 187 34.86 -9.55 13.20
N SER C 188 34.98 -9.04 14.43
CA SER C 188 35.64 -9.79 15.50
C SER C 188 34.92 -11.10 15.81
N MET C 189 33.64 -11.22 15.44
CA MET C 189 32.92 -12.47 15.62
C MET C 189 33.49 -13.59 14.76
N LEU C 190 34.23 -13.26 13.70
CA LEU C 190 34.73 -14.25 12.76
C LEU C 190 36.07 -14.85 13.17
N TYR C 191 36.75 -14.27 14.20
CA TYR C 191 38.10 -14.67 14.57
C TYR C 191 38.14 -15.24 15.98
N PRO C 192 39.07 -16.12 16.28
CA PRO C 192 39.00 -16.80 17.57
C PRO C 192 39.51 -15.93 18.71
N LEU C 193 39.00 -14.71 18.81
CA LEU C 193 39.33 -13.84 19.92
C LEU C 193 38.54 -14.24 21.16
N SER C 194 39.10 -13.96 22.32
CA SER C 194 38.35 -14.21 23.55
C SER C 194 37.18 -13.24 23.66
N HIS C 195 36.16 -13.65 24.43
CA HIS C 195 35.01 -12.77 24.65
CA HIS C 195 35.00 -12.78 24.64
C HIS C 195 35.44 -11.44 25.24
N GLY C 196 36.44 -11.47 26.14
CA GLY C 196 36.93 -10.23 26.71
C GLY C 196 37.61 -9.32 25.69
N PHE C 197 38.36 -9.92 24.75
CA PHE C 197 38.97 -9.14 23.68
C PHE C 197 37.91 -8.52 22.78
N ARG C 198 36.89 -9.29 22.41
CA ARG C 198 35.85 -8.76 21.54
C ARG C 198 35.13 -7.60 22.21
N LYS C 199 34.78 -7.74 23.49
CA LYS C 199 34.15 -6.64 24.20
C LYS C 199 35.08 -5.44 24.27
N ALA C 200 36.38 -5.67 24.47
CA ALA C 200 37.33 -4.56 24.56
C ALA C 200 37.45 -3.82 23.24
N ILE C 201 37.42 -4.55 22.12
CA ILE C 201 37.40 -3.90 20.81
C ILE C 201 36.18 -2.99 20.70
N ALA C 202 35.00 -3.54 21.00
CA ALA C 202 33.76 -2.75 20.92
C ALA C 202 33.83 -1.56 21.85
N GLU C 203 34.34 -1.77 23.08
CA GLU C 203 34.46 -0.68 24.03
CA GLU C 203 34.46 -0.68 24.03
C GLU C 203 35.34 0.44 23.48
N ARG C 204 36.40 0.08 22.75
CA ARG C 204 37.26 1.12 22.18
C ARG C 204 36.53 1.93 21.11
N HIS C 205 35.57 1.32 20.41
CA HIS C 205 34.81 2.08 19.41
C HIS C 205 33.77 2.96 20.07
N GLY C 206 33.18 2.48 21.16
CA GLY C 206 32.28 3.31 21.93
C GLY C 206 32.96 4.55 22.45
N ASN C 207 34.26 4.46 22.75
CA ASN C 207 35.00 5.62 23.24
C ASN C 207 35.31 6.61 22.12
N LEU C 208 35.44 6.13 20.89
CA LEU C 208 35.55 7.05 19.77
C LEU C 208 34.33 7.97 19.68
N CYS C 209 33.14 7.41 19.91
CA CYS C 209 31.93 8.22 19.90
C CYS C 209 31.89 9.20 21.07
N LEU C 210 32.26 8.73 22.28
CA LEU C 210 32.30 9.63 23.42
C LEU C 210 33.29 10.76 23.19
N ASP C 211 34.46 10.46 22.61
CA ASP C 211 35.44 11.50 22.33
C ASP C 211 34.91 12.51 21.32
N LYS C 212 34.10 12.06 20.37
CA LYS C 212 33.58 12.98 19.35
C LYS C 212 32.53 13.92 19.94
N ILE C 213 31.71 13.43 20.86
CA ILE C 213 30.66 14.28 21.44
C ILE C 213 31.16 15.06 22.65
N ASN C 214 32.24 14.63 23.31
CA ASN C 214 32.78 15.38 24.43
C ASN C 214 33.21 16.78 24.01
N VAL C 215 33.61 16.94 22.75
CA VAL C 215 34.03 18.26 22.27
C VAL C 215 32.86 19.20 22.11
N LEU C 216 31.63 18.68 22.08
CA LEU C 216 30.46 19.56 22.05
C LEU C 216 30.24 20.24 23.39
N HIS C 217 30.80 19.68 24.47
CA HIS C 217 30.65 20.22 25.82
C HIS C 217 29.19 20.40 26.21
N LYS C 218 28.32 19.53 25.70
CA LYS C 218 26.90 19.58 26.04
C LYS C 218 26.67 19.02 27.43
N PRO C 219 25.81 19.64 28.23
CA PRO C 219 25.49 19.10 29.55
C PRO C 219 24.65 17.84 29.42
N PRO C 220 24.58 17.03 30.48
CA PRO C 220 23.68 15.88 30.44
C PRO C 220 22.24 16.34 30.35
N TYR C 221 21.42 15.54 29.65
CA TYR C 221 20.03 15.89 29.45
C TYR C 221 19.21 15.59 30.70
N GLU C 222 18.22 16.44 30.94
CA GLU C 222 17.21 16.13 31.96
C GLU C 222 16.20 15.18 31.35
N HIS C 223 16.02 14.05 31.97
CA HIS C 223 15.19 13.01 31.39
C HIS C 223 13.81 13.00 32.04
N PRO C 224 12.77 12.58 31.31
CA PRO C 224 11.45 12.47 31.94
C PRO C 224 11.47 11.41 33.04
N LYS C 225 10.70 11.67 34.11
CA LYS C 225 10.66 10.77 35.26
C LYS C 225 9.33 10.06 35.40
N ASP C 226 8.36 10.34 34.53
CA ASP C 226 7.06 9.69 34.55
C ASP C 226 6.48 9.79 33.14
N LEU C 227 5.23 9.34 32.98
CA LEU C 227 4.56 9.36 31.70
C LEU C 227 3.43 10.40 31.65
N LYS C 228 3.44 11.37 32.58
CA LYS C 228 2.32 12.30 32.68
C LYS C 228 2.25 13.24 31.48
N LEU C 229 3.40 13.72 31.00
CA LEU C 229 3.41 14.63 29.86
C LEU C 229 3.14 13.92 28.54
N SER C 230 3.22 12.60 28.50
CA SER C 230 2.89 11.83 27.30
C SER C 230 1.55 11.10 27.44
N ASP C 231 0.66 11.60 28.30
CA ASP C 231 -0.67 11.03 28.50
C ASP C 231 -0.60 9.54 28.82
N GLY C 232 0.35 9.17 29.68
CA GLY C 232 0.51 7.80 30.12
C GLY C 232 1.13 6.87 29.11
N ARG C 233 1.63 7.39 28.00
CA ARG C 233 2.22 6.57 26.95
C ARG C 233 3.74 6.57 27.09
N LEU C 234 4.34 5.42 26.81
CA LEU C 234 5.80 5.28 26.78
C LEU C 234 6.30 5.67 25.40
N ARG C 235 7.15 6.70 25.34
CA ARG C 235 7.68 7.19 24.07
C ARG C 235 8.93 6.38 23.72
N VAL C 236 8.85 5.60 22.64
CA VAL C 236 9.94 4.73 22.20
C VAL C 236 10.47 5.26 20.88
N GLY C 237 11.79 5.45 20.80
CA GLY C 237 12.40 5.90 19.57
C GLY C 237 13.28 4.85 18.90
N TYR C 238 12.95 4.49 17.66
CA TYR C 238 13.74 3.54 16.88
C TYR C 238 14.68 4.32 15.97
N VAL C 239 15.98 4.14 16.16
CA VAL C 239 17.01 4.85 15.41
C VAL C 239 17.68 3.86 14.47
N SER C 240 17.59 4.10 13.16
CA SER C 240 18.15 3.18 12.20
C SER C 240 18.57 3.92 10.94
N SER C 241 19.65 3.45 10.33
CA SER C 241 20.01 3.88 8.99
C SER C 241 19.39 3.01 7.91
N ASN C 242 18.57 2.03 8.30
CA ASN C 242 18.10 0.98 7.40
C ASN C 242 16.58 0.94 7.30
N PHE C 243 15.93 2.10 7.40
CA PHE C 243 14.50 2.21 7.09
C PHE C 243 14.39 2.37 5.58
N GLY C 244 14.24 1.25 4.91
CA GLY C 244 14.31 1.18 3.45
C GLY C 244 14.61 -0.24 3.03
N ASN C 245 15.14 -0.39 1.82
CA ASN C 245 15.43 -1.71 1.28
C ASN C 245 16.71 -2.23 1.93
N HIS C 246 16.54 -2.97 3.03
CA HIS C 246 17.64 -3.48 3.82
C HIS C 246 17.10 -4.58 4.70
N PRO C 247 17.93 -5.58 5.06
CA PRO C 247 17.46 -6.63 5.99
C PRO C 247 16.71 -6.10 7.21
N THR C 248 17.12 -4.96 7.78
CA THR C 248 16.44 -4.45 8.97
C THR C 248 14.96 -4.27 8.72
N SER C 249 14.59 -3.59 7.63
CA SER C 249 13.18 -3.39 7.35
C SER C 249 12.49 -4.68 6.92
N HIS C 250 13.24 -5.60 6.29
CA HIS C 250 12.66 -6.89 5.93
C HIS C 250 12.27 -7.70 7.16
N LEU C 251 12.82 -7.36 8.33
CA LEU C 251 12.49 -8.04 9.56
C LEU C 251 11.43 -7.33 10.38
N MET C 252 11.47 -5.99 10.48
CA MET C 252 10.69 -5.31 11.50
C MET C 252 9.79 -4.21 10.97
N GLN C 253 9.56 -4.14 9.65
CA GLN C 253 8.80 -3.02 9.12
C GLN C 253 7.35 -3.01 9.60
N SER C 254 6.83 -4.12 10.13
CA SER C 254 5.46 -4.13 10.63
C SER C 254 5.36 -3.72 12.10
N ILE C 255 6.47 -3.70 12.82
CA ILE C 255 6.43 -3.53 14.27
C ILE C 255 6.01 -2.12 14.68
N PRO C 256 6.51 -1.04 14.06
CA PRO C 256 6.00 0.30 14.43
C PRO C 256 4.49 0.43 14.41
N GLY C 257 3.82 -0.01 13.34
CA GLY C 257 2.36 0.07 13.24
C GLY C 257 1.58 -0.88 14.13
N MET C 258 2.24 -1.88 14.71
CA MET C 258 1.56 -2.81 15.60
C MET C 258 1.65 -2.43 17.06
N HIS C 259 2.36 -1.36 17.39
CA HIS C 259 2.43 -0.90 18.77
C HIS C 259 1.07 -0.39 19.23
N ASN C 260 0.77 -0.62 20.50
CA ASN C 260 -0.49 -0.22 21.11
C ASN C 260 -0.52 1.28 21.32
N PRO C 261 -1.31 2.05 20.56
CA PRO C 261 -1.28 3.51 20.72
C PRO C 261 -1.78 3.99 22.07
N ASP C 262 -2.53 3.17 22.81
CA ASP C 262 -3.00 3.59 24.12
C ASP C 262 -1.88 3.68 25.15
N LYS C 263 -0.82 2.90 24.95
CA LYS C 263 0.26 2.84 25.92
C LYS C 263 1.62 3.21 25.36
N PHE C 264 1.75 3.36 24.05
CA PHE C 264 3.04 3.63 23.44
C PHE C 264 2.89 4.68 22.34
N GLU C 265 3.90 5.54 22.23
CA GLU C 265 4.02 6.52 21.16
C GLU C 265 5.34 6.26 20.46
N VAL C 266 5.27 5.88 19.18
CA VAL C 266 6.43 5.40 18.44
C VAL C 266 7.02 6.54 17.63
N PHE C 267 8.32 6.77 17.81
CA PHE C 267 9.10 7.72 17.03
C PHE C 267 10.15 6.93 16.27
N CYS C 268 10.16 7.06 14.95
CA CYS C 268 11.20 6.46 14.12
C CYS C 268 12.17 7.54 13.65
N TYR C 269 13.45 7.33 13.90
CA TYR C 269 14.50 8.29 13.57
C TYR C 269 15.37 7.68 12.48
N ALA C 270 15.20 8.14 11.25
CA ALA C 270 15.90 7.58 10.11
C ALA C 270 17.24 8.29 9.92
N LEU C 271 18.32 7.51 9.87
CA LEU C 271 19.63 8.08 9.62
C LEU C 271 19.96 8.13 8.14
N SER C 272 19.13 7.55 7.28
CA SER C 272 19.36 7.52 5.85
C SER C 272 18.28 8.31 5.12
N PRO C 273 18.59 8.88 3.95
CA PRO C 273 17.56 9.52 3.14
C PRO C 273 16.58 8.50 2.56
N ASP C 274 15.43 9.01 2.12
CA ASP C 274 14.37 8.17 1.55
C ASP C 274 14.85 7.52 0.27
N ASP C 275 14.84 6.19 0.22
CA ASP C 275 15.31 5.49 -0.98
C ASP C 275 14.20 5.20 -1.97
N GLY C 276 12.99 5.70 -1.73
CA GLY C 276 11.90 5.51 -2.66
C GLY C 276 11.21 4.17 -2.61
N THR C 277 11.60 3.28 -1.69
CA THR C 277 11.01 1.94 -1.66
C THR C 277 9.81 1.89 -0.72
N ASN C 278 9.01 0.82 -0.88
CA ASN C 278 7.82 0.67 -0.06
C ASN C 278 8.13 0.37 1.39
N PHE C 279 9.35 -0.11 1.69
CA PHE C 279 9.73 -0.33 3.08
C PHE C 279 9.78 1.00 3.82
N ARG C 280 10.38 2.01 3.21
CA ARG C 280 10.41 3.34 3.80
C ARG C 280 9.00 3.94 3.87
N VAL C 281 8.20 3.79 2.82
CA VAL C 281 6.82 4.28 2.83
C VAL C 281 6.07 3.71 4.03
N LYS C 282 6.20 2.41 4.28
CA LYS C 282 5.37 1.77 5.31
C LYS C 282 5.71 2.30 6.70
N VAL C 283 7.01 2.43 7.01
CA VAL C 283 7.38 2.88 8.35
C VAL C 283 7.02 4.35 8.54
N MET C 284 7.17 5.16 7.49
CA MET C 284 6.75 6.56 7.59
C MET C 284 5.25 6.68 7.81
N ALA C 285 4.46 5.80 7.20
CA ALA C 285 3.01 5.89 7.32
C ALA C 285 2.49 5.35 8.65
N GLU C 286 3.17 4.38 9.24
CA GLU C 286 2.61 3.66 10.39
C GLU C 286 3.20 4.09 11.72
N ALA C 287 4.43 4.61 11.75
CA ALA C 287 4.92 5.18 13.00
C ALA C 287 4.11 6.41 13.36
N ASN C 288 3.98 6.67 14.67
CA ASN C 288 3.26 7.88 15.10
C ASN C 288 4.01 9.13 14.64
N HIS C 289 5.34 9.07 14.62
CA HIS C 289 6.18 10.16 14.17
C HIS C 289 7.35 9.57 13.41
N PHE C 290 7.72 10.21 12.30
CA PHE C 290 8.89 9.83 11.53
C PHE C 290 9.76 11.07 11.35
N ILE C 291 11.02 10.98 11.79
CA ILE C 291 11.95 12.10 11.77
C ILE C 291 13.13 11.70 10.90
N ASP C 292 13.42 12.49 9.89
CA ASP C 292 14.52 12.21 8.96
C ASP C 292 15.76 12.91 9.48
N LEU C 293 16.56 12.19 10.27
CA LEU C 293 17.78 12.78 10.81
C LEU C 293 18.90 12.85 9.79
N SER C 294 18.73 12.26 8.61
CA SER C 294 19.72 12.44 7.56
C SER C 294 19.80 13.89 7.12
N GLN C 295 18.76 14.68 7.38
CA GLN C 295 18.78 16.12 7.13
C GLN C 295 19.42 16.90 8.26
N ILE C 296 19.77 16.26 9.37
CA ILE C 296 20.39 16.93 10.50
C ILE C 296 21.75 16.28 10.74
N PRO C 297 22.80 16.72 10.06
CA PRO C 297 24.10 16.03 10.19
C PRO C 297 24.74 16.21 11.56
N CYS C 298 24.53 17.35 12.22
CA CYS C 298 25.13 17.59 13.51
C CYS C 298 24.52 16.66 14.55
N ASN C 299 25.35 15.85 15.21
CA ASN C 299 24.85 14.94 16.23
C ASN C 299 24.32 15.68 17.45
N GLY C 300 24.83 16.88 17.72
CA GLY C 300 24.32 17.66 18.84
C GLY C 300 22.89 18.13 18.60
N LYS C 301 22.64 18.70 17.42
CA LYS C 301 21.29 19.13 17.08
C LYS C 301 20.34 17.94 16.91
N ALA C 302 20.84 16.82 16.37
CA ALA C 302 19.98 15.65 16.23
C ALA C 302 19.61 15.06 17.59
N ALA C 303 20.57 15.06 18.54
CA ALA C 303 20.27 14.59 19.89
C ALA C 303 19.27 15.52 20.58
N ASP C 304 19.42 16.83 20.41
CA ASP C 304 18.44 17.75 20.97
C ASP C 304 17.04 17.46 20.44
N ARG C 305 16.94 17.13 19.14
CA ARG C 305 15.66 16.76 18.56
C ARG C 305 15.07 15.54 19.24
N ILE C 306 15.88 14.51 19.47
CA ILE C 306 15.39 13.32 20.16
C ILE C 306 14.91 13.66 21.57
N HIS C 307 15.72 14.45 22.29
CA HIS C 307 15.36 14.80 23.67
C HIS C 307 14.11 15.67 23.71
N GLN C 308 13.94 16.54 22.72
CA GLN C 308 12.76 17.39 22.68
C GLN C 308 11.49 16.56 22.50
N ASP C 309 11.58 15.46 21.76
CA ASP C 309 10.44 14.59 21.61
C ASP C 309 10.07 13.86 22.90
N GLY C 310 10.92 13.92 23.92
CA GLY C 310 10.62 13.29 25.20
C GLY C 310 10.77 11.79 25.23
N ILE C 311 11.69 11.23 24.42
CA ILE C 311 11.84 9.79 24.30
C ILE C 311 12.21 9.19 25.65
N HIS C 312 11.52 8.10 26.02
CA HIS C 312 11.86 7.34 27.22
C HIS C 312 12.87 6.23 26.93
N ILE C 313 12.69 5.49 25.84
CA ILE C 313 13.54 4.37 25.48
C ILE C 313 14.00 4.60 24.05
N LEU C 314 15.30 4.83 23.86
CA LEU C 314 15.88 5.01 22.54
C LEU C 314 16.57 3.73 22.12
N VAL C 315 16.26 3.25 20.92
CA VAL C 315 16.64 1.91 20.49
C VAL C 315 17.70 2.03 19.39
N ASN C 316 18.87 1.43 19.64
CA ASN C 316 19.98 1.43 18.70
C ASN C 316 19.87 0.20 17.80
N MET C 317 19.49 0.42 16.53
CA MET C 317 19.34 -0.66 15.58
C MET C 317 20.53 -0.81 14.64
N ASN C 318 21.63 -0.12 14.92
CA ASN C 318 22.80 -0.15 14.03
C ASN C 318 24.02 -0.79 14.69
N GLY C 319 24.33 -0.43 15.92
CA GLY C 319 25.62 -0.82 16.45
C GLY C 319 26.74 -0.30 15.54
N TYR C 320 27.74 -1.14 15.31
CA TYR C 320 28.88 -0.76 14.48
C TYR C 320 28.69 -1.27 13.05
N THR C 321 27.61 -0.80 12.42
CA THR C 321 27.26 -1.15 11.05
C THR C 321 27.10 0.13 10.22
N LYS C 322 27.04 -0.07 8.90
CA LYS C 322 27.06 1.04 7.96
C LYS C 322 25.90 2.00 8.18
N GLY C 323 26.21 3.29 8.25
CA GLY C 323 25.22 4.32 8.47
C GLY C 323 25.02 4.71 9.92
N ALA C 324 25.71 4.06 10.85
CA ALA C 324 25.47 4.31 12.27
C ALA C 324 25.86 5.73 12.65
N ARG C 325 25.13 6.28 13.62
CA ARG C 325 25.51 7.52 14.29
C ARG C 325 25.40 7.30 15.81
N ASN C 326 26.29 6.45 16.32
CA ASN C 326 26.26 6.13 17.74
C ASN C 326 26.61 7.31 18.62
N GLU C 327 27.17 8.38 18.04
CA GLU C 327 27.32 9.64 18.77
C GLU C 327 25.98 10.11 19.33
N LEU C 328 24.87 9.77 18.67
CA LEU C 328 23.55 10.13 19.21
C LEU C 328 23.33 9.52 20.57
N PHE C 329 23.64 8.22 20.72
CA PHE C 329 23.45 7.53 21.99
C PHE C 329 24.50 7.93 23.02
N ALA C 330 25.72 8.26 22.59
CA ALA C 330 26.73 8.72 23.53
C ALA C 330 26.33 10.02 24.22
N LEU C 331 25.50 10.83 23.57
CA LEU C 331 24.98 12.03 24.20
C LEU C 331 23.84 11.75 25.18
N ARG C 332 23.31 10.52 25.19
CA ARG C 332 22.28 10.09 26.12
C ARG C 332 21.08 11.04 26.18
N PRO C 333 20.35 11.22 25.06
CA PRO C 333 19.13 12.06 25.11
C PRO C 333 17.93 11.38 25.75
N ALA C 334 18.01 10.07 26.03
CA ALA C 334 16.94 9.29 26.65
C ALA C 334 17.45 8.59 27.91
N PRO C 335 16.57 8.36 28.90
CA PRO C 335 17.06 7.71 30.14
C PRO C 335 17.38 6.23 29.97
N ILE C 336 16.74 5.55 29.01
CA ILE C 336 16.96 4.13 28.74
C ILE C 336 17.36 3.98 27.28
N GLN C 337 18.50 3.35 27.02
CA GLN C 337 18.97 3.14 25.66
C GLN C 337 19.34 1.67 25.49
N ALA C 338 18.77 1.03 24.47
CA ALA C 338 18.89 -0.41 24.28
C ALA C 338 19.34 -0.74 22.87
N MET C 339 20.14 -1.80 22.75
CA MET C 339 20.50 -2.39 21.46
C MET C 339 19.42 -3.39 21.05
N TRP C 340 19.04 -3.37 19.77
CA TRP C 340 18.00 -4.28 19.30
C TRP C 340 18.19 -4.63 17.84
N LEU C 341 18.31 -5.93 17.56
CA LEU C 341 18.02 -6.56 16.28
C LEU C 341 19.09 -6.35 15.21
N GLY C 342 19.56 -5.11 15.05
CA GLY C 342 20.40 -4.79 13.91
C GLY C 342 21.86 -5.21 14.05
N TYR C 343 22.37 -5.27 15.27
CA TYR C 343 23.79 -5.54 15.48
C TYR C 343 23.98 -6.80 16.32
N PRO C 344 24.53 -7.90 15.75
CA PRO C 344 24.70 -9.16 16.50
C PRO C 344 25.97 -9.18 17.34
N GLY C 345 26.03 -8.29 18.33
CA GLY C 345 27.18 -8.23 19.22
C GLY C 345 26.99 -7.12 20.22
N THR C 346 27.98 -6.97 21.10
CA THR C 346 27.90 -5.96 22.14
C THR C 346 28.46 -4.63 21.65
N SER C 347 27.88 -3.55 22.15
CA SER C 347 28.42 -2.23 21.86
C SER C 347 29.67 -1.95 22.69
N GLY C 348 29.79 -2.59 23.84
CA GLY C 348 30.93 -2.39 24.70
C GLY C 348 30.90 -1.01 25.34
N ALA C 349 29.83 -0.27 25.10
CA ALA C 349 29.77 1.15 25.44
C ALA C 349 28.87 1.38 26.64
N LEU C 350 29.33 2.21 27.58
CA LEU C 350 28.59 2.42 28.81
C LEU C 350 27.31 3.23 28.60
N PHE C 351 27.17 3.94 27.49
CA PHE C 351 25.94 4.68 27.25
C PHE C 351 24.80 3.83 26.73
N MET C 352 25.03 2.55 26.43
CA MET C 352 23.96 1.60 26.13
C MET C 352 23.66 0.79 27.38
N ASP C 353 22.38 0.79 27.79
CA ASP C 353 21.97 0.19 29.05
C ASP C 353 21.63 -1.29 28.91
N TYR C 354 20.95 -1.67 27.83
CA TYR C 354 20.45 -3.02 27.62
C TYR C 354 20.78 -3.49 26.21
N ILE C 355 20.83 -4.80 26.05
CA ILE C 355 20.76 -5.44 24.74
C ILE C 355 19.56 -6.37 24.76
N ILE C 356 18.67 -6.21 23.78
CA ILE C 356 17.46 -7.02 23.73
C ILE C 356 17.83 -8.33 23.05
N THR C 357 17.73 -9.43 23.81
CA THR C 357 18.12 -10.75 23.33
C THR C 357 17.21 -11.78 23.99
N ASP C 358 17.67 -13.01 24.16
CA ASP C 358 16.84 -14.04 24.78
C ASP C 358 17.74 -15.07 25.44
N GLN C 359 17.11 -15.99 26.17
CA GLN C 359 17.86 -16.97 26.95
C GLN C 359 18.64 -17.93 26.04
N GLU C 360 18.10 -18.26 24.87
CA GLU C 360 18.80 -19.17 23.98
C GLU C 360 19.98 -18.47 23.30
N THR C 361 19.79 -17.21 22.92
CA THR C 361 20.84 -16.47 22.23
C THR C 361 21.97 -16.09 23.18
N SER C 362 21.63 -15.63 24.38
CA SER C 362 22.60 -15.08 25.32
C SER C 362 22.32 -15.62 26.71
N PRO C 363 22.68 -16.89 26.96
CA PRO C 363 22.46 -17.45 28.29
C PRO C 363 23.28 -16.69 29.33
N ALA C 364 22.81 -16.74 30.58
CA ALA C 364 23.47 -15.99 31.65
C ALA C 364 24.91 -16.43 31.84
N GLU C 365 25.26 -17.64 31.39
CA GLU C 365 26.61 -18.14 31.59
C GLU C 365 27.63 -17.36 30.76
N VAL C 366 27.20 -16.76 29.66
CA VAL C 366 28.10 -16.00 28.79
C VAL C 366 27.77 -14.52 28.87
N ALA C 367 27.18 -14.08 29.99
CA ALA C 367 26.73 -12.69 30.11
C ALA C 367 27.91 -11.72 30.14
N GLU C 368 29.07 -12.14 30.62
CA GLU C 368 30.23 -11.27 30.67
C GLU C 368 30.74 -10.89 29.29
N GLN C 369 30.24 -11.54 28.23
CA GLN C 369 30.54 -11.15 26.85
C GLN C 369 29.95 -9.79 26.49
N TYR C 370 28.95 -9.33 27.23
CA TYR C 370 28.24 -8.09 26.92
C TYR C 370 28.52 -7.05 27.97
N SER C 371 28.67 -5.79 27.54
CA SER C 371 28.75 -4.68 28.47
C SER C 371 27.36 -4.27 28.97
N GLU C 372 26.33 -4.50 28.15
CA GLU C 372 24.96 -4.18 28.49
C GLU C 372 24.37 -5.20 29.47
N LYS C 373 23.31 -4.80 30.15
CA LYS C 373 22.48 -5.77 30.84
C LYS C 373 21.63 -6.52 29.83
N LEU C 374 21.37 -7.79 30.13
CA LEU C 374 20.55 -8.62 29.26
C LEU C 374 19.08 -8.33 29.50
N ALA C 375 18.32 -8.21 28.42
CA ALA C 375 16.88 -8.01 28.47
C ALA C 375 16.24 -9.07 27.58
N TYR C 376 15.61 -10.06 28.20
CA TYR C 376 15.14 -11.25 27.51
C TYR C 376 13.76 -11.05 26.91
N MET C 377 13.63 -11.30 25.62
CA MET C 377 12.35 -11.65 25.05
C MET C 377 12.01 -13.09 25.45
N PRO C 378 10.73 -13.44 25.54
CA PRO C 378 10.38 -14.77 26.08
C PRO C 378 10.76 -15.92 25.16
N HIS C 379 10.78 -15.73 23.85
CA HIS C 379 11.13 -16.83 22.96
C HIS C 379 12.43 -16.53 22.23
N THR C 380 12.39 -15.75 21.17
CA THR C 380 13.62 -15.26 20.55
C THR C 380 13.49 -13.75 20.35
N PHE C 381 14.65 -13.07 20.35
CA PHE C 381 14.65 -11.66 20.00
C PHE C 381 14.52 -11.46 18.50
N PHE C 382 14.74 -12.52 17.72
CA PHE C 382 14.68 -12.40 16.28
C PHE C 382 13.24 -12.41 15.78
N ILE C 383 13.00 -11.68 14.69
CA ILE C 383 11.68 -11.52 14.09
C ILE C 383 11.89 -11.35 12.59
N GLY C 384 10.83 -11.56 11.84
CA GLY C 384 10.88 -11.34 10.40
C GLY C 384 9.51 -10.98 9.89
N ASP C 385 9.47 -10.19 8.81
CA ASP C 385 8.21 -9.75 8.23
C ASP C 385 7.67 -10.69 7.15
N HIS C 386 8.11 -11.97 7.15
CA HIS C 386 7.83 -12.86 6.03
C HIS C 386 6.34 -13.12 5.83
N ALA C 387 5.57 -13.21 6.92
CA ALA C 387 4.14 -13.49 6.76
C ALA C 387 3.42 -12.35 6.03
N ASN C 388 3.92 -11.12 6.15
CA ASN C 388 3.37 -9.99 5.41
C ASN C 388 4.03 -9.79 4.06
N MET C 389 5.34 -10.03 3.96
CA MET C 389 6.02 -9.82 2.69
C MET C 389 5.77 -10.94 1.69
N PHE C 390 5.77 -12.19 2.15
CA PHE C 390 5.67 -13.35 1.25
C PHE C 390 4.52 -14.27 1.65
N PRO C 391 3.27 -13.76 1.67
CA PRO C 391 2.16 -14.64 2.04
C PRO C 391 1.84 -15.67 0.98
N HIS C 392 2.28 -15.46 -0.26
CA HIS C 392 2.07 -16.46 -1.29
C HIS C 392 2.84 -17.74 -1.02
N LEU C 393 3.74 -17.74 -0.03
CA LEU C 393 4.52 -18.91 0.34
C LEU C 393 3.97 -19.62 1.58
N LYS C 394 2.82 -19.17 2.10
CA LYS C 394 2.17 -19.91 3.19
C LYS C 394 1.72 -21.29 2.73
N LYS C 395 1.28 -21.41 1.48
CA LYS C 395 0.83 -22.66 0.91
C LYS C 395 1.58 -22.92 -0.38
N LYS C 396 1.55 -24.19 -0.82
CA LYS C 396 2.21 -24.57 -2.06
C LYS C 396 1.51 -25.78 -2.66
N ALA C 397 1.76 -26.01 -3.95
CA ALA C 397 1.32 -27.20 -4.64
C ALA C 397 2.48 -27.69 -5.49
N VAL C 398 2.45 -28.97 -5.84
CA VAL C 398 3.52 -29.59 -6.61
C VAL C 398 2.93 -30.30 -7.82
N ILE C 399 3.77 -30.48 -8.82
CA ILE C 399 3.42 -31.22 -10.03
C ILE C 399 4.17 -32.54 -9.98
N ASP C 400 3.42 -33.64 -10.05
CA ASP C 400 4.02 -34.98 -10.08
C ASP C 400 4.46 -35.28 -11.52
N PHE C 401 5.75 -35.10 -11.79
CA PHE C 401 6.31 -35.24 -13.12
C PHE C 401 6.77 -36.67 -13.43
N LYS C 402 6.23 -37.68 -12.74
CA LYS C 402 6.59 -39.07 -12.99
C LYS C 402 5.35 -39.96 -13.07
N HIS C 406 7.38 -41.68 -7.33
CA HIS C 406 6.92 -41.18 -6.05
C HIS C 406 6.58 -39.69 -6.14
N ILE C 407 6.11 -39.13 -5.03
CA ILE C 407 5.65 -37.74 -4.97
C ILE C 407 6.64 -36.93 -4.13
N TYR C 408 7.25 -35.93 -4.74
CA TYR C 408 8.19 -35.05 -4.07
C TYR C 408 7.54 -33.71 -3.75
N ASP C 409 7.95 -33.11 -2.63
CA ASP C 409 7.43 -31.80 -2.24
C ASP C 409 8.35 -30.65 -2.65
N ASN C 410 9.47 -30.92 -3.31
CA ASN C 410 10.44 -29.84 -3.54
C ASN C 410 11.13 -29.95 -4.89
N ARG C 411 10.47 -30.56 -5.88
CA ARG C 411 11.01 -30.69 -7.23
C ARG C 411 10.42 -29.64 -8.17
N ILE C 412 9.08 -29.62 -8.29
CA ILE C 412 8.37 -28.60 -9.07
C ILE C 412 7.28 -28.03 -8.18
N VAL C 413 7.37 -26.74 -7.89
CA VAL C 413 6.58 -26.11 -6.83
C VAL C 413 5.80 -24.94 -7.40
N LEU C 414 4.54 -24.80 -6.99
CA LEU C 414 3.70 -23.67 -7.33
CA LEU C 414 3.74 -23.65 -7.33
C LEU C 414 3.36 -22.89 -6.07
N ASN C 415 3.35 -21.56 -6.18
CA ASN C 415 2.94 -20.68 -5.09
C ASN C 415 2.13 -19.54 -5.70
N GLY C 416 1.11 -19.10 -4.98
CA GLY C 416 0.38 -17.92 -5.42
C GLY C 416 -0.81 -17.60 -4.56
N ILE C 417 -1.16 -16.31 -4.49
CA ILE C 417 -2.35 -15.88 -3.75
C ILE C 417 -3.60 -16.54 -4.31
N ASP C 418 -3.65 -16.79 -5.62
CA ASP C 418 -4.81 -17.39 -6.27
C ASP C 418 -4.56 -18.85 -6.63
N LEU C 419 -3.62 -19.51 -5.96
CA LEU C 419 -3.29 -20.89 -6.30
C LEU C 419 -4.48 -21.83 -6.13
N LYS C 420 -5.28 -21.63 -5.08
CA LYS C 420 -6.39 -22.53 -4.83
C LYS C 420 -7.40 -22.48 -5.98
N ALA C 421 -7.75 -21.28 -6.44
CA ALA C 421 -8.69 -21.13 -7.54
C ALA C 421 -8.14 -21.76 -8.82
N PHE C 422 -6.84 -21.63 -9.06
CA PHE C 422 -6.24 -22.30 -10.21
C PHE C 422 -6.32 -23.81 -10.08
N LEU C 423 -6.08 -24.32 -8.87
CA LEU C 423 -6.23 -25.75 -8.63
C LEU C 423 -7.66 -26.21 -8.86
N ASP C 424 -8.64 -25.42 -8.39
CA ASP C 424 -10.03 -25.83 -8.55
C ASP C 424 -10.46 -25.85 -10.01
N SER C 425 -9.72 -25.20 -10.90
CA SER C 425 -10.06 -25.23 -12.32
C SER C 425 -9.51 -26.45 -13.03
N LEU C 426 -8.66 -27.25 -12.35
CA LEU C 426 -8.02 -28.42 -12.94
C LEU C 426 -8.72 -29.69 -12.50
N PRO C 427 -8.83 -30.69 -13.38
CA PRO C 427 -9.34 -31.99 -12.96
C PRO C 427 -8.21 -32.86 -12.42
N ASP C 428 -8.61 -33.86 -11.64
CA ASP C 428 -7.71 -34.94 -11.18
C ASP C 428 -6.60 -34.41 -10.26
N VAL C 429 -6.86 -33.30 -9.57
CA VAL C 429 -5.93 -32.80 -8.56
C VAL C 429 -6.07 -33.65 -7.30
N LYS C 430 -4.95 -34.22 -6.84
CA LYS C 430 -4.94 -35.08 -5.66
C LYS C 430 -4.44 -34.30 -4.46
N ILE C 431 -5.00 -34.60 -3.29
CA ILE C 431 -4.56 -34.00 -2.03
C ILE C 431 -3.81 -35.06 -1.25
N VAL C 432 -2.55 -34.78 -0.92
CA VAL C 432 -1.72 -35.68 -0.15
C VAL C 432 -1.70 -35.20 1.30
N LYS C 433 -2.01 -36.11 2.23
CA LYS C 433 -2.10 -35.80 3.65
C LYS C 433 -0.96 -36.45 4.42
N MET C 434 -0.81 -36.01 5.66
CA MET C 434 0.15 -36.59 6.59
C MET C 434 -0.51 -36.88 7.94
N ASN C 451 -1.71 -31.13 4.33
CA ASN C 451 -2.37 -31.20 3.03
C ASN C 451 -1.56 -30.48 1.96
N MET C 452 -1.14 -31.23 0.94
CA MET C 452 -0.38 -30.67 -0.17
C MET C 452 -1.04 -31.08 -1.48
N PRO C 453 -1.53 -30.13 -2.27
CA PRO C 453 -2.13 -30.48 -3.55
C PRO C 453 -1.08 -30.94 -4.55
N VAL C 454 -1.44 -31.95 -5.34
CA VAL C 454 -0.57 -32.53 -6.35
C VAL C 454 -1.28 -32.48 -7.69
N ILE C 455 -0.60 -31.94 -8.70
CA ILE C 455 -1.12 -31.88 -10.07
C ILE C 455 -0.54 -33.05 -10.85
N PRO C 456 -1.37 -33.90 -11.46
CA PRO C 456 -0.82 -35.06 -12.17
C PRO C 456 -0.18 -34.66 -13.49
N MET C 457 0.58 -35.60 -14.04
CA MET C 457 1.28 -35.38 -15.31
C MET C 457 0.26 -35.44 -16.44
N ASN C 458 -0.22 -34.28 -16.88
CA ASN C 458 -1.22 -34.20 -17.93
C ASN C 458 -0.81 -33.09 -18.89
N THR C 459 -1.76 -32.67 -19.73
CA THR C 459 -1.50 -31.59 -20.69
C THR C 459 -1.13 -30.30 -19.97
N ILE C 460 -1.79 -30.01 -18.86
CA ILE C 460 -1.49 -28.78 -18.10
C ILE C 460 -0.06 -28.83 -17.57
N ALA C 461 0.33 -29.96 -16.97
CA ALA C 461 1.66 -30.07 -16.38
C ALA C 461 2.77 -30.00 -17.41
N GLU C 462 2.52 -30.50 -18.62
CA GLU C 462 3.54 -30.45 -19.66
C GLU C 462 3.79 -29.02 -20.13
N ALA C 463 2.72 -28.23 -20.25
CA ALA C 463 2.86 -26.84 -20.68
C ALA C 463 3.67 -26.03 -19.67
N VAL C 464 3.47 -26.29 -18.38
CA VAL C 464 4.26 -25.61 -17.35
C VAL C 464 5.73 -25.98 -17.48
N ILE C 465 6.01 -27.27 -17.65
CA ILE C 465 7.40 -27.71 -17.77
C ILE C 465 8.04 -27.17 -19.05
N GLU C 466 7.26 -27.08 -20.13
CA GLU C 466 7.81 -26.56 -21.38
C GLU C 466 8.24 -25.10 -21.24
N MET C 467 7.44 -24.29 -20.55
CA MET C 467 7.81 -22.90 -20.31
C MET C 467 9.18 -22.82 -19.62
N ILE C 468 9.41 -23.67 -18.62
CA ILE C 468 10.67 -23.66 -17.90
C ILE C 468 11.82 -24.08 -18.82
N ASN C 469 11.62 -25.18 -19.55
CA ASN C 469 12.68 -25.68 -20.44
C ASN C 469 13.03 -24.67 -21.51
N ARG C 470 12.03 -23.97 -22.04
CA ARG C 470 12.26 -22.99 -23.11
C ARG C 470 12.69 -21.62 -22.60
N GLY C 471 12.69 -21.40 -21.29
CA GLY C 471 13.06 -20.09 -20.77
C GLY C 471 12.06 -19.00 -21.06
N GLN C 472 10.78 -19.35 -21.22
CA GLN C 472 9.74 -18.36 -21.42
C GLN C 472 9.41 -17.64 -20.11
N ILE C 473 8.86 -16.44 -20.24
CA ILE C 473 8.60 -15.59 -19.08
C ILE C 473 7.35 -16.02 -18.33
N GLN C 474 6.29 -16.35 -19.06
CA GLN C 474 5.00 -16.62 -18.45
C GLN C 474 4.11 -17.31 -19.49
N ILE C 475 3.10 -18.02 -19.01
CA ILE C 475 2.05 -18.59 -19.84
C ILE C 475 0.71 -18.33 -19.16
N THR C 476 -0.37 -18.70 -19.84
CA THR C 476 -1.72 -18.60 -19.29
C THR C 476 -2.36 -19.99 -19.34
N ILE C 477 -2.96 -20.41 -18.22
CA ILE C 477 -3.66 -21.69 -18.14
C ILE C 477 -5.00 -21.44 -17.47
N ASN C 478 -6.09 -21.76 -18.16
CA ASN C 478 -7.44 -21.54 -17.67
C ASN C 478 -7.65 -20.09 -17.21
N GLY C 479 -7.03 -19.12 -17.90
CA GLY C 479 -7.14 -17.71 -17.55
C GLY C 479 -6.21 -17.24 -16.45
N PHE C 480 -5.52 -18.15 -15.78
CA PHE C 480 -4.61 -17.80 -14.70
C PHE C 480 -3.21 -17.50 -15.25
N SER C 481 -2.52 -16.58 -14.58
CA SER C 481 -1.19 -16.15 -14.96
C SER C 481 -0.15 -17.06 -14.30
N ILE C 482 0.62 -17.79 -15.11
CA ILE C 482 1.63 -18.71 -14.64
C ILE C 482 3.00 -18.15 -15.02
N SER C 483 3.79 -17.78 -14.01
CA SER C 483 5.04 -17.06 -14.21
C SER C 483 6.26 -17.94 -13.96
N ASN C 484 7.29 -17.78 -14.80
CA ASN C 484 8.59 -18.39 -14.56
C ASN C 484 9.27 -17.72 -13.37
N GLY C 485 9.60 -18.51 -12.34
CA GLY C 485 10.22 -17.97 -11.14
C GLY C 485 11.57 -17.31 -11.37
N LEU C 486 12.21 -17.57 -12.51
CA LEU C 486 13.47 -16.91 -12.85
C LEU C 486 13.28 -15.55 -13.49
N ALA C 487 12.03 -15.11 -13.73
CA ALA C 487 11.79 -13.93 -14.53
C ALA C 487 10.98 -12.87 -13.80
N THR C 488 11.00 -12.85 -12.46
CA THR C 488 10.12 -11.94 -11.72
C THR C 488 10.46 -10.47 -11.98
N THR C 489 11.74 -10.15 -12.23
CA THR C 489 12.06 -8.74 -12.48
C THR C 489 11.51 -8.26 -13.82
N GLN C 490 11.21 -9.17 -14.76
CA GLN C 490 10.59 -8.78 -16.01
C GLN C 490 9.07 -8.68 -15.90
N ILE C 491 8.49 -9.26 -14.85
CA ILE C 491 7.05 -9.28 -14.67
C ILE C 491 6.59 -8.19 -13.71
N ASN C 492 7.21 -8.11 -12.53
CA ASN C 492 6.88 -7.08 -11.55
C ASN C 492 8.11 -6.92 -10.66
N ASN C 493 8.88 -5.86 -10.91
CA ASN C 493 10.13 -5.68 -10.17
C ASN C 493 9.88 -5.37 -8.70
N LYS C 494 8.78 -4.71 -8.37
CA LYS C 494 8.44 -4.50 -6.98
C LYS C 494 8.11 -5.81 -6.27
N ALA C 495 7.54 -6.78 -6.99
CA ALA C 495 7.32 -8.09 -6.41
C ALA C 495 8.63 -8.85 -6.24
N ALA C 496 9.59 -8.62 -7.14
CA ALA C 496 10.85 -9.34 -7.05
C ALA C 496 11.65 -8.92 -5.81
N THR C 497 11.52 -7.68 -5.38
CA THR C 497 12.31 -7.16 -4.27
C THR C 497 11.60 -7.29 -2.93
N GLY C 498 10.35 -7.73 -2.91
CA GLY C 498 9.60 -7.83 -1.68
C GLY C 498 8.81 -6.59 -1.32
N GLU C 499 8.83 -5.54 -2.15
CA GLU C 499 8.01 -4.35 -1.92
C GLU C 499 6.52 -4.56 -2.20
N GLU C 500 6.16 -5.51 -3.07
CA GLU C 500 4.77 -5.88 -3.34
C GLU C 500 4.65 -7.40 -3.26
N VAL C 501 3.46 -7.86 -2.88
CA VAL C 501 3.16 -9.29 -2.97
C VAL C 501 2.92 -9.65 -4.42
N PRO C 502 3.52 -10.73 -4.93
CA PRO C 502 3.24 -11.14 -6.31
C PRO C 502 1.76 -11.37 -6.54
N ARG C 503 1.28 -11.01 -7.72
CA ARG C 503 -0.13 -11.19 -8.08
C ARG C 503 -0.33 -12.26 -9.14
N THR C 504 0.72 -13.02 -9.49
CA THR C 504 0.59 -14.17 -10.38
C THR C 504 1.00 -15.43 -9.65
N ILE C 505 0.75 -16.56 -10.29
CA ILE C 505 1.17 -17.87 -9.79
C ILE C 505 2.58 -18.14 -10.31
N ILE C 506 3.50 -18.47 -9.41
CA ILE C 506 4.92 -18.59 -9.74
C ILE C 506 5.32 -20.06 -9.68
N VAL C 507 6.10 -20.49 -10.68
CA VAL C 507 6.61 -21.86 -10.77
C VAL C 507 8.07 -21.85 -10.36
N THR C 508 8.45 -22.78 -9.47
CA THR C 508 9.83 -22.90 -8.99
C THR C 508 10.25 -24.36 -9.11
N THR C 509 11.36 -24.61 -9.81
CA THR C 509 11.76 -25.97 -10.11
C THR C 509 13.26 -26.15 -9.89
N ARG C 510 13.65 -27.38 -9.53
CA ARG C 510 15.06 -27.71 -9.39
C ARG C 510 15.82 -27.50 -10.70
N SER C 511 15.19 -27.78 -11.85
CA SER C 511 15.84 -27.59 -13.14
C SER C 511 16.22 -26.14 -13.41
N GLN C 512 15.53 -25.18 -12.79
CA GLN C 512 15.88 -23.77 -12.95
C GLN C 512 17.27 -23.46 -12.41
N TYR C 513 17.78 -24.29 -11.50
CA TYR C 513 19.05 -24.02 -10.86
C TYR C 513 20.06 -25.15 -11.07
N GLY C 514 19.75 -26.13 -11.91
CA GLY C 514 20.66 -27.24 -12.10
C GLY C 514 20.75 -28.19 -10.93
N LEU C 515 19.70 -28.27 -10.12
CA LEU C 515 19.75 -29.20 -9.01
C LEU C 515 19.28 -30.59 -9.43
N PRO C 516 19.82 -31.65 -8.84
CA PRO C 516 19.43 -33.00 -9.25
C PRO C 516 18.00 -33.31 -8.84
N GLU C 517 17.27 -33.98 -9.74
CA GLU C 517 15.89 -34.37 -9.48
C GLU C 517 15.80 -35.57 -8.54
N ASP C 518 16.88 -36.31 -8.35
CA ASP C 518 16.84 -37.58 -7.65
C ASP C 518 17.86 -37.61 -6.52
N ALA C 519 18.01 -36.51 -5.79
CA ALA C 519 19.04 -36.44 -4.78
C ALA C 519 18.66 -35.45 -3.69
N ILE C 520 19.36 -35.58 -2.56
CA ILE C 520 19.17 -34.70 -1.42
C ILE C 520 19.91 -33.39 -1.67
N VAL C 521 19.26 -32.27 -1.38
CA VAL C 521 19.84 -30.95 -1.59
C VAL C 521 20.05 -30.31 -0.23
N TYR C 522 21.31 -30.19 0.18
CA TYR C 522 21.69 -29.38 1.33
C TYR C 522 22.03 -27.99 0.85
N CYS C 523 21.48 -26.95 1.49
CA CYS C 523 21.72 -25.60 1.04
C CYS C 523 22.37 -24.76 2.13
N ASN C 524 22.96 -23.65 1.69
CA ASN C 524 23.29 -22.55 2.60
C ASN C 524 23.37 -21.30 1.74
N PHE C 525 22.51 -20.31 2.03
CA PHE C 525 22.40 -19.12 1.21
C PHE C 525 23.08 -17.90 1.83
N ASN C 526 24.01 -18.13 2.74
CA ASN C 526 24.69 -17.03 3.40
C ASN C 526 25.80 -16.46 2.51
N GLN C 527 26.18 -15.22 2.80
CA GLN C 527 27.44 -14.72 2.26
C GLN C 527 28.56 -15.68 2.64
N LEU C 528 29.47 -15.90 1.69
CA LEU C 528 30.51 -16.91 1.86
C LEU C 528 31.47 -16.59 3.01
N TYR C 529 31.52 -15.35 3.48
CA TYR C 529 32.46 -15.02 4.55
C TYR C 529 32.12 -15.73 5.86
N LYS C 530 30.89 -16.20 6.01
CA LYS C 530 30.48 -16.92 7.21
C LYS C 530 30.99 -18.36 7.26
N ILE C 531 31.63 -18.86 6.19
CA ILE C 531 32.19 -20.21 6.14
C ILE C 531 33.66 -20.17 6.54
N ASP C 532 34.12 -21.19 7.23
CA ASP C 532 35.53 -21.37 7.58
C ASP C 532 35.94 -22.79 7.27
N PRO C 533 37.26 -23.10 7.28
CA PRO C 533 37.69 -24.46 6.94
C PRO C 533 36.99 -25.57 7.70
N SER C 534 36.82 -25.41 9.02
CA SER C 534 36.18 -26.48 9.78
CA SER C 534 36.17 -26.46 9.80
C SER C 534 34.72 -26.69 9.34
N THR C 535 34.02 -25.61 8.97
CA THR C 535 32.65 -25.75 8.52
C THR C 535 32.58 -26.52 7.20
N LEU C 536 33.45 -26.18 6.23
CA LEU C 536 33.41 -26.88 4.95
C LEU C 536 33.84 -28.34 5.09
N GLN C 537 34.75 -28.64 6.02
CA GLN C 537 35.11 -30.03 6.27
C GLN C 537 33.92 -30.81 6.82
N MET C 538 33.17 -30.20 7.76
CA MET C 538 31.94 -30.82 8.23
CA MET C 538 31.93 -30.82 8.23
C MET C 538 30.99 -31.12 7.08
N TRP C 539 30.76 -30.13 6.23
CA TRP C 539 29.88 -30.30 5.08
C TRP C 539 30.39 -31.38 4.14
N ALA C 540 31.72 -31.44 3.98
CA ALA C 540 32.30 -32.50 3.14
C ALA C 540 32.08 -33.85 3.76
N ASN C 541 32.18 -33.95 5.09
CA ASN C 541 31.94 -35.22 5.76
C ASN C 541 30.49 -35.65 5.62
N ILE C 542 29.56 -34.69 5.57
CA ILE C 542 28.16 -35.02 5.38
C ILE C 542 27.92 -35.54 3.96
N LEU C 543 28.47 -34.83 2.96
CA LEU C 543 28.27 -35.23 1.57
C LEU C 543 28.82 -36.62 1.29
N LYS C 544 29.95 -36.98 1.90
CA LYS C 544 30.53 -38.30 1.68
C LYS C 544 29.69 -39.40 2.29
N ARG C 545 29.00 -39.12 3.40
CA ARG C 545 28.15 -40.11 4.04
C ARG C 545 26.80 -40.28 3.35
N VAL C 546 26.41 -39.32 2.51
CA VAL C 546 25.12 -39.34 1.82
C VAL C 546 25.39 -39.29 0.33
N PRO C 547 25.62 -40.44 -0.32
CA PRO C 547 26.06 -40.40 -1.74
C PRO C 547 25.12 -39.61 -2.63
N ASN C 548 23.81 -39.71 -2.40
CA ASN C 548 22.83 -39.09 -3.28
C ASN C 548 22.49 -37.70 -2.71
N SER C 549 23.46 -36.79 -2.82
CA SER C 549 23.25 -35.45 -2.26
C SER C 549 24.23 -34.43 -2.85
N VAL C 550 23.79 -33.18 -2.86
CA VAL C 550 24.61 -32.07 -3.34
C VAL C 550 24.53 -30.94 -2.32
N LEU C 551 25.53 -30.07 -2.35
CA LEU C 551 25.55 -28.86 -1.53
C LEU C 551 25.27 -27.65 -2.41
N TRP C 552 24.32 -26.82 -1.98
CA TRP C 552 23.83 -25.70 -2.78
C TRP C 552 24.29 -24.40 -2.12
N LEU C 553 25.16 -23.66 -2.80
CA LEU C 553 25.74 -22.42 -2.28
C LEU C 553 25.56 -21.28 -3.29
N LEU C 554 25.79 -20.06 -2.84
CA LEU C 554 25.61 -18.90 -3.70
C LEU C 554 26.93 -18.24 -4.04
N ARG C 555 26.97 -17.61 -5.23
CA ARG C 555 28.11 -16.78 -5.65
C ARG C 555 28.00 -15.45 -4.91
N PHE C 556 28.51 -15.43 -3.70
CA PHE C 556 28.21 -14.38 -2.74
C PHE C 556 29.46 -13.99 -1.97
N PRO C 557 30.51 -13.52 -2.67
CA PRO C 557 30.63 -13.16 -4.09
C PRO C 557 31.15 -14.29 -4.97
N ALA C 558 30.97 -14.08 -6.28
CA ALA C 558 31.33 -15.11 -7.24
C ALA C 558 32.79 -15.52 -7.09
N VAL C 559 33.65 -14.54 -6.79
CA VAL C 559 35.08 -14.82 -6.71
C VAL C 559 35.41 -15.76 -5.55
N GLY C 560 34.43 -16.09 -4.71
CA GLY C 560 34.68 -17.12 -3.72
C GLY C 560 34.40 -18.53 -4.19
N GLU C 561 33.72 -18.69 -5.34
CA GLU C 561 33.42 -20.02 -5.86
C GLU C 561 34.67 -20.85 -6.17
N PRO C 562 35.67 -20.34 -6.89
CA PRO C 562 36.84 -21.19 -7.17
C PRO C 562 37.61 -21.60 -5.93
N ASN C 563 37.57 -20.79 -4.87
CA ASN C 563 38.28 -21.19 -3.64
C ASN C 563 37.55 -22.33 -2.93
N ILE C 564 36.23 -22.21 -2.80
CA ILE C 564 35.43 -23.28 -2.21
C ILE C 564 35.60 -24.58 -2.99
N GLN C 565 35.50 -24.51 -4.32
CA GLN C 565 35.62 -25.71 -5.13
C GLN C 565 36.98 -26.36 -4.99
N GLN C 566 38.03 -25.55 -4.84
CA GLN C 566 39.37 -26.11 -4.68
C GLN C 566 39.52 -26.82 -3.35
N TYR C 567 39.05 -26.22 -2.26
CA TYR C 567 39.10 -26.88 -0.96
C TYR C 567 38.21 -28.11 -0.92
N ALA C 568 37.07 -28.06 -1.62
CA ALA C 568 36.22 -29.24 -1.73
C ALA C 568 36.92 -30.36 -2.49
N GLN C 569 37.63 -30.01 -3.57
CA GLN C 569 38.37 -31.02 -4.32
C GLN C 569 39.51 -31.60 -3.49
N ASN C 570 40.17 -30.76 -2.69
CA ASN C 570 41.21 -31.27 -1.81
C ASN C 570 40.65 -32.21 -0.76
N MET C 571 39.37 -32.04 -0.40
CA MET C 571 38.74 -32.92 0.57
C MET C 571 38.18 -34.19 -0.05
N GLY C 572 38.33 -34.38 -1.36
CA GLY C 572 37.87 -35.58 -2.01
C GLY C 572 36.50 -35.49 -2.65
N LEU C 573 35.91 -34.30 -2.76
CA LEU C 573 34.61 -34.13 -3.37
C LEU C 573 34.77 -33.73 -4.82
N PRO C 574 34.22 -34.48 -5.78
CA PRO C 574 34.23 -34.02 -7.17
C PRO C 574 33.41 -32.75 -7.33
N GLN C 575 33.61 -32.10 -8.49
CA GLN C 575 33.03 -30.77 -8.71
C GLN C 575 31.52 -30.79 -8.69
N ASN C 576 30.90 -31.90 -9.13
CA ASN C 576 29.45 -31.97 -9.24
C ASN C 576 28.76 -32.15 -7.88
N ARG C 577 29.50 -32.27 -6.78
CA ARG C 577 28.84 -32.36 -5.48
C ARG C 577 28.41 -31.00 -4.95
N ILE C 578 28.93 -29.91 -5.52
CA ILE C 578 28.59 -28.56 -5.07
C ILE C 578 28.05 -27.76 -6.25
N ILE C 579 26.89 -27.14 -6.06
CA ILE C 579 26.22 -26.40 -7.10
C ILE C 579 26.05 -24.95 -6.65
N PHE C 580 26.48 -24.01 -7.50
CA PHE C 580 26.42 -22.59 -7.19
C PHE C 580 25.31 -21.92 -7.99
N SER C 581 24.62 -20.98 -7.34
CA SER C 581 23.62 -20.16 -7.99
C SER C 581 23.96 -18.68 -7.80
N PRO C 582 23.56 -17.83 -8.75
CA PRO C 582 23.70 -16.38 -8.52
C PRO C 582 22.86 -15.94 -7.33
N VAL C 583 23.30 -14.85 -6.69
CA VAL C 583 22.44 -14.13 -5.77
C VAL C 583 21.18 -13.72 -6.52
N ALA C 584 20.03 -13.84 -5.86
CA ALA C 584 18.75 -13.61 -6.47
C ALA C 584 18.04 -12.40 -5.86
N PRO C 585 17.11 -11.78 -6.59
CA PRO C 585 16.18 -10.84 -5.95
C PRO C 585 15.55 -11.47 -4.71
N LYS C 586 15.15 -10.62 -3.76
CA LYS C 586 14.71 -11.08 -2.43
C LYS C 586 13.64 -12.16 -2.50
N GLU C 587 12.56 -11.90 -3.25
CA GLU C 587 11.45 -12.86 -3.28
C GLU C 587 11.87 -14.19 -3.88
N GLU C 588 12.66 -14.16 -4.95
CA GLU C 588 13.14 -15.41 -5.54
C GLU C 588 14.05 -16.18 -4.57
N HIS C 589 14.89 -15.45 -3.83
CA HIS C 589 15.74 -16.05 -2.82
C HIS C 589 14.94 -16.81 -1.78
N VAL C 590 13.87 -16.21 -1.25
CA VAL C 590 13.07 -16.91 -0.25
C VAL C 590 12.30 -18.06 -0.90
N ARG C 591 11.73 -17.83 -2.09
CA ARG C 591 10.91 -18.85 -2.73
C ARG C 591 11.72 -20.10 -3.09
N ARG C 592 12.94 -19.93 -3.61
CA ARG C 592 13.70 -21.09 -4.05
C ARG C 592 14.25 -21.92 -2.90
N GLY C 593 14.22 -21.40 -1.67
CA GLY C 593 14.54 -22.26 -0.54
C GLY C 593 13.62 -23.46 -0.41
N GLN C 594 12.44 -23.41 -1.04
CA GLN C 594 11.54 -24.56 -1.04
C GLN C 594 12.11 -25.76 -1.78
N LEU C 595 13.14 -25.56 -2.62
CA LEU C 595 13.66 -26.66 -3.43
C LEU C 595 14.69 -27.50 -2.68
N ALA C 596 15.22 -27.00 -1.57
CA ALA C 596 16.18 -27.75 -0.79
C ALA C 596 15.48 -28.73 0.14
N ASP C 597 16.22 -29.74 0.58
CA ASP C 597 15.71 -30.64 1.62
C ASP C 597 16.06 -30.15 3.02
N VAL C 598 17.27 -29.61 3.17
CA VAL C 598 17.86 -29.29 4.48
C VAL C 598 18.80 -28.11 4.29
N CYS C 599 18.77 -27.17 5.24
CA CYS C 599 19.74 -26.08 5.28
C CYS C 599 20.81 -26.42 6.31
N LEU C 600 22.07 -26.25 5.92
CA LEU C 600 23.21 -26.51 6.81
C LEU C 600 23.75 -25.15 7.28
N ASP C 601 23.43 -24.78 8.51
CA ASP C 601 23.78 -23.46 9.02
C ASP C 601 25.29 -23.36 9.28
N THR C 602 25.83 -22.15 9.08
CA THR C 602 27.25 -21.88 9.32
C THR C 602 27.49 -21.65 10.82
N PRO C 603 28.35 -22.46 11.46
CA PRO C 603 28.57 -22.29 12.90
C PRO C 603 29.33 -21.03 13.28
N LEU C 604 30.23 -20.55 12.42
CA LEU C 604 31.04 -19.38 12.77
C LEU C 604 30.16 -18.16 12.99
N CYS C 605 29.32 -17.84 12.02
CA CYS C 605 28.27 -16.83 12.17
C CYS C 605 27.07 -17.37 11.45
N ASN C 606 25.96 -17.56 12.19
CA ASN C 606 24.78 -18.22 11.63
C ASN C 606 24.12 -17.35 10.58
N GLY C 607 23.19 -17.96 9.84
CA GLY C 607 22.25 -17.16 9.09
C GLY C 607 21.39 -16.44 10.10
N HIS C 608 21.15 -15.14 9.90
CA HIS C 608 20.27 -14.38 10.77
C HIS C 608 18.99 -14.06 10.01
N THR C 609 18.99 -12.98 9.21
CA THR C 609 17.92 -12.82 8.23
C THR C 609 17.81 -14.07 7.38
N THR C 610 18.96 -14.67 7.03
CA THR C 610 18.98 -15.77 6.09
C THR C 610 18.35 -17.01 6.69
N GLY C 611 18.50 -17.16 8.00
CA GLY C 611 17.87 -18.26 8.70
C GLY C 611 16.37 -18.12 8.73
N MET C 612 15.87 -16.90 8.96
CA MET C 612 14.43 -16.65 8.84
C MET C 612 13.93 -16.92 7.43
N ASP C 613 14.71 -16.54 6.41
CA ASP C 613 14.34 -16.81 5.02
C ASP C 613 14.13 -18.30 4.78
N VAL C 614 15.08 -19.12 5.22
CA VAL C 614 15.04 -20.55 4.89
C VAL C 614 13.92 -21.24 5.65
N LEU C 615 13.64 -20.79 6.87
CA LEU C 615 12.58 -21.41 7.64
C LEU C 615 11.22 -21.05 7.08
N TRP C 616 11.06 -19.85 6.53
CA TRP C 616 9.77 -19.46 5.96
C TRP C 616 9.44 -20.35 4.77
N ALA C 617 10.44 -20.84 4.04
CA ALA C 617 10.23 -21.75 2.94
C ALA C 617 9.92 -23.17 3.40
N GLY C 618 9.98 -23.44 4.70
CA GLY C 618 9.72 -24.75 5.25
C GLY C 618 10.92 -25.67 5.30
N THR C 619 12.14 -25.13 5.19
CA THR C 619 13.34 -25.96 5.12
C THR C 619 13.89 -26.18 6.52
N PRO C 620 14.01 -27.41 6.98
CA PRO C 620 14.72 -27.65 8.24
C PRO C 620 16.16 -27.15 8.16
N MET C 621 16.63 -26.57 9.26
CA MET C 621 17.97 -25.99 9.33
C MET C 621 18.73 -26.66 10.46
N VAL C 622 19.90 -27.21 10.16
CA VAL C 622 20.76 -27.83 11.17
C VAL C 622 21.76 -26.78 11.64
N THR C 623 21.87 -26.60 12.95
CA THR C 623 22.76 -25.58 13.49
C THR C 623 23.58 -26.14 14.64
N MET C 624 24.78 -25.59 14.80
CA MET C 624 25.63 -25.88 15.96
C MET C 624 25.88 -24.57 16.68
N PRO C 625 25.13 -24.25 17.73
CA PRO C 625 25.32 -22.95 18.40
C PRO C 625 26.66 -22.88 19.12
N GLY C 626 27.30 -21.72 19.00
CA GLY C 626 28.59 -21.43 19.62
C GLY C 626 28.42 -20.66 20.91
N GLU C 627 29.28 -19.66 21.10
CA GLU C 627 29.22 -18.82 22.29
C GLU C 627 28.91 -17.37 22.00
N THR C 628 29.40 -16.83 20.89
CA THR C 628 29.04 -15.46 20.54
C THR C 628 27.57 -15.38 20.16
N LEU C 629 27.00 -14.19 20.31
CA LEU C 629 25.62 -13.96 19.90
C LEU C 629 25.39 -14.40 18.46
N ALA C 630 26.30 -14.00 17.55
CA ALA C 630 26.14 -14.28 16.13
C ALA C 630 26.18 -15.77 15.81
N SER C 631 26.78 -16.59 16.67
CA SER C 631 26.86 -18.03 16.46
C SER C 631 25.70 -18.78 17.12
N ARG C 632 24.73 -18.08 17.69
CA ARG C 632 23.65 -18.73 18.42
C ARG C 632 22.25 -18.32 17.96
N VAL C 633 22.14 -17.44 16.96
CA VAL C 633 20.84 -16.94 16.53
C VAL C 633 19.99 -18.05 15.92
N ALA C 634 20.60 -18.89 15.08
CA ALA C 634 19.84 -19.97 14.42
C ALA C 634 19.22 -20.92 15.44
N ALA C 635 19.98 -21.30 16.47
CA ALA C 635 19.43 -22.20 17.48
C ALA C 635 18.28 -21.54 18.23
N SER C 636 18.37 -20.21 18.43
CA SER C 636 17.28 -19.49 19.07
C SER C 636 16.03 -19.48 18.19
N GLN C 637 16.21 -19.24 16.88
CA GLN C 637 15.10 -19.36 15.95
C GLN C 637 14.48 -20.76 16.01
N LEU C 638 15.33 -21.79 16.03
CA LEU C 638 14.83 -23.16 16.00
C LEU C 638 14.17 -23.55 17.31
N THR C 639 14.63 -23.02 18.44
CA THR C 639 13.98 -23.32 19.70
C THR C 639 12.59 -22.69 19.77
N CYS C 640 12.47 -21.46 19.28
CA CYS C 640 11.16 -20.81 19.19
C CYS C 640 10.25 -21.56 18.23
N LEU C 641 10.81 -21.99 17.10
CA LEU C 641 10.03 -22.77 16.13
C LEU C 641 9.54 -24.09 16.72
N GLY C 642 10.27 -24.64 17.69
CA GLY C 642 9.92 -25.91 18.30
C GLY C 642 10.68 -27.11 17.76
N CYS C 643 11.86 -26.91 17.18
CA CYS C 643 12.64 -27.97 16.56
C CYS C 643 13.97 -28.12 17.29
N LEU C 644 13.92 -28.62 18.53
CA LEU C 644 15.13 -28.86 19.29
C LEU C 644 16.02 -29.95 18.68
N GLU C 645 15.45 -30.91 17.94
CA GLU C 645 16.22 -32.00 17.34
C GLU C 645 17.20 -31.53 16.25
N LEU C 646 17.08 -30.29 15.81
CA LEU C 646 17.97 -29.76 14.77
C LEU C 646 19.16 -28.99 15.33
N ILE C 647 19.28 -28.90 16.65
CA ILE C 647 20.33 -28.12 17.31
C ILE C 647 21.41 -29.08 17.79
N ALA C 648 22.64 -28.88 17.33
CA ALA C 648 23.73 -29.81 17.60
C ALA C 648 24.64 -29.28 18.70
N LYS C 649 25.06 -30.19 19.59
CA LYS C 649 25.95 -29.83 20.68
C LYS C 649 27.42 -29.85 20.30
N ASN C 650 27.78 -30.53 19.22
CA ASN C 650 29.17 -30.58 18.75
C ASN C 650 29.14 -30.93 17.26
N ARG C 651 30.33 -31.00 16.66
CA ARG C 651 30.43 -31.19 15.22
C ARG C 651 29.95 -32.58 14.79
N GLN C 652 30.28 -33.61 15.58
CA GLN C 652 29.84 -34.95 15.24
C GLN C 652 28.32 -35.05 15.24
N GLU C 653 27.66 -34.42 16.22
CA GLU C 653 26.20 -34.45 16.25
C GLU C 653 25.62 -33.67 15.08
N TYR C 654 26.26 -32.56 14.72
CA TYR C 654 25.85 -31.79 13.54
C TYR C 654 25.88 -32.66 12.30
N GLU C 655 26.97 -33.38 12.07
CA GLU C 655 27.04 -34.30 10.93
C GLU C 655 25.96 -35.37 11.03
N ASP C 656 25.83 -36.00 12.20
CA ASP C 656 24.89 -37.10 12.36
C ASP C 656 23.46 -36.66 12.10
N ILE C 657 23.09 -35.47 12.57
CA ILE C 657 21.74 -34.95 12.32
C ILE C 657 21.54 -34.76 10.83
N ALA C 658 22.47 -34.05 10.18
CA ALA C 658 22.36 -33.78 8.75
C ALA C 658 22.34 -35.06 7.93
N VAL C 659 23.14 -36.05 8.31
CA VAL C 659 23.12 -37.32 7.59
C VAL C 659 21.81 -38.05 7.81
N LYS C 660 21.30 -38.04 9.05
CA LYS C 660 20.01 -38.69 9.31
C LYS C 660 18.90 -38.06 8.48
N LEU C 661 18.92 -36.72 8.35
CA LEU C 661 17.91 -36.05 7.55
C LEU C 661 18.05 -36.43 6.07
N GLY C 662 19.27 -36.66 5.62
CA GLY C 662 19.45 -36.99 4.24
C GLY C 662 19.31 -38.46 3.91
N THR C 663 19.15 -39.34 4.89
CA THR C 663 19.09 -40.78 4.61
C THR C 663 17.85 -41.45 5.17
N ASP C 664 17.32 -40.93 6.27
CA ASP C 664 16.07 -41.44 6.85
C ASP C 664 14.94 -40.61 6.25
N LEU C 665 14.42 -41.07 5.11
CA LEU C 665 13.49 -40.25 4.34
C LEU C 665 12.16 -40.05 5.06
N GLU C 666 11.73 -41.02 5.88
CA GLU C 666 10.52 -40.81 6.66
C GLU C 666 10.74 -39.79 7.75
N TYR C 667 11.93 -39.81 8.37
CA TYR C 667 12.24 -38.78 9.35
C TYR C 667 12.31 -37.41 8.72
N LEU C 668 12.92 -37.31 7.53
CA LEU C 668 12.95 -36.05 6.80
C LEU C 668 11.54 -35.51 6.56
N LYS C 669 10.63 -36.37 6.11
CA LYS C 669 9.26 -35.94 5.88
C LYS C 669 8.63 -35.40 7.16
N LYS C 670 8.85 -36.10 8.28
CA LYS C 670 8.32 -35.64 9.56
C LYS C 670 8.85 -34.25 9.91
N VAL C 671 10.17 -34.06 9.84
CA VAL C 671 10.76 -32.79 10.23
C VAL C 671 10.34 -31.66 9.29
N ARG C 672 10.30 -31.92 7.97
CA ARG C 672 9.85 -30.89 7.03
C ARG C 672 8.39 -30.50 7.28
N GLY C 673 7.53 -31.48 7.58
CA GLY C 673 6.16 -31.15 7.97
C GLY C 673 6.12 -30.32 9.23
N LYS C 674 6.93 -30.68 10.22
CA LYS C 674 6.98 -29.93 11.47
C LYS C 674 7.35 -28.47 11.22
N VAL C 675 8.41 -28.23 10.45
CA VAL C 675 8.82 -26.86 10.12
C VAL C 675 7.71 -26.14 9.35
N TRP C 676 7.13 -26.82 8.36
CA TRP C 676 6.11 -26.20 7.53
C TRP C 676 4.92 -25.72 8.36
N LYS C 677 4.50 -26.52 9.34
CA LYS C 677 3.37 -26.15 10.18
C LYS C 677 3.76 -25.10 11.20
N GLN C 678 4.90 -25.29 11.87
CA GLN C 678 5.26 -24.47 13.02
CA GLN C 678 5.19 -24.45 13.02
C GLN C 678 5.68 -23.06 12.64
N ARG C 679 6.06 -22.81 11.37
CA ARG C 679 6.34 -21.43 11.01
C ARG C 679 5.08 -20.56 11.11
N ILE C 680 3.90 -21.20 11.12
CA ILE C 680 2.64 -20.50 11.31
C ILE C 680 2.17 -20.54 12.75
N SER C 681 2.24 -21.71 13.40
CA SER C 681 1.66 -21.87 14.73
C SER C 681 2.61 -21.50 15.87
N SER C 682 3.92 -21.43 15.64
CA SER C 682 4.85 -20.97 16.65
C SER C 682 4.90 -19.44 16.66
N PRO C 683 5.60 -18.84 17.64
CA PRO C 683 5.72 -17.38 17.66
C PRO C 683 6.73 -16.81 16.67
N LEU C 684 7.44 -17.63 15.89
CA LEU C 684 8.64 -17.15 15.20
C LEU C 684 8.34 -15.98 14.26
N PHE C 685 7.29 -16.08 13.46
CA PHE C 685 6.94 -15.06 12.47
C PHE C 685 5.72 -14.24 12.87
N ASN C 686 5.32 -14.30 14.15
CA ASN C 686 4.11 -13.63 14.64
C ASN C 686 4.51 -12.24 15.12
N THR C 687 4.42 -11.27 14.20
CA THR C 687 4.89 -9.92 14.51
C THR C 687 4.00 -9.24 15.53
N LYS C 688 2.69 -9.55 15.56
CA LYS C 688 1.84 -8.98 16.58
C LYS C 688 2.23 -9.49 17.97
N GLN C 689 2.44 -10.81 18.11
CA GLN C 689 2.88 -11.35 19.38
C GLN C 689 4.24 -10.77 19.77
N TYR C 690 5.16 -10.68 18.81
CA TYR C 690 6.47 -10.13 19.10
C TYR C 690 6.36 -8.70 19.64
N THR C 691 5.60 -7.85 18.96
CA THR C 691 5.46 -6.46 19.39
C THR C 691 4.90 -6.38 20.81
N MET C 692 3.89 -7.18 21.12
CA MET C 692 3.31 -7.13 22.45
C MET C 692 4.32 -7.58 23.51
N GLU C 693 5.12 -8.60 23.21
CA GLU C 693 6.15 -9.00 24.16
C GLU C 693 7.26 -7.95 24.25
N LEU C 694 7.59 -7.32 23.12
CA LEU C 694 8.49 -6.20 23.14
C LEU C 694 7.95 -5.08 24.04
N GLU C 695 6.65 -4.84 23.98
CA GLU C 695 6.04 -3.81 24.82
C GLU C 695 6.08 -4.19 26.30
N ARG C 696 5.86 -5.48 26.60
CA ARG C 696 5.98 -5.94 27.98
C ARG C 696 7.39 -5.71 28.50
N LEU C 697 8.39 -5.94 27.66
CA LEU C 697 9.78 -5.75 28.08
C LEU C 697 10.09 -4.27 28.29
N TYR C 698 9.60 -3.40 27.40
CA TYR C 698 9.78 -1.96 27.56
C TYR C 698 9.24 -1.47 28.89
N LEU C 699 8.02 -1.89 29.24
CA LEU C 699 7.42 -1.43 30.49
C LEU C 699 8.19 -1.94 31.71
N GLN C 700 8.78 -3.15 31.62
CA GLN C 700 9.63 -3.63 32.69
C GLN C 700 10.86 -2.73 32.84
N MET C 701 11.48 -2.35 31.72
CA MET C 701 12.59 -1.41 31.77
C MET C 701 12.16 -0.09 32.41
N TRP C 702 11.00 0.43 31.98
CA TRP C 702 10.57 1.74 32.46
C TRP C 702 10.25 1.71 33.95
N GLU C 703 9.40 0.77 34.38
CA GLU C 703 9.05 0.67 35.80
C GLU C 703 10.28 0.48 36.67
N HIS C 704 11.28 -0.22 36.15
CA HIS C 704 12.54 -0.36 36.88
C HIS C 704 13.25 0.98 37.00
N TYR C 705 13.30 1.74 35.92
CA TYR C 705 13.93 3.07 35.96
C TYR C 705 13.10 4.05 36.79
N ALA C 706 11.78 4.03 36.61
CA ALA C 706 10.92 4.97 37.32
C ALA C 706 10.99 4.77 38.82
N ALA C 707 11.25 3.54 39.27
CA ALA C 707 11.44 3.28 40.69
C ALA C 707 12.80 3.75 41.21
N GLY C 708 13.62 4.34 40.35
CA GLY C 708 14.89 4.88 40.77
C GLY C 708 16.06 3.93 40.70
N ASN C 709 15.94 2.84 39.96
CA ASN C 709 17.00 1.84 39.89
C ASN C 709 17.82 2.04 38.61
N LYS C 710 19.11 1.75 38.71
CA LYS C 710 19.95 1.65 37.54
C LYS C 710 19.65 0.33 36.82
N PRO C 711 20.04 0.22 35.54
CA PRO C 711 19.67 -0.98 34.77
C PRO C 711 20.20 -2.26 35.40
N ASP C 712 19.37 -3.30 35.34
CA ASP C 712 19.75 -4.63 35.79
C ASP C 712 19.21 -5.63 34.77
N HIS C 713 19.63 -6.89 34.93
CA HIS C 713 19.18 -7.93 34.00
C HIS C 713 17.67 -8.14 34.11
N MET C 714 17.01 -8.25 32.96
CA MET C 714 15.59 -8.59 32.87
C MET C 714 15.51 -9.99 32.24
N ILE C 715 15.62 -11.01 33.09
CA ILE C 715 15.81 -12.37 32.59
C ILE C 715 14.79 -13.34 33.16
N LYS C 716 13.65 -12.83 33.63
CA LYS C 716 12.61 -13.72 34.13
C LYS C 716 11.35 -13.63 33.28
N TYR D 1 21.91 -8.70 -6.26
CA TYR D 1 21.86 -9.69 -7.33
C TYR D 1 22.36 -9.09 -8.63
N PRO D 2 22.91 -9.92 -9.52
CA PRO D 2 23.43 -9.41 -10.79
C PRO D 2 22.32 -8.70 -11.59
N GLY D 3 22.58 -7.44 -11.91
CA GLY D 3 21.58 -6.60 -12.54
C GLY D 3 20.78 -5.73 -11.60
N GLY D 4 21.06 -5.82 -10.30
CA GLY D 4 20.36 -5.03 -9.30
C GLY D 4 21.22 -4.90 -8.06
N SER D 5 20.61 -4.92 -6.89
CA SER D 5 21.39 -4.82 -5.67
C SER D 5 20.75 -5.66 -4.58
N THR D 6 21.60 -6.27 -3.76
CA THR D 6 21.18 -7.03 -2.57
C THR D 6 21.87 -6.39 -1.37
N PRO D 7 21.17 -5.56 -0.62
CA PRO D 7 21.76 -4.98 0.60
C PRO D 7 21.94 -6.03 1.68
N VAL D 8 22.97 -5.82 2.50
CA VAL D 8 23.38 -6.78 3.52
C VAL D 8 23.78 -5.99 4.76
N SER D 9 23.97 -6.71 5.87
CA SER D 9 24.55 -6.11 7.07
C SER D 9 26.06 -5.98 6.88
N SER D 10 26.56 -4.74 6.95
CA SER D 10 27.96 -4.45 6.70
C SER D 10 28.47 -3.46 7.73
N ALA D 11 29.78 -3.50 7.94
CA ALA D 11 30.44 -2.71 8.95
C ALA D 11 30.47 -1.25 8.54
N ASN D 12 30.54 -0.37 9.54
CA ASN D 12 30.74 1.04 9.27
C ASN D 12 32.24 1.33 9.16
N MET D 13 32.54 2.47 8.55
CA MET D 13 33.94 2.84 8.32
C MET D 13 34.62 3.21 9.63
N MET D 14 35.93 3.00 9.67
CA MET D 14 36.74 3.41 10.83
C MET D 14 38.10 3.94 10.38
N1 UDP E . -20.88 6.25 2.80
C2 UDP E . -20.04 6.58 3.83
N3 UDP E . -20.52 6.81 5.10
C4 UDP E . -21.88 6.72 5.33
C5 UDP E . -22.74 6.41 4.28
C6 UDP E . -22.22 6.15 3.00
O2 UDP E . -18.83 6.66 3.64
O4 UDP E . -22.31 6.92 6.46
C1' UDP E . -20.29 6.07 1.45
C2' UDP E . -20.64 4.78 0.72
O2' UDP E . -19.78 3.70 1.05
C3' UDP E . -20.48 5.23 -0.73
C4' UDP E . -20.90 6.70 -0.70
O4' UDP E . -20.79 7.12 0.64
O3' UDP E . -19.12 5.17 -1.12
C5' UDP E . -22.33 6.90 -1.18
O5' UDP E . -22.37 7.45 -2.48
PA UDP E . -23.56 7.04 -3.50
O1A UDP E . -23.25 7.44 -4.88
O2A UDP E . -24.83 7.65 -3.02
O3A UDP E . -23.58 5.43 -3.34
PB UDP E . -24.25 4.39 -4.37
O1B UDP E . -25.25 5.02 -5.26
O2B UDP E . -23.21 3.76 -5.21
O3B UDP E . -24.92 3.36 -3.54
S SO4 F . -8.45 28.68 -20.68
O1 SO4 F . -7.91 29.83 -21.40
O2 SO4 F . -8.78 27.61 -21.61
O3 SO4 F . -7.48 28.19 -19.70
O4 SO4 F . -9.65 29.07 -19.95
C1 NAG G . -21.90 5.87 -7.50
C2 NAG G . -23.02 5.35 -8.46
C3 NAG G . -22.90 3.85 -8.69
C4 NAG G . -21.49 3.48 -9.14
C5 NAG G . -20.47 4.01 -8.11
C6 NAG G . -19.03 3.76 -8.52
C7 NAG G . -25.24 6.43 -8.64
C8 NAG G . -26.56 6.66 -7.96
N2 NAG G . -24.35 5.71 -7.95
O3 NAG G . -23.86 3.42 -9.64
O4 NAG G . -21.34 2.06 -9.23
O5 NAG G . -20.60 5.43 -7.96
O6 NAG G . -18.57 4.58 -9.59
O7 NAG G . -25.00 6.86 -9.76
S SO4 H . -18.02 18.65 -14.26
O1 SO4 H . -18.46 19.70 -15.16
O2 SO4 H . -17.55 17.52 -15.06
O3 SO4 H . -16.93 19.12 -13.40
O4 SO4 H . -19.13 18.25 -13.40
N1 UDP I . 19.48 -12.39 -0.08
C2 UDP I . 18.87 -12.16 -1.30
N3 UDP I . 19.09 -13.01 -2.36
C4 UDP I . 19.92 -14.11 -2.19
C5 UDP I . 20.55 -14.33 -0.97
C6 UDP I . 20.34 -13.44 0.09
O2 UDP I . 18.12 -11.19 -1.44
O4 UDP I . 20.11 -14.88 -3.13
C1' UDP I . 19.25 -11.43 1.01
C2' UDP I . 18.76 -12.00 2.33
O2' UDP I . 17.36 -12.16 2.42
C3' UDP I . 19.27 -10.96 3.30
C4' UDP I . 20.56 -10.45 2.67
O4' UDP I . 20.50 -10.82 1.31
O3' UDP I . 18.38 -9.86 3.35
C5' UDP I . 21.80 -11.06 3.30
O5' UDP I . 22.39 -10.14 4.19
PA UDP I . 23.20 -10.64 5.48
O1A UDP I . 24.42 -11.38 5.07
O2A UDP I . 23.54 -9.51 6.36
O3A UDP I . 22.10 -11.59 6.18
PB UDP I . 22.12 -12.12 7.71
O1B UDP I . 23.47 -11.95 8.30
O2B UDP I . 21.12 -11.37 8.50
O3B UDP I . 21.75 -13.56 7.66
C1 NAG J . 22.18 -8.17 9.10
C2 NAG J . 22.82 -8.71 10.42
C3 NAG J . 21.75 -9.33 11.33
C4 NAG J . 20.63 -8.34 11.57
C5 NAG J . 20.03 -7.89 10.23
C6 NAG J . 18.92 -6.87 10.37
C7 NAG J . 25.14 -9.54 10.49
C8 NAG J . 26.07 -10.67 10.12
N2 NAG J . 23.87 -9.68 10.12
O3 NAG J . 22.36 -9.73 12.55
O4 NAG J . 19.60 -8.90 12.40
O5 NAG J . 21.04 -7.30 9.41
O6 NAG J . 19.39 -5.58 10.75
O7 NAG J . 25.53 -8.56 11.13
S SO4 K . 29.61 4.71 7.37
O1 SO4 K . 30.74 5.58 7.67
O2 SO4 K . 28.91 5.16 6.17
O3 SO4 K . 30.11 3.37 7.12
O4 SO4 K . 28.71 4.72 8.51
#